data_2K5F
#
_entry.id   2K5F
#
_entity_poly.entity_id   1
_entity_poly.type   'polypeptide(L)'
_entity_poly.pdbx_seq_one_letter_code
;MKLSELKAGDRAEVTSVAAEPAVRRRLMDLGLVRGAKLKVLRFAPLGDPIEVNCNGMLLTMRRNEAEGITVHILAGDEGH
PHGWPGFRRRHRFGKRALEHHHHHH
;
_entity_poly.pdbx_strand_id   A
#
# COMPACT_ATOMS: atom_id res chain seq x y z
N MET A 1 -4.56 -7.52 5.79
CA MET A 1 -3.25 -7.08 6.29
C MET A 1 -2.99 -5.64 5.90
N LYS A 2 -2.53 -4.84 6.85
CA LYS A 2 -2.31 -3.42 6.61
C LYS A 2 -1.04 -3.17 5.84
N LEU A 3 -1.03 -2.07 5.11
CA LEU A 3 0.19 -1.56 4.50
C LEU A 3 1.18 -1.15 5.58
N SER A 4 0.61 -0.72 6.70
CA SER A 4 1.40 -0.33 7.87
C SER A 4 1.96 -1.56 8.60
N GLU A 5 1.45 -2.74 8.27
CA GLU A 5 1.90 -3.97 8.93
C GLU A 5 3.09 -4.58 8.19
N LEU A 6 3.55 -3.88 7.17
CA LEU A 6 4.70 -4.34 6.39
C LEU A 6 6.01 -4.01 7.11
N LYS A 7 7.11 -4.43 6.50
CA LYS A 7 8.42 -4.20 7.05
C LYS A 7 9.23 -3.29 6.13
N ALA A 8 10.29 -2.71 6.65
CA ALA A 8 11.17 -1.88 5.84
C ALA A 8 11.92 -2.75 4.84
N GLY A 9 11.49 -2.69 3.59
CA GLY A 9 12.06 -3.53 2.57
C GLY A 9 11.07 -4.58 2.09
N ASP A 10 9.86 -4.56 2.63
CA ASP A 10 8.85 -5.56 2.25
C ASP A 10 8.29 -5.25 0.86
N ARG A 11 7.63 -6.25 0.28
CA ARG A 11 7.08 -6.12 -1.07
C ARG A 11 5.62 -6.53 -1.05
N ALA A 12 4.74 -5.63 -1.44
CA ALA A 12 3.32 -5.92 -1.40
C ALA A 12 2.60 -5.35 -2.60
N GLU A 13 1.43 -5.90 -2.87
CA GLU A 13 0.56 -5.39 -3.90
C GLU A 13 -0.76 -4.95 -3.27
N VAL A 14 -1.16 -3.71 -3.55
CA VAL A 14 -2.37 -3.16 -2.96
C VAL A 14 -3.61 -3.91 -3.44
N THR A 15 -4.42 -4.37 -2.51
CA THR A 15 -5.65 -5.06 -2.84
C THR A 15 -6.86 -4.14 -2.65
N SER A 16 -6.81 -3.31 -1.63
CA SER A 16 -7.90 -2.37 -1.36
C SER A 16 -7.41 -1.23 -0.46
N VAL A 17 -7.99 -0.05 -0.66
CA VAL A 17 -7.61 1.13 0.12
C VAL A 17 -8.84 1.71 0.83
N ALA A 18 -8.83 1.69 2.14
CA ALA A 18 -9.89 2.28 2.93
C ALA A 18 -9.41 3.61 3.53
N ALA A 19 -9.78 4.69 2.88
CA ALA A 19 -9.29 6.02 3.26
C ALA A 19 -10.27 7.08 2.79
N GLU A 20 -9.91 8.34 2.99
CA GLU A 20 -10.68 9.45 2.48
C GLU A 20 -10.89 9.27 0.97
N PRO A 21 -12.07 9.63 0.46
CA PRO A 21 -12.38 9.51 -0.96
C PRO A 21 -11.41 10.32 -1.81
N ALA A 22 -11.02 11.48 -1.31
CA ALA A 22 -10.06 12.34 -1.99
C ALA A 22 -8.65 11.78 -1.89
N VAL A 23 -8.34 11.14 -0.76
CA VAL A 23 -7.02 10.60 -0.53
C VAL A 23 -6.80 9.36 -1.38
N ARG A 24 -7.79 8.48 -1.38
CA ARG A 24 -7.75 7.27 -2.19
C ARG A 24 -7.64 7.65 -3.66
N ARG A 25 -8.40 8.67 -4.06
CA ARG A 25 -8.34 9.19 -5.42
C ARG A 25 -6.93 9.70 -5.72
N ARG A 26 -6.39 10.52 -4.81
CA ARG A 26 -5.06 11.09 -4.98
C ARG A 26 -4.01 10.01 -5.15
N LEU A 27 -4.09 8.99 -4.30
CA LEU A 27 -3.15 7.88 -4.35
C LEU A 27 -3.29 7.10 -5.65
N MET A 28 -4.53 6.89 -6.07
CA MET A 28 -4.80 6.11 -7.27
C MET A 28 -4.46 6.91 -8.52
N ASP A 29 -4.61 8.22 -8.44
CA ASP A 29 -4.19 9.11 -9.53
C ASP A 29 -2.67 9.04 -9.70
N LEU A 30 -1.96 8.80 -8.60
CA LEU A 30 -0.53 8.63 -8.64
C LEU A 30 -0.20 7.28 -9.27
N GLY A 31 -0.89 6.25 -8.81
CA GLY A 31 -0.67 4.92 -9.33
C GLY A 31 -0.90 3.84 -8.29
N LEU A 32 -1.24 4.26 -7.07
CA LEU A 32 -1.51 3.33 -5.99
C LEU A 32 -2.94 2.84 -6.10
N VAL A 33 -3.15 1.83 -6.92
CA VAL A 33 -4.48 1.25 -7.11
C VAL A 33 -4.45 -0.24 -6.76
N ARG A 34 -5.56 -0.92 -6.98
CA ARG A 34 -5.58 -2.37 -6.83
C ARG A 34 -4.71 -3.01 -7.89
N GLY A 35 -3.64 -3.66 -7.46
CA GLY A 35 -2.68 -4.23 -8.39
C GLY A 35 -1.39 -3.44 -8.43
N ALA A 36 -1.33 -2.37 -7.67
CA ALA A 36 -0.12 -1.57 -7.56
C ALA A 36 0.90 -2.28 -6.70
N LYS A 37 2.11 -2.45 -7.23
CA LYS A 37 3.19 -3.09 -6.51
C LYS A 37 4.09 -2.05 -5.88
N LEU A 38 4.34 -2.18 -4.59
CA LEU A 38 5.14 -1.19 -3.88
C LEU A 38 6.09 -1.84 -2.90
N LYS A 39 7.23 -1.20 -2.70
CA LYS A 39 8.19 -1.63 -1.71
C LYS A 39 8.22 -0.59 -0.58
N VAL A 40 8.04 -1.05 0.64
CA VAL A 40 8.15 -0.17 1.80
C VAL A 40 9.61 0.21 2.00
N LEU A 41 9.94 1.43 1.64
CA LEU A 41 11.32 1.89 1.70
C LEU A 41 11.74 2.09 3.15
N ARG A 42 11.05 2.99 3.83
CA ARG A 42 11.38 3.30 5.21
C ARG A 42 10.20 3.96 5.90
N PHE A 43 10.16 3.78 7.21
CA PHE A 43 9.31 4.59 8.04
C PHE A 43 10.15 5.76 8.52
N ALA A 44 9.52 6.88 8.85
CA ALA A 44 10.24 8.01 9.39
C ALA A 44 10.98 7.60 10.66
N PRO A 45 12.06 8.31 11.01
CA PRO A 45 12.90 8.00 12.20
C PRO A 45 12.14 8.03 13.54
N LEU A 46 10.82 8.15 13.47
CA LEU A 46 9.99 8.21 14.66
C LEU A 46 8.82 7.24 14.54
N GLY A 47 8.26 7.11 13.34
CA GLY A 47 7.18 6.16 13.13
C GLY A 47 6.26 6.56 11.99
N ASP A 48 6.23 7.85 11.70
CA ASP A 48 5.35 8.42 10.69
C ASP A 48 5.99 9.67 10.11
N PRO A 49 5.85 9.91 8.79
CA PRO A 49 5.06 9.06 7.89
C PRO A 49 5.86 7.88 7.34
N ILE A 50 5.31 7.23 6.33
CA ILE A 50 5.94 6.07 5.70
C ILE A 50 6.26 6.38 4.24
N GLU A 51 7.45 6.00 3.80
CA GLU A 51 7.85 6.17 2.42
C GLU A 51 7.77 4.84 1.68
N VAL A 52 6.93 4.77 0.67
CA VAL A 52 6.79 3.55 -0.11
C VAL A 52 7.06 3.80 -1.59
N ASN A 53 7.80 2.90 -2.21
CA ASN A 53 8.08 3.01 -3.63
C ASN A 53 7.05 2.20 -4.41
N CYS A 54 6.07 2.90 -4.96
CA CYS A 54 4.96 2.24 -5.62
C CYS A 54 5.03 2.42 -7.13
N ASN A 55 5.19 1.29 -7.83
CA ASN A 55 5.26 1.28 -9.29
C ASN A 55 6.33 2.24 -9.80
N GLY A 56 7.43 2.33 -9.07
CA GLY A 56 8.54 3.17 -9.48
C GLY A 56 8.50 4.56 -8.86
N MET A 57 7.32 4.96 -8.40
CA MET A 57 7.14 6.29 -7.83
C MET A 57 7.23 6.24 -6.32
N LEU A 58 8.02 7.14 -5.74
CA LEU A 58 8.14 7.21 -4.30
C LEU A 58 6.99 8.00 -3.71
N LEU A 59 6.06 7.28 -3.08
CA LEU A 59 4.86 7.90 -2.55
C LEU A 59 4.98 8.02 -1.04
N THR A 60 4.78 9.23 -0.54
CA THR A 60 4.86 9.48 0.89
C THR A 60 3.47 9.73 1.46
N MET A 61 3.08 8.89 2.41
CA MET A 61 1.77 9.00 3.03
C MET A 61 1.86 8.74 4.53
N ARG A 62 0.78 8.98 5.24
CA ARG A 62 0.79 8.91 6.70
C ARG A 62 0.51 7.48 7.14
N ARG A 63 1.04 7.12 8.30
CA ARG A 63 0.91 5.77 8.82
C ARG A 63 -0.55 5.37 9.00
N ASN A 64 -1.37 6.32 9.44
CA ASN A 64 -2.79 6.06 9.63
C ASN A 64 -3.47 5.76 8.30
N GLU A 65 -2.93 6.32 7.22
CA GLU A 65 -3.45 6.05 5.88
C GLU A 65 -3.09 4.63 5.47
N ALA A 66 -1.88 4.21 5.85
CA ALA A 66 -1.39 2.87 5.57
C ALA A 66 -2.20 1.81 6.32
N GLU A 67 -2.73 2.18 7.47
CA GLU A 67 -3.60 1.29 8.23
C GLU A 67 -4.89 1.00 7.47
N GLY A 68 -5.42 2.01 6.82
CA GLY A 68 -6.61 1.85 5.99
C GLY A 68 -6.36 1.00 4.76
N ILE A 69 -5.10 0.85 4.39
CA ILE A 69 -4.75 0.13 3.17
C ILE A 69 -4.48 -1.35 3.45
N THR A 70 -5.14 -2.20 2.69
CA THR A 70 -4.93 -3.63 2.78
C THR A 70 -4.02 -4.08 1.63
N VAL A 71 -2.97 -4.84 1.96
CA VAL A 71 -2.02 -5.27 0.95
C VAL A 71 -1.89 -6.79 0.92
N HIS A 72 -1.39 -7.29 -0.20
CA HIS A 72 -1.06 -8.70 -0.34
C HIS A 72 0.44 -8.85 -0.51
N ILE A 73 1.03 -9.75 0.26
CA ILE A 73 2.48 -9.95 0.26
C ILE A 73 2.94 -10.61 -1.04
N LEU A 74 3.90 -9.98 -1.70
CA LEU A 74 4.43 -10.50 -2.96
C LEU A 74 5.55 -11.51 -2.71
N ALA A 75 5.31 -12.36 -1.75
CA ALA A 75 6.27 -13.39 -1.36
C ALA A 75 5.53 -14.60 -0.81
N GLY A 76 5.41 -15.62 -1.63
CA GLY A 76 4.71 -16.83 -1.23
C GLY A 76 5.60 -17.76 -0.43
N ASP A 77 5.92 -17.37 0.79
CA ASP A 77 6.73 -18.19 1.67
C ASP A 77 5.84 -19.08 2.52
N GLU A 78 6.46 -19.95 3.30
CA GLU A 78 5.71 -20.75 4.26
C GLU A 78 5.81 -20.13 5.64
N GLY A 79 5.46 -20.89 6.67
CA GLY A 79 5.39 -20.34 8.00
C GLY A 79 4.00 -19.83 8.29
N HIS A 80 3.03 -20.68 7.95
CA HIS A 80 1.61 -20.35 8.03
C HIS A 80 1.26 -19.28 7.00
N PRO A 81 1.19 -19.68 5.72
CA PRO A 81 0.97 -18.75 4.60
C PRO A 81 -0.50 -18.44 4.34
N HIS A 82 -1.39 -19.15 5.01
CA HIS A 82 -2.83 -18.93 4.84
C HIS A 82 -3.43 -18.34 6.10
N GLY A 83 -4.19 -17.27 5.95
CA GLY A 83 -4.80 -16.62 7.10
C GLY A 83 -6.31 -16.75 7.09
N TRP A 84 -6.99 -15.62 6.93
CA TRP A 84 -8.44 -15.60 6.93
C TRP A 84 -9.01 -16.05 5.59
N PRO A 85 -10.17 -16.71 5.63
CA PRO A 85 -10.85 -17.20 4.43
C PRO A 85 -11.51 -16.07 3.64
N GLY A 86 -10.75 -15.46 2.76
CA GLY A 86 -11.29 -14.41 1.90
C GLY A 86 -10.49 -14.27 0.62
N PHE A 87 -9.82 -15.35 0.23
CA PHE A 87 -8.99 -15.34 -0.96
C PHE A 87 -9.56 -16.29 -2.02
N ARG A 88 -10.22 -17.35 -1.58
CA ARG A 88 -10.84 -18.30 -2.49
C ARG A 88 -12.34 -18.07 -2.53
N ARG A 89 -12.88 -17.66 -1.40
CA ARG A 89 -14.30 -17.35 -1.28
C ARG A 89 -14.47 -16.06 -0.47
N ARG A 90 -15.02 -15.05 -1.12
CA ARG A 90 -15.22 -13.76 -0.47
C ARG A 90 -16.63 -13.25 -0.76
N HIS A 91 -17.49 -13.28 0.24
CA HIS A 91 -18.86 -12.85 0.07
C HIS A 91 -19.35 -12.06 1.28
N ARG A 92 -19.69 -10.80 1.04
CA ARG A 92 -20.30 -9.96 2.05
C ARG A 92 -21.17 -8.90 1.37
N PHE A 93 -22.37 -8.69 1.91
CA PHE A 93 -23.26 -7.66 1.42
C PHE A 93 -22.62 -6.28 1.60
N GLY A 94 -22.36 -5.61 0.49
CA GLY A 94 -21.74 -4.31 0.53
C GLY A 94 -21.62 -3.73 -0.86
N LYS A 95 -20.77 -2.71 -1.02
CA LYS A 95 -20.54 -2.06 -2.31
C LYS A 95 -21.76 -1.24 -2.75
N ARG A 96 -21.54 -0.26 -3.62
CA ARG A 96 -22.63 0.45 -4.25
C ARG A 96 -23.34 -0.50 -5.21
N ALA A 97 -24.41 -1.12 -4.73
CA ALA A 97 -25.11 -2.16 -5.47
C ALA A 97 -25.58 -1.67 -6.84
N LEU A 98 -26.14 -0.46 -6.88
CA LEU A 98 -26.60 0.12 -8.13
C LEU A 98 -25.42 0.63 -8.95
N GLU A 99 -24.76 -0.29 -9.64
CA GLU A 99 -23.57 0.03 -10.41
C GLU A 99 -23.95 0.65 -11.75
N HIS A 100 -24.30 1.92 -11.72
CA HIS A 100 -24.65 2.67 -12.92
C HIS A 100 -24.97 4.12 -12.57
N HIS A 101 -25.74 4.31 -11.50
CA HIS A 101 -26.19 5.64 -11.12
C HIS A 101 -25.23 6.31 -10.17
N HIS A 102 -24.38 7.17 -10.74
CA HIS A 102 -23.42 7.93 -9.96
C HIS A 102 -23.72 9.42 -10.11
N HIS A 103 -24.29 9.78 -11.25
CA HIS A 103 -24.57 11.18 -11.57
C HIS A 103 -26.04 11.51 -11.33
N HIS A 104 -26.82 10.48 -11.03
CA HIS A 104 -28.26 10.64 -10.88
C HIS A 104 -28.69 10.43 -9.44
N HIS A 105 -29.45 11.40 -8.93
CA HIS A 105 -30.09 11.29 -7.63
C HIS A 105 -29.06 11.15 -6.51
N MET A 1 -3.80 -8.04 5.29
CA MET A 1 -2.63 -7.41 5.95
C MET A 1 -2.61 -5.92 5.65
N LYS A 2 -2.16 -5.12 6.61
CA LYS A 2 -2.09 -3.67 6.46
C LYS A 2 -0.81 -3.25 5.73
N LEU A 3 -0.92 -2.19 4.96
CA LEU A 3 0.24 -1.56 4.35
C LEU A 3 1.13 -0.97 5.46
N SER A 4 0.48 -0.58 6.55
CA SER A 4 1.18 -0.08 7.72
C SER A 4 1.84 -1.22 8.51
N GLU A 5 1.49 -2.47 8.16
CA GLU A 5 2.04 -3.62 8.87
C GLU A 5 3.28 -4.15 8.15
N LEU A 6 3.62 -3.51 7.04
CA LEU A 6 4.80 -3.90 6.27
C LEU A 6 6.08 -3.40 6.93
N LYS A 7 7.20 -4.01 6.58
CA LYS A 7 8.49 -3.62 7.12
C LYS A 7 9.33 -2.98 6.03
N ALA A 8 10.45 -2.38 6.42
CA ALA A 8 11.33 -1.70 5.47
C ALA A 8 12.04 -2.71 4.59
N GLY A 9 11.65 -2.76 3.33
CA GLY A 9 12.21 -3.72 2.41
C GLY A 9 11.19 -4.72 1.93
N ASP A 10 10.03 -4.75 2.58
CA ASP A 10 8.96 -5.67 2.21
C ASP A 10 8.24 -5.19 0.96
N ARG A 11 7.96 -6.13 0.06
CA ARG A 11 7.32 -5.82 -1.20
C ARG A 11 5.94 -6.47 -1.25
N ALA A 12 4.92 -5.65 -1.46
CA ALA A 12 3.54 -6.13 -1.42
C ALA A 12 2.70 -5.45 -2.50
N GLU A 13 1.60 -6.07 -2.87
CA GLU A 13 0.67 -5.47 -3.81
C GLU A 13 -0.60 -5.03 -3.09
N VAL A 14 -1.16 -3.92 -3.53
CA VAL A 14 -2.37 -3.38 -2.93
C VAL A 14 -3.59 -4.18 -3.38
N THR A 15 -4.25 -4.81 -2.42
CA THR A 15 -5.44 -5.58 -2.72
C THR A 15 -6.70 -4.76 -2.44
N SER A 16 -6.59 -3.80 -1.53
CA SER A 16 -7.71 -2.95 -1.16
C SER A 16 -7.23 -1.66 -0.52
N VAL A 17 -8.07 -0.63 -0.55
CA VAL A 17 -7.73 0.66 0.03
C VAL A 17 -8.97 1.28 0.66
N ALA A 18 -8.83 1.79 1.88
CA ALA A 18 -9.94 2.40 2.59
C ALA A 18 -9.54 3.73 3.19
N ALA A 19 -10.09 4.80 2.63
CA ALA A 19 -9.78 6.16 3.08
C ALA A 19 -10.81 7.13 2.52
N GLU A 20 -10.72 8.38 2.96
CA GLU A 20 -11.56 9.45 2.44
C GLU A 20 -11.37 9.59 0.93
N PRO A 21 -12.44 9.96 0.19
CA PRO A 21 -12.41 10.06 -1.27
C PRO A 21 -11.27 10.93 -1.80
N ALA A 22 -11.01 12.05 -1.12
CA ALA A 22 -9.95 12.97 -1.54
C ALA A 22 -8.58 12.32 -1.39
N VAL A 23 -8.39 11.65 -0.27
CA VAL A 23 -7.13 10.97 0.01
C VAL A 23 -6.96 9.78 -0.92
N ARG A 24 -8.05 9.05 -1.12
CA ARG A 24 -8.05 7.90 -2.02
C ARG A 24 -7.72 8.32 -3.45
N ARG A 25 -8.37 9.39 -3.91
CA ARG A 25 -8.14 9.92 -5.24
C ARG A 25 -6.67 10.29 -5.44
N ARG A 26 -6.09 10.88 -4.41
CA ARG A 26 -4.68 11.22 -4.43
C ARG A 26 -3.82 9.97 -4.56
N LEU A 27 -4.14 8.95 -3.78
CA LEU A 27 -3.41 7.68 -3.83
C LEU A 27 -3.55 7.04 -5.20
N MET A 28 -4.77 7.07 -5.74
CA MET A 28 -5.04 6.51 -7.07
C MET A 28 -4.22 7.21 -8.14
N ASP A 29 -4.08 8.53 -8.00
CA ASP A 29 -3.29 9.31 -8.96
C ASP A 29 -1.81 9.00 -8.82
N LEU A 30 -1.40 8.64 -7.61
CA LEU A 30 -0.02 8.28 -7.32
C LEU A 30 0.27 6.85 -7.78
N GLY A 31 -0.74 6.20 -8.34
CA GLY A 31 -0.57 4.87 -8.87
C GLY A 31 -0.86 3.79 -7.86
N LEU A 32 -1.55 4.15 -6.78
CA LEU A 32 -1.88 3.21 -5.73
C LEU A 32 -3.31 2.71 -5.92
N VAL A 33 -3.44 1.59 -6.61
CA VAL A 33 -4.74 0.97 -6.86
C VAL A 33 -4.65 -0.54 -6.61
N ARG A 34 -5.75 -1.24 -6.76
CA ARG A 34 -5.74 -2.69 -6.61
C ARG A 34 -4.90 -3.32 -7.71
N GLY A 35 -3.88 -4.07 -7.32
CA GLY A 35 -2.99 -4.67 -8.29
C GLY A 35 -1.66 -3.96 -8.34
N ALA A 36 -1.62 -2.74 -7.83
CA ALA A 36 -0.40 -1.96 -7.80
C ALA A 36 0.57 -2.55 -6.79
N LYS A 37 1.81 -2.71 -7.20
CA LYS A 37 2.80 -3.36 -6.37
C LYS A 37 3.84 -2.37 -5.86
N LEU A 38 4.08 -2.41 -4.56
CA LEU A 38 4.93 -1.44 -3.91
C LEU A 38 5.94 -2.11 -2.99
N LYS A 39 6.97 -1.36 -2.61
CA LYS A 39 7.92 -1.81 -1.62
C LYS A 39 8.21 -0.69 -0.64
N VAL A 40 8.22 -1.01 0.65
CA VAL A 40 8.50 -0.03 1.68
C VAL A 40 9.97 0.33 1.68
N LEU A 41 10.26 1.62 1.60
CA LEU A 41 11.63 2.10 1.54
C LEU A 41 12.16 2.40 2.94
N ARG A 42 11.44 3.23 3.68
CA ARG A 42 11.88 3.62 5.01
C ARG A 42 10.71 4.11 5.86
N PHE A 43 10.96 4.24 7.15
CA PHE A 43 9.99 4.80 8.09
C PHE A 43 10.61 5.98 8.82
N ALA A 44 9.79 6.94 9.19
CA ALA A 44 10.24 8.05 10.02
C ALA A 44 10.39 7.57 11.46
N PRO A 45 11.07 8.36 12.33
CA PRO A 45 11.34 7.98 13.73
C PRO A 45 10.07 7.80 14.58
N LEU A 46 8.91 7.89 13.96
CA LEU A 46 7.65 7.75 14.67
C LEU A 46 6.73 6.78 13.95
N GLY A 47 7.28 6.06 12.98
CA GLY A 47 6.48 5.16 12.15
C GLY A 47 5.60 5.92 11.20
N ASP A 48 5.84 7.22 11.12
CA ASP A 48 5.03 8.13 10.32
C ASP A 48 5.83 9.42 10.10
N PRO A 49 5.96 9.87 8.84
CA PRO A 49 5.37 9.21 7.68
C PRO A 49 6.16 7.97 7.22
N ILE A 50 5.66 7.36 6.15
CA ILE A 50 6.27 6.19 5.55
C ILE A 50 6.59 6.48 4.09
N GLU A 51 7.76 6.06 3.63
CA GLU A 51 8.14 6.26 2.24
C GLU A 51 8.19 4.94 1.51
N VAL A 52 7.44 4.83 0.41
CA VAL A 52 7.34 3.59 -0.33
C VAL A 52 7.50 3.82 -1.83
N ASN A 53 7.89 2.77 -2.53
CA ASN A 53 7.96 2.79 -3.98
C ASN A 53 6.79 1.99 -4.53
N CYS A 54 5.75 2.67 -4.97
CA CYS A 54 4.52 2.02 -5.41
C CYS A 54 4.34 2.18 -6.90
N ASN A 55 4.39 1.05 -7.62
CA ASN A 55 4.12 1.03 -9.07
C ASN A 55 5.17 1.83 -9.83
N GLY A 56 6.31 2.06 -9.21
CA GLY A 56 7.35 2.86 -9.82
C GLY A 56 7.29 4.31 -9.35
N MET A 57 6.33 4.60 -8.49
CA MET A 57 6.17 5.93 -7.92
C MET A 57 6.82 5.98 -6.55
N LEU A 58 7.69 6.94 -6.34
CA LEU A 58 8.26 7.17 -5.03
C LEU A 58 7.47 8.23 -4.31
N LEU A 59 6.66 7.81 -3.35
CA LEU A 59 5.75 8.72 -2.67
C LEU A 59 5.86 8.58 -1.15
N THR A 60 5.80 9.71 -0.48
CA THR A 60 5.76 9.74 0.97
C THR A 60 4.31 9.81 1.44
N MET A 61 3.93 8.88 2.29
CA MET A 61 2.56 8.81 2.77
C MET A 61 2.55 8.65 4.28
N ARG A 62 1.42 8.95 4.90
CA ARG A 62 1.32 8.88 6.35
C ARG A 62 0.94 7.48 6.80
N ARG A 63 1.27 7.15 8.03
CA ARG A 63 1.00 5.82 8.57
C ARG A 63 -0.51 5.55 8.58
N ASN A 64 -1.28 6.53 9.01
CA ASN A 64 -2.74 6.38 9.10
C ASN A 64 -3.33 6.09 7.73
N GLU A 65 -2.69 6.58 6.67
CA GLU A 65 -3.13 6.33 5.31
C GLU A 65 -2.88 4.88 4.94
N ALA A 66 -1.74 4.37 5.38
CA ALA A 66 -1.34 2.99 5.10
C ALA A 66 -2.15 1.99 5.92
N GLU A 67 -2.66 2.43 7.07
CA GLU A 67 -3.49 1.59 7.92
C GLU A 67 -4.75 1.15 7.18
N GLY A 68 -5.40 2.10 6.52
CA GLY A 68 -6.60 1.81 5.76
C GLY A 68 -6.34 0.93 4.55
N ILE A 69 -5.08 0.83 4.14
CA ILE A 69 -4.73 0.11 2.93
C ILE A 69 -4.41 -1.35 3.23
N THR A 70 -4.97 -2.24 2.43
CA THR A 70 -4.77 -3.66 2.58
C THR A 70 -3.87 -4.18 1.48
N VAL A 71 -2.79 -4.85 1.86
CA VAL A 71 -1.80 -5.33 0.90
C VAL A 71 -1.52 -6.80 1.07
N HIS A 72 -0.95 -7.40 0.04
CA HIS A 72 -0.52 -8.78 0.07
C HIS A 72 0.95 -8.87 -0.31
N ILE A 73 1.76 -9.38 0.60
CA ILE A 73 3.20 -9.48 0.37
C ILE A 73 3.51 -10.41 -0.80
N LEU A 74 4.36 -9.96 -1.69
CA LEU A 74 4.72 -10.73 -2.87
C LEU A 74 5.91 -11.62 -2.58
N ALA A 75 5.78 -12.38 -1.51
CA ALA A 75 6.84 -13.27 -1.07
C ALA A 75 6.79 -14.57 -1.87
N GLY A 76 5.58 -15.08 -2.03
CA GLY A 76 5.36 -16.25 -2.85
C GLY A 76 4.44 -15.93 -3.99
N ASP A 77 3.19 -16.37 -3.87
CA ASP A 77 2.18 -16.09 -4.88
C ASP A 77 0.80 -16.03 -4.25
N GLU A 78 0.34 -17.17 -3.74
CA GLU A 78 -0.98 -17.31 -3.13
C GLU A 78 -2.09 -17.11 -4.16
N GLY A 79 -2.64 -18.21 -4.64
CA GLY A 79 -3.72 -18.15 -5.61
C GLY A 79 -5.05 -17.89 -4.94
N HIS A 80 -5.30 -16.63 -4.61
CA HIS A 80 -6.55 -16.23 -3.98
C HIS A 80 -7.41 -15.47 -4.98
N PRO A 81 -8.24 -16.18 -5.75
CA PRO A 81 -9.05 -15.58 -6.83
C PRO A 81 -9.84 -14.35 -6.38
N HIS A 82 -9.50 -13.21 -6.98
CA HIS A 82 -10.21 -11.97 -6.73
C HIS A 82 -10.33 -11.19 -8.03
N GLY A 83 -10.97 -10.03 -7.97
CA GLY A 83 -11.18 -9.25 -9.17
C GLY A 83 -12.36 -9.76 -9.95
N TRP A 84 -13.49 -9.83 -9.29
CA TRP A 84 -14.73 -10.29 -9.90
C TRP A 84 -15.17 -9.29 -10.97
N PRO A 85 -15.77 -9.77 -12.08
CA PRO A 85 -16.37 -8.90 -13.10
C PRO A 85 -17.38 -7.92 -12.51
N GLY A 86 -16.85 -6.79 -12.07
CA GLY A 86 -17.66 -5.76 -11.47
C GLY A 86 -16.90 -4.46 -11.41
N PHE A 87 -17.51 -3.43 -10.83
CA PHE A 87 -16.92 -2.10 -10.81
C PHE A 87 -16.72 -1.62 -12.24
N ARG A 88 -17.84 -1.34 -12.90
CA ARG A 88 -17.84 -0.96 -14.29
C ARG A 88 -18.84 0.17 -14.52
N ARG A 89 -18.42 1.21 -15.22
CA ARG A 89 -19.29 2.32 -15.54
C ARG A 89 -18.80 3.07 -16.77
N ARG A 90 -19.34 2.71 -17.92
CA ARG A 90 -19.08 3.43 -19.15
C ARG A 90 -20.22 3.15 -20.13
N HIS A 91 -21.40 2.91 -19.58
CA HIS A 91 -22.57 2.57 -20.38
C HIS A 91 -22.99 3.76 -21.23
N ARG A 92 -22.76 3.67 -22.53
CA ARG A 92 -23.05 4.77 -23.44
C ARG A 92 -24.54 4.83 -23.74
N PHE A 93 -25.02 6.02 -24.07
CA PHE A 93 -26.42 6.19 -24.42
C PHE A 93 -26.51 6.73 -25.86
N GLY A 94 -27.57 6.35 -26.56
CA GLY A 94 -27.68 6.70 -27.97
C GLY A 94 -28.52 7.93 -28.21
N LYS A 95 -28.18 8.67 -29.26
CA LYS A 95 -28.94 9.84 -29.69
C LYS A 95 -29.26 9.73 -31.17
N ARG A 96 -30.53 9.58 -31.49
CA ARG A 96 -30.95 9.48 -32.88
C ARG A 96 -32.38 9.98 -33.04
N ALA A 97 -32.51 11.21 -33.53
CA ALA A 97 -33.81 11.80 -33.79
C ALA A 97 -34.42 11.17 -35.04
N LEU A 98 -35.75 11.12 -35.08
CA LEU A 98 -36.45 10.57 -36.22
C LEU A 98 -36.54 11.60 -37.33
N GLU A 99 -35.58 11.55 -38.25
CA GLU A 99 -35.55 12.48 -39.35
C GLU A 99 -36.19 11.88 -40.60
N HIS A 100 -37.23 12.53 -41.10
CA HIS A 100 -37.90 12.10 -42.30
C HIS A 100 -37.57 13.03 -43.46
N HIS A 101 -38.29 12.87 -44.57
CA HIS A 101 -38.03 13.67 -45.76
C HIS A 101 -38.58 15.08 -45.60
N HIS A 102 -39.83 15.18 -45.20
CA HIS A 102 -40.47 16.47 -44.99
C HIS A 102 -40.72 16.70 -43.51
N HIS A 103 -40.35 17.87 -43.03
CA HIS A 103 -40.61 18.23 -41.63
C HIS A 103 -41.99 18.84 -41.51
N HIS A 104 -42.44 19.42 -42.61
CA HIS A 104 -43.79 19.95 -42.72
C HIS A 104 -44.50 19.27 -43.86
N HIS A 105 -45.80 18.98 -43.67
CA HIS A 105 -46.61 18.28 -44.67
C HIS A 105 -46.19 16.81 -44.76
N MET A 1 -3.25 -8.01 5.42
CA MET A 1 -2.35 -7.22 6.31
C MET A 1 -2.30 -5.78 5.83
N LYS A 2 -2.08 -4.85 6.75
CA LYS A 2 -2.08 -3.43 6.40
C LYS A 2 -0.75 -2.99 5.82
N LEU A 3 -0.80 -1.92 5.05
CA LEU A 3 0.39 -1.26 4.55
C LEU A 3 1.18 -0.67 5.73
N SER A 4 0.46 -0.30 6.77
CA SER A 4 1.05 0.19 8.00
C SER A 4 1.73 -0.93 8.77
N GLU A 5 1.34 -2.15 8.47
CA GLU A 5 1.86 -3.32 9.18
C GLU A 5 3.03 -3.91 8.43
N LEU A 6 3.47 -3.23 7.39
CA LEU A 6 4.62 -3.70 6.60
C LEU A 6 5.94 -3.30 7.24
N LYS A 7 7.04 -3.67 6.59
CA LYS A 7 8.36 -3.40 7.10
C LYS A 7 9.20 -2.67 6.06
N ALA A 8 10.36 -2.18 6.47
CA ALA A 8 11.28 -1.54 5.56
C ALA A 8 11.94 -2.59 4.69
N GLY A 9 11.58 -2.62 3.42
CA GLY A 9 12.08 -3.64 2.53
C GLY A 9 11.00 -4.65 2.18
N ASP A 10 9.77 -4.39 2.64
CA ASP A 10 8.66 -5.28 2.36
C ASP A 10 8.00 -4.91 1.04
N ARG A 11 8.01 -5.85 0.12
CA ARG A 11 7.43 -5.66 -1.20
C ARG A 11 6.06 -6.33 -1.25
N ALA A 12 5.03 -5.54 -1.51
CA ALA A 12 3.66 -6.04 -1.44
C ALA A 12 2.85 -5.58 -2.64
N GLU A 13 1.64 -6.10 -2.74
CA GLU A 13 0.70 -5.66 -3.76
C GLU A 13 -0.59 -5.19 -3.09
N VAL A 14 -1.06 -4.02 -3.48
CA VAL A 14 -2.28 -3.46 -2.90
C VAL A 14 -3.51 -4.24 -3.36
N THR A 15 -4.29 -4.71 -2.39
CA THR A 15 -5.50 -5.42 -2.68
C THR A 15 -6.68 -4.44 -2.77
N SER A 16 -6.82 -3.62 -1.74
CA SER A 16 -7.90 -2.64 -1.67
C SER A 16 -7.49 -1.47 -0.78
N VAL A 17 -7.78 -0.25 -1.23
CA VAL A 17 -7.39 0.93 -0.51
C VAL A 17 -8.57 1.52 0.26
N ALA A 18 -8.55 1.39 1.58
CA ALA A 18 -9.56 2.01 2.41
C ALA A 18 -9.02 3.33 2.95
N ALA A 19 -9.53 4.42 2.42
CA ALA A 19 -9.00 5.73 2.74
C ALA A 19 -10.07 6.79 2.53
N GLU A 20 -9.73 8.02 2.90
CA GLU A 20 -10.63 9.14 2.66
C GLU A 20 -10.80 9.31 1.16
N PRO A 21 -12.01 9.67 0.70
CA PRO A 21 -12.32 9.81 -0.73
C PRO A 21 -11.25 10.56 -1.52
N ALA A 22 -10.84 11.72 -1.00
CA ALA A 22 -9.84 12.54 -1.67
C ALA A 22 -8.47 11.91 -1.58
N VAL A 23 -8.17 11.31 -0.43
CA VAL A 23 -6.87 10.71 -0.20
C VAL A 23 -6.67 9.53 -1.14
N ARG A 24 -7.69 8.70 -1.25
CA ARG A 24 -7.65 7.56 -2.16
C ARG A 24 -7.47 8.05 -3.59
N ARG A 25 -8.20 9.10 -3.94
CA ARG A 25 -8.13 9.70 -5.26
C ARG A 25 -6.72 10.20 -5.55
N ARG A 26 -6.09 10.79 -4.53
CA ARG A 26 -4.71 11.28 -4.66
C ARG A 26 -3.73 10.13 -4.79
N LEU A 27 -3.87 9.13 -3.92
CA LEU A 27 -2.99 7.97 -3.94
C LEU A 27 -3.10 7.22 -5.26
N MET A 28 -4.34 7.01 -5.71
CA MET A 28 -4.57 6.30 -6.96
C MET A 28 -4.11 7.15 -8.15
N ASP A 29 -4.16 8.46 -7.99
CA ASP A 29 -3.70 9.38 -9.03
C ASP A 29 -2.20 9.27 -9.20
N LEU A 30 -1.51 9.05 -8.07
CA LEU A 30 -0.06 8.87 -8.08
C LEU A 30 0.28 7.49 -8.65
N GLY A 31 -0.47 6.48 -8.25
CA GLY A 31 -0.25 5.15 -8.77
C GLY A 31 -0.49 4.05 -7.75
N LEU A 32 -1.20 4.37 -6.67
CA LEU A 32 -1.49 3.39 -5.64
C LEU A 32 -2.93 2.89 -5.82
N VAL A 33 -3.08 1.81 -6.57
CA VAL A 33 -4.39 1.23 -6.86
C VAL A 33 -4.36 -0.28 -6.60
N ARG A 34 -5.48 -0.95 -6.85
CA ARG A 34 -5.53 -2.41 -6.73
C ARG A 34 -4.64 -3.05 -7.79
N GLY A 35 -3.78 -3.96 -7.36
CA GLY A 35 -2.89 -4.63 -8.27
C GLY A 35 -1.57 -3.89 -8.43
N ALA A 36 -1.46 -2.76 -7.75
CA ALA A 36 -0.22 -2.01 -7.74
C ALA A 36 0.82 -2.68 -6.86
N LYS A 37 1.98 -2.94 -7.43
CA LYS A 37 3.07 -3.52 -6.68
C LYS A 37 3.96 -2.42 -6.11
N LEU A 38 4.14 -2.45 -4.81
CA LEU A 38 4.89 -1.42 -4.13
C LEU A 38 5.86 -2.02 -3.13
N LYS A 39 6.97 -1.33 -2.92
CA LYS A 39 7.92 -1.74 -1.92
C LYS A 39 8.06 -0.65 -0.88
N VAL A 40 7.86 -1.01 0.38
CA VAL A 40 8.04 -0.06 1.47
C VAL A 40 9.52 0.23 1.65
N LEU A 41 9.92 1.44 1.29
CA LEU A 41 11.32 1.83 1.41
C LEU A 41 11.71 1.87 2.88
N ARG A 42 10.95 2.64 3.66
CA ARG A 42 11.17 2.71 5.08
C ARG A 42 10.05 3.49 5.74
N PHE A 43 9.99 3.37 7.06
CA PHE A 43 9.17 4.23 7.87
C PHE A 43 10.04 5.36 8.38
N ALA A 44 9.47 6.51 8.67
CA ALA A 44 10.22 7.60 9.26
C ALA A 44 10.71 7.19 10.64
N PRO A 45 11.72 7.90 11.20
CA PRO A 45 12.32 7.56 12.51
C PRO A 45 11.31 7.63 13.68
N LEU A 46 10.03 7.86 13.36
CA LEU A 46 8.99 7.93 14.37
C LEU A 46 7.81 7.07 13.96
N GLY A 47 8.01 6.20 12.98
CA GLY A 47 6.96 5.32 12.51
C GLY A 47 6.08 5.98 11.46
N ASP A 48 6.10 7.30 11.44
CA ASP A 48 5.29 8.09 10.54
C ASP A 48 6.07 9.32 10.09
N PRO A 49 6.00 9.70 8.80
CA PRO A 49 5.19 8.99 7.80
C PRO A 49 5.90 7.77 7.20
N ILE A 50 5.31 7.23 6.13
CA ILE A 50 5.85 6.05 5.46
C ILE A 50 6.20 6.37 4.01
N GLU A 51 7.31 5.82 3.54
CA GLU A 51 7.74 5.99 2.17
C GLU A 51 7.59 4.67 1.41
N VAL A 52 6.71 4.64 0.42
CA VAL A 52 6.49 3.45 -0.37
C VAL A 52 6.76 3.72 -1.85
N ASN A 53 7.45 2.81 -2.49
CA ASN A 53 7.71 2.93 -3.93
C ASN A 53 6.69 2.09 -4.69
N CYS A 54 5.69 2.76 -5.23
CA CYS A 54 4.58 2.07 -5.88
C CYS A 54 4.65 2.22 -7.39
N ASN A 55 4.93 1.10 -8.07
CA ASN A 55 5.01 1.07 -9.53
C ASN A 55 6.04 2.06 -10.08
N GLY A 56 7.04 2.39 -9.28
CA GLY A 56 8.07 3.31 -9.73
C GLY A 56 7.83 4.74 -9.29
N MET A 57 6.72 4.96 -8.60
CA MET A 57 6.40 6.26 -8.03
C MET A 57 6.61 6.23 -6.52
N LEU A 58 7.48 7.09 -6.03
CA LEU A 58 7.76 7.16 -4.60
C LEU A 58 6.67 7.96 -3.91
N LEU A 59 5.85 7.27 -3.14
CA LEU A 59 4.70 7.89 -2.49
C LEU A 59 4.97 8.04 -1.00
N THR A 60 4.56 9.17 -0.44
CA THR A 60 4.69 9.41 0.98
C THR A 60 3.36 9.81 1.58
N MET A 61 2.97 9.14 2.65
CA MET A 61 1.68 9.39 3.30
C MET A 61 1.73 9.06 4.77
N ARG A 62 0.63 9.31 5.47
CA ARG A 62 0.59 9.12 6.90
C ARG A 62 0.40 7.65 7.21
N ARG A 63 0.93 7.21 8.33
CA ARG A 63 0.75 5.83 8.74
C ARG A 63 -0.73 5.57 8.97
N ASN A 64 -1.45 6.62 9.35
CA ASN A 64 -2.90 6.57 9.44
C ASN A 64 -3.52 6.12 8.12
N GLU A 65 -2.99 6.64 7.02
CA GLU A 65 -3.51 6.29 5.69
C GLU A 65 -3.22 4.83 5.38
N ALA A 66 -2.04 4.38 5.80
CA ALA A 66 -1.56 3.04 5.49
C ALA A 66 -2.35 1.96 6.24
N GLU A 67 -2.93 2.32 7.38
CA GLU A 67 -3.77 1.38 8.12
C GLU A 67 -5.03 1.07 7.32
N GLY A 68 -5.51 2.05 6.59
CA GLY A 68 -6.64 1.83 5.70
C GLY A 68 -6.29 0.92 4.54
N ILE A 69 -5.06 1.02 4.06
CA ILE A 69 -4.65 0.28 2.88
C ILE A 69 -4.30 -1.17 3.25
N THR A 70 -4.96 -2.11 2.60
CA THR A 70 -4.68 -3.51 2.79
C THR A 70 -3.76 -3.99 1.65
N VAL A 71 -2.68 -4.66 2.01
CA VAL A 71 -1.73 -5.14 1.01
C VAL A 71 -1.36 -6.59 1.30
N HIS A 72 -0.93 -7.29 0.27
CA HIS A 72 -0.46 -8.65 0.41
C HIS A 72 1.02 -8.73 0.07
N ILE A 73 1.81 -9.21 1.02
CA ILE A 73 3.25 -9.32 0.83
C ILE A 73 3.58 -10.39 -0.21
N LEU A 74 4.28 -9.97 -1.25
CA LEU A 74 4.69 -10.89 -2.29
C LEU A 74 6.03 -11.50 -1.93
N ALA A 75 5.99 -12.44 -0.99
CA ALA A 75 7.18 -13.14 -0.55
C ALA A 75 6.79 -14.48 0.05
N GLY A 76 6.52 -15.44 -0.83
CA GLY A 76 6.16 -16.77 -0.40
C GLY A 76 6.61 -17.80 -1.41
N ASP A 77 7.51 -17.38 -2.29
CA ASP A 77 8.02 -18.24 -3.35
C ASP A 77 9.04 -19.19 -2.76
N GLU A 78 9.99 -18.61 -2.04
CA GLU A 78 11.06 -19.37 -1.41
C GLU A 78 11.72 -18.52 -0.33
N GLY A 79 12.35 -19.18 0.63
CA GLY A 79 13.02 -18.46 1.70
C GLY A 79 12.11 -18.20 2.86
N HIS A 80 12.45 -18.76 4.01
CA HIS A 80 11.64 -18.59 5.20
C HIS A 80 11.74 -17.15 5.72
N PRO A 81 10.63 -16.61 6.24
CA PRO A 81 10.60 -15.27 6.82
C PRO A 81 11.40 -15.21 8.13
N HIS A 82 12.47 -14.43 8.11
CA HIS A 82 13.33 -14.31 9.28
C HIS A 82 12.59 -13.67 10.44
N GLY A 83 12.25 -14.50 11.40
CA GLY A 83 11.63 -14.05 12.62
C GLY A 83 11.86 -15.06 13.73
N TRP A 84 10.79 -15.67 14.21
CA TRP A 84 10.89 -16.75 15.18
C TRP A 84 9.51 -17.32 15.47
N PRO A 85 9.40 -18.64 15.69
CA PRO A 85 8.15 -19.28 16.09
C PRO A 85 7.62 -18.67 17.39
N GLY A 86 6.52 -17.92 17.27
CA GLY A 86 5.96 -17.24 18.41
C GLY A 86 6.38 -15.79 18.46
N PHE A 87 7.68 -15.57 18.69
CA PHE A 87 8.26 -14.22 18.70
C PHE A 87 7.68 -13.39 19.84
N ARG A 88 7.15 -14.08 20.85
CA ARG A 88 6.49 -13.47 22.00
C ARG A 88 5.18 -12.80 21.58
N ARG A 89 4.10 -13.56 21.67
CA ARG A 89 2.78 -13.06 21.33
C ARG A 89 2.24 -12.18 22.45
N ARG A 90 1.14 -11.49 22.17
CA ARG A 90 0.53 -10.63 23.17
C ARG A 90 -0.39 -11.46 24.05
N HIS A 91 0.15 -11.92 25.17
CA HIS A 91 -0.61 -12.76 26.07
C HIS A 91 -1.05 -11.97 27.30
N ARG A 92 -2.32 -11.59 27.30
CA ARG A 92 -2.92 -10.92 28.45
C ARG A 92 -4.29 -11.50 28.72
N PHE A 93 -5.15 -11.43 27.70
CA PHE A 93 -6.54 -11.85 27.79
C PHE A 93 -7.32 -11.04 28.82
N GLY A 94 -8.03 -10.04 28.33
CA GLY A 94 -8.81 -9.20 29.21
C GLY A 94 -9.70 -8.26 28.41
N LYS A 95 -10.84 -7.88 29.00
CA LYS A 95 -11.81 -6.99 28.37
C LYS A 95 -12.55 -7.70 27.22
N ARG A 96 -13.67 -7.09 26.84
CA ARG A 96 -14.55 -7.61 25.79
C ARG A 96 -15.20 -8.91 26.25
N ALA A 97 -16.13 -8.77 27.17
CA ALA A 97 -16.91 -9.89 27.67
C ALA A 97 -18.31 -9.42 28.03
N LEU A 98 -19.32 -10.10 27.52
CA LEU A 98 -20.70 -9.66 27.69
C LEU A 98 -21.42 -10.45 28.78
N GLU A 99 -20.64 -11.28 29.49
CA GLU A 99 -21.17 -12.16 30.54
C GLU A 99 -22.08 -13.22 29.92
N HIS A 100 -22.78 -13.97 30.74
CA HIS A 100 -23.66 -15.01 30.25
C HIS A 100 -25.10 -14.72 30.65
N HIS A 101 -25.87 -14.20 29.72
CA HIS A 101 -27.28 -13.91 29.97
C HIS A 101 -28.15 -14.99 29.35
N HIS A 102 -28.25 -14.95 28.02
CA HIS A 102 -29.03 -15.93 27.27
C HIS A 102 -30.50 -15.89 27.66
N HIS A 103 -31.26 -16.86 27.17
CA HIS A 103 -32.63 -17.05 27.62
C HIS A 103 -32.79 -18.47 28.13
N HIS A 104 -33.01 -18.60 29.43
CA HIS A 104 -33.14 -19.91 30.05
C HIS A 104 -34.60 -20.32 30.08
N HIS A 105 -35.34 -19.72 30.99
CA HIS A 105 -36.76 -19.98 31.14
C HIS A 105 -37.53 -18.67 31.08
N MET A 1 -3.60 -7.94 6.14
CA MET A 1 -2.22 -7.38 6.29
C MET A 1 -2.20 -5.93 5.85
N LYS A 2 -1.97 -5.03 6.80
CA LYS A 2 -1.95 -3.60 6.51
C LYS A 2 -0.65 -3.19 5.85
N LEU A 3 -0.68 -2.09 5.11
CA LEU A 3 0.51 -1.52 4.52
C LEU A 3 1.44 -1.00 5.62
N SER A 4 0.83 -0.56 6.72
CA SER A 4 1.58 -0.08 7.87
C SER A 4 2.15 -1.23 8.70
N GLU A 5 1.66 -2.44 8.42
CA GLU A 5 2.12 -3.63 9.14
C GLU A 5 3.35 -4.22 8.47
N LEU A 6 3.72 -3.66 7.32
CA LEU A 6 4.90 -4.11 6.58
C LEU A 6 6.18 -3.58 7.22
N LYS A 7 7.31 -3.97 6.67
CA LYS A 7 8.61 -3.50 7.15
C LYS A 7 9.40 -2.92 5.98
N ALA A 8 10.52 -2.29 6.29
CA ALA A 8 11.38 -1.72 5.26
C ALA A 8 11.98 -2.82 4.40
N GLY A 9 11.59 -2.85 3.13
CA GLY A 9 12.08 -3.86 2.22
C GLY A 9 10.97 -4.78 1.72
N ASP A 10 9.81 -4.71 2.36
CA ASP A 10 8.67 -5.54 1.96
C ASP A 10 8.12 -5.12 0.61
N ARG A 11 7.73 -6.12 -0.17
CA ARG A 11 7.09 -5.89 -1.46
C ARG A 11 5.69 -6.45 -1.43
N ALA A 12 4.70 -5.60 -1.68
CA ALA A 12 3.32 -6.02 -1.58
C ALA A 12 2.47 -5.38 -2.67
N GLU A 13 1.36 -6.02 -3.01
CA GLU A 13 0.39 -5.42 -3.91
C GLU A 13 -0.84 -5.00 -3.13
N VAL A 14 -1.37 -3.83 -3.46
CA VAL A 14 -2.54 -3.30 -2.77
C VAL A 14 -3.80 -4.07 -3.14
N THR A 15 -4.54 -4.52 -2.13
CA THR A 15 -5.80 -5.19 -2.35
C THR A 15 -6.95 -4.21 -2.22
N SER A 16 -6.86 -3.35 -1.22
CA SER A 16 -7.89 -2.35 -0.97
C SER A 16 -7.30 -1.19 -0.18
N VAL A 17 -7.74 0.02 -0.48
CA VAL A 17 -7.29 1.20 0.23
C VAL A 17 -8.46 1.90 0.91
N ALA A 18 -8.48 1.83 2.24
CA ALA A 18 -9.54 2.46 3.01
C ALA A 18 -9.15 3.87 3.40
N ALA A 19 -9.68 4.83 2.66
CA ALA A 19 -9.42 6.24 2.92
C ALA A 19 -10.52 7.08 2.30
N GLU A 20 -10.62 8.33 2.72
CA GLU A 20 -11.60 9.25 2.16
C GLU A 20 -11.34 9.45 0.68
N PRO A 21 -12.41 9.62 -0.12
CA PRO A 21 -12.33 9.72 -1.58
C PRO A 21 -11.26 10.71 -2.07
N ALA A 22 -11.25 11.90 -1.50
CA ALA A 22 -10.29 12.94 -1.89
C ALA A 22 -8.85 12.47 -1.71
N VAL A 23 -8.60 11.76 -0.61
CA VAL A 23 -7.27 11.25 -0.31
C VAL A 23 -6.96 10.04 -1.20
N ARG A 24 -7.94 9.15 -1.32
CA ARG A 24 -7.81 7.94 -2.11
C ARG A 24 -7.53 8.28 -3.57
N ARG A 25 -8.22 9.30 -4.08
CA ARG A 25 -8.04 9.72 -5.47
C ARG A 25 -6.59 10.08 -5.75
N ARG A 26 -5.98 10.85 -4.85
CA ARG A 26 -4.59 11.24 -5.00
C ARG A 26 -3.69 10.01 -5.10
N LEU A 27 -3.95 9.04 -4.24
CA LEU A 27 -3.18 7.80 -4.23
C LEU A 27 -3.38 7.04 -5.54
N MET A 28 -4.61 7.05 -6.04
CA MET A 28 -4.96 6.34 -7.27
C MET A 28 -4.26 6.99 -8.46
N ASP A 29 -4.19 8.31 -8.43
CA ASP A 29 -3.53 9.07 -9.48
C ASP A 29 -2.03 8.79 -9.49
N LEU A 30 -1.46 8.56 -8.30
CA LEU A 30 -0.05 8.22 -8.20
C LEU A 30 0.19 6.82 -8.76
N GLY A 31 -0.74 5.93 -8.49
CA GLY A 31 -0.65 4.57 -9.01
C GLY A 31 -1.17 3.55 -8.02
N LEU A 32 -1.44 3.99 -6.80
CA LEU A 32 -1.85 3.10 -5.73
C LEU A 32 -3.29 2.66 -5.93
N VAL A 33 -3.46 1.50 -6.57
CA VAL A 33 -4.77 0.90 -6.80
C VAL A 33 -4.68 -0.60 -6.58
N ARG A 34 -5.80 -1.30 -6.71
CA ARG A 34 -5.80 -2.76 -6.58
C ARG A 34 -4.83 -3.40 -7.57
N GLY A 35 -3.84 -4.10 -7.05
CA GLY A 35 -2.89 -4.80 -7.90
C GLY A 35 -1.58 -4.07 -8.04
N ALA A 36 -1.52 -2.82 -7.58
CA ALA A 36 -0.32 -2.02 -7.69
C ALA A 36 0.78 -2.56 -6.79
N LYS A 37 1.95 -2.79 -7.35
CA LYS A 37 3.08 -3.29 -6.61
C LYS A 37 3.82 -2.14 -5.93
N LEU A 38 4.12 -2.29 -4.66
CA LEU A 38 4.90 -1.30 -3.94
C LEU A 38 5.95 -1.96 -3.05
N LYS A 39 7.03 -1.22 -2.81
CA LYS A 39 8.04 -1.64 -1.85
C LYS A 39 8.14 -0.59 -0.74
N VAL A 40 8.08 -1.03 0.49
CA VAL A 40 8.26 -0.14 1.62
C VAL A 40 9.73 0.22 1.74
N LEU A 41 10.04 1.50 1.57
CA LEU A 41 11.42 1.94 1.54
C LEU A 41 11.93 2.26 2.93
N ARG A 42 11.26 3.18 3.62
CA ARG A 42 11.75 3.66 4.89
C ARG A 42 10.62 4.19 5.75
N PHE A 43 10.88 4.26 7.03
CA PHE A 43 9.95 4.82 7.98
C PHE A 43 10.58 6.05 8.62
N ALA A 44 9.75 7.01 9.00
CA ALA A 44 10.24 8.16 9.74
C ALA A 44 10.67 7.72 11.15
N PRO A 45 11.39 8.58 11.89
CA PRO A 45 11.88 8.28 13.26
C PRO A 45 10.74 7.95 14.25
N LEU A 46 9.52 7.83 13.76
CA LEU A 46 8.37 7.56 14.60
C LEU A 46 7.54 6.41 14.02
N GLY A 47 7.99 5.88 12.89
CA GLY A 47 7.20 4.89 12.17
C GLY A 47 6.16 5.55 11.29
N ASP A 48 6.09 6.87 11.41
CA ASP A 48 5.15 7.67 10.66
C ASP A 48 5.76 9.05 10.40
N PRO A 49 5.69 9.55 9.15
CA PRO A 49 5.04 8.86 8.04
C PRO A 49 5.91 7.74 7.43
N ILE A 50 5.41 7.15 6.36
CA ILE A 50 6.05 6.03 5.70
C ILE A 50 6.40 6.38 4.25
N GLU A 51 7.56 5.94 3.80
CA GLU A 51 8.01 6.19 2.45
C GLU A 51 8.05 4.90 1.66
N VAL A 52 7.27 4.82 0.59
CA VAL A 52 7.19 3.60 -0.21
C VAL A 52 7.40 3.90 -1.69
N ASN A 53 7.77 2.88 -2.44
CA ASN A 53 7.90 2.98 -3.88
C ASN A 53 6.79 2.18 -4.54
N CYS A 54 5.77 2.86 -5.01
CA CYS A 54 4.64 2.19 -5.65
C CYS A 54 4.60 2.53 -7.12
N ASN A 55 4.58 1.50 -7.97
CA ASN A 55 4.56 1.67 -9.42
C ASN A 55 5.81 2.37 -9.91
N GLY A 56 6.87 2.32 -9.11
CA GLY A 56 8.11 2.99 -9.47
C GLY A 56 8.14 4.43 -9.02
N MET A 57 7.05 4.87 -8.38
CA MET A 57 6.94 6.24 -7.93
C MET A 57 7.16 6.31 -6.42
N LEU A 58 7.96 7.27 -5.99
CA LEU A 58 8.25 7.46 -4.58
C LEU A 58 7.06 8.14 -3.91
N LEU A 59 6.31 7.39 -3.13
CA LEU A 59 5.12 7.92 -2.48
C LEU A 59 5.37 8.06 -1.00
N THR A 60 4.90 9.16 -0.42
CA THR A 60 5.05 9.38 1.01
C THR A 60 3.72 9.77 1.63
N MET A 61 3.27 8.96 2.58
CA MET A 61 2.00 9.17 3.26
C MET A 61 2.15 8.75 4.71
N ARG A 62 1.11 8.99 5.50
CA ARG A 62 1.16 8.72 6.91
C ARG A 62 0.67 7.31 7.20
N ARG A 63 0.89 6.86 8.42
CA ARG A 63 0.42 5.55 8.84
C ARG A 63 -1.11 5.52 8.83
N ASN A 64 -1.71 6.69 9.03
CA ASN A 64 -3.16 6.84 9.01
C ASN A 64 -3.74 6.26 7.73
N GLU A 65 -3.12 6.59 6.60
CA GLU A 65 -3.53 6.03 5.32
C GLU A 65 -3.16 4.56 5.23
N ALA A 66 -1.93 4.25 5.66
CA ALA A 66 -1.38 2.91 5.54
C ALA A 66 -2.19 1.86 6.31
N GLU A 67 -2.71 2.24 7.47
CA GLU A 67 -3.59 1.37 8.25
C GLU A 67 -4.83 1.00 7.44
N GLY A 68 -5.37 1.98 6.73
CA GLY A 68 -6.52 1.75 5.88
C GLY A 68 -6.18 0.85 4.70
N ILE A 69 -4.94 0.93 4.24
CA ILE A 69 -4.51 0.17 3.07
C ILE A 69 -4.19 -1.28 3.43
N THR A 70 -4.90 -2.19 2.79
CA THR A 70 -4.64 -3.61 2.96
C THR A 70 -3.80 -4.12 1.78
N VAL A 71 -2.70 -4.80 2.07
CA VAL A 71 -1.80 -5.26 1.04
C VAL A 71 -1.52 -6.75 1.15
N HIS A 72 -0.94 -7.31 0.11
CA HIS A 72 -0.54 -8.71 0.09
C HIS A 72 0.91 -8.83 -0.38
N ILE A 73 1.73 -9.46 0.44
CA ILE A 73 3.16 -9.57 0.18
C ILE A 73 3.44 -10.44 -1.04
N LEU A 74 4.32 -9.96 -1.91
CA LEU A 74 4.68 -10.66 -3.13
C LEU A 74 5.97 -11.44 -2.95
N ALA A 75 5.85 -12.63 -2.36
CA ALA A 75 6.99 -13.49 -2.12
C ALA A 75 6.54 -14.92 -1.85
N GLY A 76 6.67 -15.77 -2.86
CA GLY A 76 6.23 -17.15 -2.74
C GLY A 76 7.23 -18.14 -3.29
N ASP A 77 8.52 -17.85 -3.07
CA ASP A 77 9.62 -18.71 -3.53
C ASP A 77 9.64 -18.82 -5.05
N GLU A 78 9.03 -17.86 -5.73
CA GLU A 78 8.99 -17.85 -7.18
C GLU A 78 10.21 -17.16 -7.76
N GLY A 79 10.22 -16.96 -9.07
CA GLY A 79 11.28 -16.18 -9.69
C GLY A 79 11.02 -14.70 -9.54
N HIS A 80 10.82 -14.28 -8.30
CA HIS A 80 10.47 -12.91 -7.97
C HIS A 80 11.73 -12.05 -7.81
N PRO A 81 11.58 -10.71 -7.81
CA PRO A 81 12.70 -9.78 -7.59
C PRO A 81 13.52 -10.11 -6.34
N HIS A 82 14.81 -9.87 -6.43
CA HIS A 82 15.73 -10.16 -5.33
C HIS A 82 15.87 -8.95 -4.41
N GLY A 83 16.66 -9.10 -3.35
CA GLY A 83 16.84 -8.03 -2.40
C GLY A 83 17.96 -7.09 -2.79
N TRP A 84 18.61 -6.50 -1.78
CA TRP A 84 19.70 -5.56 -2.03
C TRP A 84 20.73 -5.66 -0.89
N PRO A 85 22.03 -5.56 -1.23
CA PRO A 85 23.10 -5.62 -0.23
C PRO A 85 23.11 -4.42 0.70
N GLY A 86 22.76 -4.67 1.97
CA GLY A 86 22.73 -3.61 2.94
C GLY A 86 22.65 -4.11 4.37
N PHE A 87 21.68 -5.00 4.62
CA PHE A 87 21.43 -5.51 5.97
C PHE A 87 21.14 -4.36 6.92
N ARG A 88 20.41 -3.37 6.43
CA ARG A 88 20.13 -2.15 7.17
C ARG A 88 18.80 -2.24 7.90
N ARG A 89 18.36 -3.46 8.19
CA ARG A 89 17.11 -3.64 8.91
C ARG A 89 17.26 -4.67 10.02
N ARG A 90 18.23 -4.45 10.90
CA ARG A 90 18.32 -5.26 12.12
C ARG A 90 17.36 -4.70 13.16
N HIS A 91 16.20 -5.31 13.23
CA HIS A 91 15.18 -4.90 14.18
C HIS A 91 14.46 -6.13 14.71
N ARG A 92 14.85 -6.55 15.89
CA ARG A 92 14.33 -7.78 16.47
C ARG A 92 13.19 -7.48 17.44
N PHE A 93 12.69 -6.26 17.39
CA PHE A 93 11.59 -5.86 18.23
C PHE A 93 10.31 -5.84 17.42
N GLY A 94 9.18 -6.10 18.08
CA GLY A 94 7.93 -6.12 17.37
C GLY A 94 6.76 -6.28 18.31
N LYS A 95 5.66 -6.85 17.79
CA LYS A 95 4.43 -7.05 18.54
C LYS A 95 3.76 -5.72 18.89
N ARG A 96 2.54 -5.82 19.40
CA ARG A 96 1.80 -4.68 19.92
C ARG A 96 0.86 -5.16 21.00
N ALA A 97 -0.21 -5.83 20.58
CA ALA A 97 -1.15 -6.45 21.51
C ALA A 97 -2.12 -7.35 20.75
N LEU A 98 -2.87 -6.76 19.82
CA LEU A 98 -3.86 -7.50 19.04
C LEU A 98 -4.85 -8.19 19.97
N GLU A 99 -5.34 -7.44 20.95
CA GLU A 99 -6.28 -7.98 21.94
C GLU A 99 -7.66 -8.17 21.32
N HIS A 100 -8.02 -9.41 21.07
CA HIS A 100 -9.34 -9.72 20.54
C HIS A 100 -10.32 -9.90 21.70
N HIS A 101 -11.17 -8.90 21.89
CA HIS A 101 -12.11 -8.93 23.00
C HIS A 101 -13.42 -9.61 22.59
N HIS A 102 -13.91 -10.49 23.43
CA HIS A 102 -15.20 -11.12 23.23
C HIS A 102 -16.09 -10.80 24.42
N HIS A 103 -16.84 -9.72 24.31
CA HIS A 103 -17.66 -9.24 25.41
C HIS A 103 -18.95 -10.03 25.52
N HIS A 104 -19.68 -10.15 24.42
CA HIS A 104 -20.96 -10.86 24.37
C HIS A 104 -21.98 -10.22 25.30
N HIS A 105 -23.17 -10.80 25.35
CA HIS A 105 -24.23 -10.32 26.21
C HIS A 105 -24.95 -11.50 26.83
N MET A 1 -3.92 -7.38 5.92
CA MET A 1 -2.66 -6.81 6.44
C MET A 1 -2.48 -5.38 5.94
N LYS A 2 -2.08 -4.50 6.83
CA LYS A 2 -1.94 -3.09 6.49
C LYS A 2 -0.64 -2.83 5.75
N LEU A 3 -0.62 -1.75 4.98
CA LEU A 3 0.60 -1.27 4.35
C LEU A 3 1.59 -0.81 5.42
N SER A 4 1.05 -0.33 6.53
CA SER A 4 1.85 0.12 7.65
C SER A 4 2.40 -1.05 8.47
N GLU A 5 1.83 -2.24 8.27
CA GLU A 5 2.28 -3.44 9.00
C GLU A 5 3.47 -4.07 8.31
N LEU A 6 3.83 -3.53 7.15
CA LEU A 6 5.00 -3.97 6.42
C LEU A 6 6.28 -3.46 7.06
N LYS A 7 7.41 -3.99 6.62
CA LYS A 7 8.70 -3.55 7.11
C LYS A 7 9.41 -2.76 6.02
N ALA A 8 10.47 -2.05 6.39
CA ALA A 8 11.25 -1.28 5.43
C ALA A 8 12.04 -2.21 4.53
N GLY A 9 11.44 -2.56 3.40
CA GLY A 9 12.04 -3.52 2.50
C GLY A 9 11.04 -4.55 2.04
N ASP A 10 9.86 -4.55 2.66
CA ASP A 10 8.80 -5.48 2.32
C ASP A 10 8.19 -5.14 0.97
N ARG A 11 7.99 -6.16 0.15
CA ARG A 11 7.36 -6.00 -1.15
C ARG A 11 5.96 -6.56 -1.09
N ALA A 12 4.97 -5.76 -1.49
CA ALA A 12 3.58 -6.17 -1.39
C ALA A 12 2.76 -5.64 -2.56
N GLU A 13 1.51 -6.06 -2.62
CA GLU A 13 0.58 -5.56 -3.62
C GLU A 13 -0.66 -5.04 -2.90
N VAL A 14 -1.15 -3.87 -3.34
CA VAL A 14 -2.31 -3.26 -2.72
C VAL A 14 -3.58 -4.01 -3.07
N THR A 15 -4.16 -4.70 -2.08
CA THR A 15 -5.37 -5.45 -2.30
C THR A 15 -6.61 -4.57 -2.11
N SER A 16 -6.49 -3.57 -1.23
CA SER A 16 -7.57 -2.60 -1.01
C SER A 16 -7.04 -1.33 -0.34
N VAL A 17 -7.67 -0.21 -0.63
CA VAL A 17 -7.33 1.06 0.00
C VAL A 17 -8.54 1.63 0.74
N ALA A 18 -8.47 1.62 2.07
CA ALA A 18 -9.58 2.09 2.88
C ALA A 18 -9.29 3.46 3.49
N ALA A 19 -9.73 4.49 2.81
CA ALA A 19 -9.51 5.86 3.27
C ALA A 19 -10.59 6.76 2.71
N GLU A 20 -10.56 8.04 3.10
CA GLU A 20 -11.51 9.00 2.56
C GLU A 20 -11.48 8.99 1.03
N PRO A 21 -12.65 9.17 0.40
CA PRO A 21 -12.79 9.08 -1.06
C PRO A 21 -11.81 9.97 -1.79
N ALA A 22 -11.52 11.14 -1.22
CA ALA A 22 -10.57 12.07 -1.79
C ALA A 22 -9.14 11.53 -1.72
N VAL A 23 -8.76 11.08 -0.53
CA VAL A 23 -7.41 10.57 -0.30
C VAL A 23 -7.18 9.31 -1.12
N ARG A 24 -8.18 8.45 -1.12
CA ARG A 24 -8.19 7.22 -1.90
C ARG A 24 -7.92 7.53 -3.36
N ARG A 25 -8.53 8.60 -3.87
CA ARG A 25 -8.38 8.99 -5.25
C ARG A 25 -7.00 9.58 -5.49
N ARG A 26 -6.57 10.46 -4.60
CA ARG A 26 -5.28 11.13 -4.73
C ARG A 26 -4.15 10.12 -4.77
N LEU A 27 -4.32 9.01 -4.06
CA LEU A 27 -3.35 7.92 -4.11
C LEU A 27 -3.38 7.26 -5.48
N MET A 28 -4.59 6.98 -5.97
CA MET A 28 -4.75 6.34 -7.26
C MET A 28 -4.26 7.25 -8.39
N ASP A 29 -4.54 8.54 -8.27
CA ASP A 29 -4.12 9.53 -9.26
C ASP A 29 -2.60 9.61 -9.36
N LEU A 30 -1.92 9.30 -8.26
CA LEU A 30 -0.47 9.23 -8.29
C LEU A 30 -0.01 7.96 -8.97
N GLY A 31 -0.65 6.85 -8.60
CA GLY A 31 -0.28 5.56 -9.15
C GLY A 31 -0.58 4.42 -8.20
N LEU A 32 -1.10 4.75 -7.04
CA LEU A 32 -1.46 3.73 -6.06
C LEU A 32 -2.91 3.31 -6.27
N VAL A 33 -3.09 2.38 -7.20
CA VAL A 33 -4.42 1.83 -7.45
C VAL A 33 -4.49 0.42 -6.92
N ARG A 34 -5.68 -0.17 -6.94
CA ARG A 34 -5.85 -1.53 -6.47
C ARG A 34 -5.20 -2.49 -7.45
N GLY A 35 -4.25 -3.27 -6.96
CA GLY A 35 -3.51 -4.18 -7.84
C GLY A 35 -2.11 -3.68 -8.11
N ALA A 36 -1.77 -2.50 -7.63
CA ALA A 36 -0.45 -1.94 -7.80
C ALA A 36 0.55 -2.62 -6.86
N LYS A 37 1.69 -3.03 -7.42
CA LYS A 37 2.73 -3.69 -6.63
C LYS A 37 3.73 -2.65 -6.13
N LEU A 38 4.02 -2.66 -4.84
CA LEU A 38 4.88 -1.65 -4.25
C LEU A 38 5.88 -2.27 -3.28
N LYS A 39 6.90 -1.51 -2.92
CA LYS A 39 7.86 -1.94 -1.92
C LYS A 39 8.08 -0.82 -0.91
N VAL A 40 8.04 -1.15 0.37
CA VAL A 40 8.29 -0.18 1.42
C VAL A 40 9.77 0.16 1.46
N LEU A 41 10.07 1.45 1.51
CA LEU A 41 11.45 1.91 1.51
C LEU A 41 11.95 2.12 2.93
N ARG A 42 11.25 2.96 3.69
CA ARG A 42 11.69 3.30 5.03
C ARG A 42 10.52 3.81 5.88
N PHE A 43 10.68 3.69 7.19
CA PHE A 43 9.72 4.21 8.15
C PHE A 43 10.39 5.29 8.98
N ALA A 44 9.68 6.37 9.24
CA ALA A 44 10.19 7.43 10.10
C ALA A 44 10.28 6.93 11.54
N PRO A 45 11.02 7.66 12.41
CA PRO A 45 11.23 7.27 13.83
C PRO A 45 9.94 7.18 14.65
N LEU A 46 8.80 7.33 13.99
CA LEU A 46 7.50 7.26 14.67
C LEU A 46 6.56 6.35 13.90
N GLY A 47 7.10 5.60 12.94
CA GLY A 47 6.26 4.78 12.08
C GLY A 47 5.40 5.64 11.19
N ASP A 48 5.81 6.89 11.04
CA ASP A 48 5.06 7.90 10.32
C ASP A 48 5.91 9.16 10.20
N PRO A 49 6.05 9.70 8.99
CA PRO A 49 5.44 9.15 7.77
C PRO A 49 6.17 7.91 7.23
N ILE A 50 5.66 7.37 6.14
CA ILE A 50 6.21 6.17 5.54
C ILE A 50 6.65 6.44 4.10
N GLU A 51 7.83 5.96 3.75
CA GLU A 51 8.33 6.09 2.39
C GLU A 51 8.16 4.79 1.65
N VAL A 52 7.40 4.80 0.57
CA VAL A 52 7.16 3.60 -0.21
C VAL A 52 7.35 3.85 -1.70
N ASN A 53 7.79 2.82 -2.41
CA ASN A 53 7.85 2.87 -3.86
C ASN A 53 6.67 2.09 -4.42
N CYS A 54 5.65 2.80 -4.83
CA CYS A 54 4.42 2.17 -5.28
C CYS A 54 4.34 2.15 -6.79
N ASN A 55 4.53 0.96 -7.35
CA ASN A 55 4.30 0.72 -8.77
C ASN A 55 5.25 1.54 -9.64
N GLY A 56 6.45 1.80 -9.13
CA GLY A 56 7.44 2.55 -9.87
C GLY A 56 7.44 4.02 -9.52
N MET A 57 6.92 4.35 -8.35
CA MET A 57 6.83 5.72 -7.90
C MET A 57 7.21 5.83 -6.43
N LEU A 58 8.11 6.74 -6.12
CA LEU A 58 8.52 6.95 -4.74
C LEU A 58 7.72 8.10 -4.14
N LEU A 59 6.83 7.77 -3.21
CA LEU A 59 5.98 8.76 -2.59
C LEU A 59 5.94 8.57 -1.07
N THR A 60 6.08 9.67 -0.36
CA THR A 60 6.05 9.66 1.09
C THR A 60 4.69 10.12 1.60
N MET A 61 4.03 9.27 2.35
CA MET A 61 2.71 9.59 2.88
C MET A 61 2.61 9.16 4.33
N ARG A 62 1.46 9.40 4.93
CA ARG A 62 1.31 9.22 6.36
C ARG A 62 0.82 7.82 6.69
N ARG A 63 1.03 7.41 7.93
CA ARG A 63 0.65 6.08 8.38
C ARG A 63 -0.86 5.91 8.36
N ASN A 64 -1.61 6.97 8.68
CA ASN A 64 -3.07 6.89 8.72
C ASN A 64 -3.62 6.46 7.36
N GLU A 65 -2.90 6.81 6.31
CA GLU A 65 -3.26 6.41 4.97
C GLU A 65 -2.89 4.94 4.74
N ALA A 66 -1.71 4.56 5.23
CA ALA A 66 -1.20 3.19 5.07
C ALA A 66 -2.00 2.19 5.90
N GLU A 67 -2.44 2.61 7.08
CA GLU A 67 -3.32 1.79 7.94
C GLU A 67 -4.57 1.38 7.16
N GLY A 68 -5.14 2.33 6.43
CA GLY A 68 -6.31 2.05 5.63
C GLY A 68 -6.00 1.12 4.48
N ILE A 69 -4.77 1.14 4.01
CA ILE A 69 -4.36 0.34 2.88
C ILE A 69 -4.07 -1.09 3.30
N THR A 70 -4.81 -2.02 2.72
CA THR A 70 -4.59 -3.42 2.94
C THR A 70 -3.75 -3.98 1.79
N VAL A 71 -2.67 -4.67 2.14
CA VAL A 71 -1.75 -5.20 1.14
C VAL A 71 -1.51 -6.69 1.36
N HIS A 72 -0.92 -7.32 0.35
CA HIS A 72 -0.51 -8.71 0.45
C HIS A 72 0.95 -8.81 0.02
N ILE A 73 1.77 -9.41 0.88
CA ILE A 73 3.20 -9.54 0.61
C ILE A 73 3.46 -10.44 -0.58
N LEU A 74 4.30 -9.96 -1.49
CA LEU A 74 4.61 -10.71 -2.70
C LEU A 74 5.67 -11.77 -2.43
N ALA A 75 5.20 -12.88 -1.86
CA ALA A 75 6.06 -14.01 -1.53
C ALA A 75 5.19 -15.18 -1.11
N GLY A 76 5.82 -16.22 -0.57
CA GLY A 76 5.08 -17.37 -0.11
C GLY A 76 4.86 -17.32 1.38
N ASP A 77 4.69 -16.12 1.92
CA ASP A 77 4.48 -15.93 3.34
C ASP A 77 3.03 -15.61 3.63
N GLU A 78 2.31 -16.57 4.21
CA GLU A 78 0.90 -16.40 4.50
C GLU A 78 0.58 -16.92 5.89
N GLY A 79 0.47 -16.02 6.86
CA GLY A 79 0.05 -16.38 8.19
C GLY A 79 -0.98 -15.40 8.71
N HIS A 80 -1.75 -14.84 7.78
CA HIS A 80 -2.72 -13.81 8.11
C HIS A 80 -3.88 -13.86 7.12
N PRO A 81 -5.05 -13.32 7.50
CA PRO A 81 -6.17 -13.15 6.59
C PRO A 81 -5.96 -11.94 5.68
N HIS A 82 -6.08 -12.15 4.37
CA HIS A 82 -5.81 -11.09 3.40
C HIS A 82 -6.68 -9.87 3.66
N GLY A 83 -7.99 -10.07 3.61
CA GLY A 83 -8.92 -8.99 3.86
C GLY A 83 -10.34 -9.44 3.68
N TRP A 84 -11.24 -8.92 4.51
CA TRP A 84 -12.64 -9.30 4.44
C TRP A 84 -13.51 -8.06 4.25
N PRO A 85 -14.59 -8.19 3.48
CA PRO A 85 -15.52 -7.08 3.20
C PRO A 85 -16.61 -6.96 4.25
N GLY A 86 -17.52 -6.02 4.03
CA GLY A 86 -18.60 -5.77 4.97
C GLY A 86 -18.83 -4.29 5.14
N PHE A 87 -19.27 -3.64 4.07
CA PHE A 87 -19.41 -2.20 4.04
C PHE A 87 -20.83 -1.77 4.35
N ARG A 88 -21.81 -2.45 3.73
CA ARG A 88 -23.22 -2.10 3.86
C ARG A 88 -23.48 -0.70 3.32
N ARG A 89 -23.71 -0.62 2.02
CA ARG A 89 -23.83 0.67 1.35
C ARG A 89 -25.16 1.36 1.63
N ARG A 90 -25.14 2.67 1.51
CA ARG A 90 -26.34 3.48 1.60
C ARG A 90 -26.16 4.71 0.71
N HIS A 91 -27.24 5.19 0.13
CA HIS A 91 -27.19 6.40 -0.69
C HIS A 91 -28.59 6.96 -0.88
N ARG A 92 -29.38 6.32 -1.75
CA ARG A 92 -30.73 6.77 -2.06
C ARG A 92 -30.74 8.13 -2.76
N PHE A 93 -30.94 8.11 -4.07
CA PHE A 93 -30.98 9.34 -4.86
C PHE A 93 -31.83 9.11 -6.11
N GLY A 94 -31.92 10.11 -6.97
CA GLY A 94 -32.64 9.95 -8.21
C GLY A 94 -33.25 11.23 -8.73
N LYS A 95 -32.70 11.73 -9.82
CA LYS A 95 -33.27 12.90 -10.50
C LYS A 95 -33.78 12.49 -11.87
N ARG A 96 -34.87 13.11 -12.29
CA ARG A 96 -35.48 12.80 -13.58
C ARG A 96 -34.78 13.54 -14.71
N ALA A 97 -35.18 13.24 -15.93
CA ALA A 97 -34.64 13.90 -17.10
C ALA A 97 -35.77 14.33 -18.03
N LEU A 98 -35.73 15.57 -18.49
CA LEU A 98 -36.76 16.08 -19.36
C LEU A 98 -36.14 16.71 -20.60
N GLU A 99 -36.64 16.31 -21.76
CA GLU A 99 -36.15 16.84 -23.02
C GLU A 99 -37.30 16.95 -24.02
N HIS A 100 -37.18 17.90 -24.93
CA HIS A 100 -38.13 18.05 -26.03
C HIS A 100 -37.89 16.92 -27.04
N HIS A 101 -38.96 16.47 -27.68
CA HIS A 101 -38.84 15.39 -28.65
C HIS A 101 -38.25 15.92 -29.96
N HIS A 102 -37.14 15.33 -30.39
CA HIS A 102 -36.48 15.79 -31.59
C HIS A 102 -37.20 15.31 -32.84
N HIS A 103 -38.00 16.20 -33.39
CA HIS A 103 -38.75 15.94 -34.61
C HIS A 103 -39.14 17.28 -35.21
N HIS A 104 -39.85 18.05 -34.41
CA HIS A 104 -40.20 19.42 -34.75
C HIS A 104 -40.46 20.18 -33.46
N HIS A 105 -40.35 21.49 -33.50
CA HIS A 105 -40.52 22.29 -32.30
C HIS A 105 -41.93 22.84 -32.21
N MET A 1 -3.43 -8.10 6.03
CA MET A 1 -2.33 -7.28 6.61
C MET A 1 -2.38 -5.87 6.05
N LYS A 2 -2.15 -4.89 6.92
CA LYS A 2 -2.16 -3.49 6.53
C LYS A 2 -0.82 -3.06 5.95
N LEU A 3 -0.83 -1.98 5.19
CA LEU A 3 0.39 -1.35 4.72
C LEU A 3 1.17 -0.79 5.91
N SER A 4 0.44 -0.40 6.95
CA SER A 4 1.04 0.12 8.17
C SER A 4 1.66 -0.99 9.02
N GLU A 5 1.36 -2.24 8.65
CA GLU A 5 1.88 -3.39 9.39
C GLU A 5 3.17 -3.90 8.77
N LEU A 6 3.50 -3.37 7.60
CA LEU A 6 4.76 -3.70 6.94
C LEU A 6 5.93 -3.09 7.71
N LYS A 7 7.14 -3.57 7.46
CA LYS A 7 8.28 -3.19 8.30
C LYS A 7 9.50 -2.77 7.50
N ALA A 8 9.27 -2.31 6.27
CA ALA A 8 10.35 -1.88 5.37
C ALA A 8 11.15 -3.07 4.84
N GLY A 9 11.45 -3.03 3.56
CA GLY A 9 12.11 -4.15 2.92
C GLY A 9 11.10 -5.20 2.50
N ASP A 10 9.83 -4.85 2.67
CA ASP A 10 8.73 -5.75 2.34
C ASP A 10 8.10 -5.32 1.02
N ARG A 11 8.00 -6.26 0.10
CA ARG A 11 7.37 -5.99 -1.18
C ARG A 11 5.97 -6.59 -1.20
N ALA A 12 4.97 -5.75 -1.39
CA ALA A 12 3.58 -6.17 -1.33
C ALA A 12 2.76 -5.53 -2.43
N GLU A 13 1.66 -6.18 -2.79
CA GLU A 13 0.73 -5.61 -3.75
C GLU A 13 -0.51 -5.10 -3.01
N VAL A 14 -1.02 -3.96 -3.45
CA VAL A 14 -2.23 -3.38 -2.86
C VAL A 14 -3.46 -4.14 -3.34
N THR A 15 -4.07 -4.89 -2.44
CA THR A 15 -5.28 -5.63 -2.76
C THR A 15 -6.51 -4.74 -2.62
N SER A 16 -6.48 -3.85 -1.64
CA SER A 16 -7.55 -2.88 -1.46
C SER A 16 -7.03 -1.66 -0.70
N VAL A 17 -7.27 -0.49 -1.26
CA VAL A 17 -6.85 0.75 -0.62
C VAL A 17 -8.05 1.53 -0.10
N ALA A 18 -8.19 1.56 1.22
CA ALA A 18 -9.24 2.34 1.86
C ALA A 18 -8.66 3.58 2.51
N ALA A 19 -9.40 4.67 2.43
CA ALA A 19 -8.97 5.95 2.98
C ALA A 19 -10.10 6.96 2.88
N GLU A 20 -9.84 8.20 3.27
CA GLU A 20 -10.81 9.26 3.07
C GLU A 20 -11.00 9.49 1.58
N PRO A 21 -12.23 9.82 1.16
CA PRO A 21 -12.59 9.96 -0.27
C PRO A 21 -11.58 10.81 -1.05
N ALA A 22 -11.20 11.94 -0.48
CA ALA A 22 -10.27 12.84 -1.13
C ALA A 22 -8.87 12.22 -1.22
N VAL A 23 -8.43 11.64 -0.12
CA VAL A 23 -7.09 11.09 -0.03
C VAL A 23 -6.96 9.84 -0.88
N ARG A 24 -7.95 8.97 -0.81
CA ARG A 24 -7.96 7.74 -1.57
C ARG A 24 -7.95 8.05 -3.06
N ARG A 25 -8.68 9.10 -3.45
CA ARG A 25 -8.69 9.56 -4.83
C ARG A 25 -7.32 10.11 -5.21
N ARG A 26 -6.77 10.94 -4.34
CA ARG A 26 -5.47 11.58 -4.55
C ARG A 26 -4.37 10.54 -4.66
N LEU A 27 -4.44 9.50 -3.83
CA LEU A 27 -3.47 8.41 -3.87
C LEU A 27 -3.57 7.65 -5.19
N MET A 28 -4.79 7.47 -5.67
CA MET A 28 -5.00 6.73 -6.90
C MET A 28 -4.54 7.57 -8.10
N ASP A 29 -4.66 8.88 -7.97
CA ASP A 29 -4.18 9.79 -9.00
C ASP A 29 -2.65 9.77 -9.07
N LEU A 30 -2.02 9.50 -7.94
CA LEU A 30 -0.57 9.34 -7.90
C LEU A 30 -0.18 8.02 -8.56
N GLY A 31 -0.92 6.97 -8.25
CA GLY A 31 -0.64 5.68 -8.84
C GLY A 31 -0.92 4.53 -7.89
N LEU A 32 -1.47 4.84 -6.73
CA LEU A 32 -1.77 3.81 -5.74
C LEU A 32 -3.21 3.32 -5.93
N VAL A 33 -3.36 2.25 -6.71
CA VAL A 33 -4.66 1.66 -6.96
C VAL A 33 -4.61 0.15 -6.66
N ARG A 34 -5.72 -0.54 -6.88
CA ARG A 34 -5.75 -1.99 -6.68
C ARG A 34 -4.88 -2.67 -7.73
N GLY A 35 -3.88 -3.41 -7.26
CA GLY A 35 -2.99 -4.09 -8.18
C GLY A 35 -1.64 -3.42 -8.27
N ALA A 36 -1.47 -2.33 -7.52
CA ALA A 36 -0.20 -1.63 -7.46
C ALA A 36 0.80 -2.39 -6.60
N LYS A 37 1.99 -2.62 -7.14
CA LYS A 37 3.04 -3.30 -6.40
C LYS A 37 3.95 -2.28 -5.75
N LEU A 38 4.14 -2.39 -4.44
CA LEU A 38 4.97 -1.45 -3.72
C LEU A 38 5.98 -2.16 -2.84
N LYS A 39 7.07 -1.47 -2.54
CA LYS A 39 8.05 -1.95 -1.58
C LYS A 39 8.28 -0.88 -0.54
N VAL A 40 8.08 -1.22 0.72
CA VAL A 40 8.29 -0.27 1.80
C VAL A 40 9.78 0.05 1.92
N LEU A 41 10.12 1.30 1.69
CA LEU A 41 11.52 1.71 1.69
C LEU A 41 12.02 1.90 3.10
N ARG A 42 11.33 2.76 3.84
CA ARG A 42 11.72 3.08 5.21
C ARG A 42 10.61 3.88 5.88
N PHE A 43 10.67 3.97 7.20
CA PHE A 43 9.72 4.77 7.94
C PHE A 43 10.39 6.01 8.48
N ALA A 44 9.61 7.03 8.75
CA ALA A 44 10.11 8.21 9.43
C ALA A 44 10.54 7.84 10.85
N PRO A 45 11.26 8.72 11.56
CA PRO A 45 11.70 8.47 12.95
C PRO A 45 10.57 8.09 13.91
N LEU A 46 9.33 8.16 13.44
CA LEU A 46 8.18 7.83 14.26
C LEU A 46 7.24 6.91 13.48
N GLY A 47 7.77 6.26 12.46
CA GLY A 47 6.97 5.36 11.64
C GLY A 47 6.18 6.10 10.58
N ASP A 48 5.63 7.24 10.97
CA ASP A 48 4.83 8.08 10.09
C ASP A 48 5.57 9.38 9.78
N PRO A 49 5.65 9.79 8.50
CA PRO A 49 5.06 9.06 7.37
C PRO A 49 5.92 7.88 6.90
N ILE A 50 5.44 7.21 5.86
CA ILE A 50 6.08 6.01 5.34
C ILE A 50 6.56 6.23 3.91
N GLU A 51 7.79 5.81 3.63
CA GLU A 51 8.36 5.90 2.30
C GLU A 51 8.14 4.59 1.57
N VAL A 52 7.41 4.61 0.47
CA VAL A 52 7.13 3.40 -0.28
C VAL A 52 7.40 3.58 -1.77
N ASN A 53 7.95 2.56 -2.39
CA ASN A 53 8.14 2.55 -3.83
C ASN A 53 6.95 1.83 -4.46
N CYS A 54 6.02 2.60 -4.99
CA CYS A 54 4.79 2.05 -5.52
C CYS A 54 4.75 2.16 -7.03
N ASN A 55 4.77 0.99 -7.69
CA ASN A 55 4.70 0.91 -9.15
C ASN A 55 5.93 1.55 -9.80
N GLY A 56 7.05 1.51 -9.09
CA GLY A 56 8.27 2.10 -9.60
C GLY A 56 8.30 3.60 -9.40
N MET A 57 7.39 4.08 -8.57
CA MET A 57 7.31 5.49 -8.25
C MET A 57 7.55 5.70 -6.77
N LEU A 58 8.24 6.78 -6.43
CA LEU A 58 8.50 7.10 -5.03
C LEU A 58 7.31 7.82 -4.42
N LEU A 59 6.63 7.15 -3.49
CA LEU A 59 5.46 7.71 -2.83
C LEU A 59 5.75 7.93 -1.36
N THR A 60 5.14 8.98 -0.81
CA THR A 60 5.19 9.23 0.62
C THR A 60 3.77 9.41 1.14
N MET A 61 3.35 8.55 2.06
CA MET A 61 2.01 8.60 2.61
C MET A 61 2.06 8.45 4.13
N ARG A 62 0.95 8.73 4.78
CA ARG A 62 0.90 8.73 6.24
C ARG A 62 0.44 7.37 6.77
N ARG A 63 0.68 7.14 8.04
CA ARG A 63 0.30 5.87 8.68
C ARG A 63 -1.21 5.68 8.69
N ASN A 64 -1.95 6.76 8.92
CA ASN A 64 -3.41 6.68 8.98
C ASN A 64 -3.98 6.18 7.65
N GLU A 65 -3.33 6.55 6.56
CA GLU A 65 -3.72 6.10 5.23
C GLU A 65 -3.32 4.65 5.04
N ALA A 66 -2.18 4.29 5.60
CA ALA A 66 -1.62 2.95 5.46
C ALA A 66 -2.50 1.91 6.15
N GLU A 67 -3.19 2.32 7.21
CA GLU A 67 -4.08 1.40 7.91
C GLU A 67 -5.24 0.99 7.02
N GLY A 68 -5.73 1.93 6.23
CA GLY A 68 -6.79 1.62 5.28
C GLY A 68 -6.34 0.69 4.19
N ILE A 69 -5.06 0.77 3.84
CA ILE A 69 -4.51 0.00 2.74
C ILE A 69 -4.18 -1.42 3.17
N THR A 70 -4.80 -2.38 2.50
CA THR A 70 -4.49 -3.79 2.73
C THR A 70 -3.58 -4.30 1.62
N VAL A 71 -2.51 -5.01 2.00
CA VAL A 71 -1.53 -5.47 1.04
C VAL A 71 -1.28 -6.98 1.16
N HIS A 72 -0.76 -7.55 0.09
CA HIS A 72 -0.35 -8.95 0.09
C HIS A 72 1.12 -9.06 -0.30
N ILE A 73 1.91 -9.65 0.58
CA ILE A 73 3.35 -9.77 0.36
C ILE A 73 3.67 -10.66 -0.84
N LEU A 74 4.46 -10.12 -1.76
CA LEU A 74 4.88 -10.86 -2.94
C LEU A 74 6.19 -11.57 -2.65
N ALA A 75 6.07 -12.72 -2.01
CA ALA A 75 7.23 -13.50 -1.60
C ALA A 75 6.88 -14.99 -1.55
N GLY A 76 7.61 -15.74 -0.73
CA GLY A 76 7.34 -17.16 -0.59
C GLY A 76 6.16 -17.45 0.29
N ASP A 77 4.97 -17.09 -0.16
CA ASP A 77 3.74 -17.34 0.57
C ASP A 77 2.66 -17.78 -0.42
N GLU A 78 1.72 -18.59 0.06
CA GLU A 78 0.65 -19.07 -0.80
C GLU A 78 -0.50 -18.07 -0.84
N GLY A 79 -1.39 -18.15 0.13
CA GLY A 79 -2.52 -17.22 0.19
C GLY A 79 -3.45 -17.36 -1.00
N HIS A 80 -3.21 -16.54 -2.02
CA HIS A 80 -4.02 -16.56 -3.23
C HIS A 80 -3.11 -16.33 -4.44
N PRO A 81 -3.59 -16.63 -5.66
CA PRO A 81 -2.82 -16.41 -6.88
C PRO A 81 -2.36 -14.96 -7.03
N HIS A 82 -1.09 -14.73 -6.75
CA HIS A 82 -0.51 -13.39 -6.85
C HIS A 82 -0.03 -13.12 -8.27
N GLY A 83 -0.13 -14.13 -9.12
CA GLY A 83 0.34 -14.01 -10.48
C GLY A 83 -0.76 -13.59 -11.44
N TRP A 84 -1.09 -12.31 -11.44
CA TRP A 84 -2.08 -11.79 -12.37
C TRP A 84 -1.46 -11.76 -13.76
N PRO A 85 -2.26 -12.04 -14.82
CA PRO A 85 -1.78 -12.06 -16.22
C PRO A 85 -0.94 -10.85 -16.58
N GLY A 86 0.37 -11.03 -16.54
CA GLY A 86 1.29 -9.95 -16.82
C GLY A 86 2.53 -10.06 -15.97
N PHE A 87 3.48 -10.85 -16.42
CA PHE A 87 4.73 -11.05 -15.71
C PHE A 87 5.79 -10.09 -16.22
N ARG A 88 6.11 -9.10 -15.41
CA ARG A 88 7.11 -8.10 -15.76
C ARG A 88 8.34 -8.27 -14.88
N ARG A 89 9.46 -8.56 -15.51
CA ARG A 89 10.71 -8.76 -14.80
C ARG A 89 11.69 -7.64 -15.12
N ARG A 90 12.54 -7.31 -14.16
CA ARG A 90 13.57 -6.32 -14.39
C ARG A 90 14.86 -7.01 -14.81
N HIS A 91 15.31 -6.72 -16.02
CA HIS A 91 16.51 -7.33 -16.56
C HIS A 91 17.76 -6.65 -16.01
N ARG A 92 18.46 -7.35 -15.14
CA ARG A 92 19.72 -6.86 -14.61
C ARG A 92 20.87 -7.53 -15.35
N PHE A 93 21.89 -6.74 -15.68
CA PHE A 93 22.97 -7.22 -16.53
C PHE A 93 24.23 -7.51 -15.71
N GLY A 94 24.94 -8.54 -16.11
CA GLY A 94 26.18 -8.89 -15.45
C GLY A 94 27.35 -8.92 -16.41
N LYS A 95 28.19 -7.90 -16.33
CA LYS A 95 29.33 -7.78 -17.22
C LYS A 95 30.55 -8.49 -16.65
N ARG A 96 31.35 -9.08 -17.53
CA ARG A 96 32.58 -9.74 -17.14
C ARG A 96 33.75 -9.16 -17.92
N ALA A 97 34.63 -8.44 -17.23
CA ALA A 97 35.78 -7.82 -17.88
C ALA A 97 36.99 -8.73 -17.84
N LEU A 98 37.51 -9.06 -19.01
CA LEU A 98 38.68 -9.92 -19.12
C LEU A 98 39.84 -9.15 -19.74
N GLU A 99 40.93 -9.05 -19.00
CA GLU A 99 42.12 -8.35 -19.49
C GLU A 99 43.32 -9.29 -19.49
N HIS A 100 44.05 -9.29 -20.60
CA HIS A 100 45.24 -10.10 -20.73
C HIS A 100 46.04 -9.69 -21.96
N HIS A 101 47.35 -9.61 -21.81
CA HIS A 101 48.24 -9.33 -22.94
C HIS A 101 49.32 -10.41 -23.01
N HIS A 102 49.46 -11.01 -24.17
CA HIS A 102 50.36 -12.14 -24.35
C HIS A 102 51.82 -11.70 -24.43
N HIS A 103 52.04 -10.61 -25.15
CA HIS A 103 53.40 -10.11 -25.44
C HIS A 103 54.22 -11.19 -26.15
N HIS A 104 53.85 -11.46 -27.39
CA HIS A 104 54.55 -12.43 -28.23
C HIS A 104 54.54 -13.82 -27.61
N HIS A 105 53.34 -14.38 -27.45
CA HIS A 105 53.17 -15.73 -26.91
C HIS A 105 53.74 -15.82 -25.48
N MET A 1 -3.55 -7.83 5.62
CA MET A 1 -2.36 -7.19 6.26
C MET A 1 -2.32 -5.71 5.90
N LYS A 2 -2.11 -4.86 6.89
CA LYS A 2 -2.01 -3.43 6.66
C LYS A 2 -0.70 -3.09 5.98
N LEU A 3 -0.70 -1.99 5.23
CA LEU A 3 0.54 -1.46 4.66
C LEU A 3 1.44 -0.98 5.80
N SER A 4 0.82 -0.55 6.87
CA SER A 4 1.53 -0.09 8.06
C SER A 4 2.08 -1.26 8.87
N GLU A 5 1.65 -2.47 8.54
CA GLU A 5 2.13 -3.67 9.23
C GLU A 5 3.46 -4.12 8.66
N LEU A 6 3.81 -3.58 7.50
CA LEU A 6 5.08 -3.92 6.84
C LEU A 6 6.26 -3.32 7.60
N LYS A 7 7.47 -3.74 7.26
CA LYS A 7 8.64 -3.39 8.08
C LYS A 7 9.81 -2.88 7.23
N ALA A 8 9.50 -2.35 6.05
CA ALA A 8 10.51 -1.81 5.14
C ALA A 8 11.36 -2.91 4.53
N GLY A 9 11.49 -2.87 3.22
CA GLY A 9 12.16 -3.94 2.50
C GLY A 9 11.15 -4.92 1.93
N ASP A 10 9.90 -4.73 2.33
CA ASP A 10 8.81 -5.59 1.90
C ASP A 10 8.18 -5.06 0.63
N ARG A 11 7.88 -5.96 -0.29
CA ARG A 11 7.15 -5.60 -1.49
C ARG A 11 5.79 -6.29 -1.45
N ALA A 12 4.73 -5.52 -1.58
CA ALA A 12 3.38 -6.05 -1.44
C ALA A 12 2.47 -5.55 -2.54
N GLU A 13 1.40 -6.29 -2.80
CA GLU A 13 0.40 -5.89 -3.77
C GLU A 13 -0.80 -5.30 -3.04
N VAL A 14 -1.31 -4.18 -3.54
CA VAL A 14 -2.48 -3.55 -2.95
C VAL A 14 -3.74 -4.32 -3.32
N THR A 15 -4.30 -5.01 -2.33
CA THR A 15 -5.53 -5.77 -2.54
C THR A 15 -6.73 -4.84 -2.38
N SER A 16 -6.61 -3.87 -1.48
CA SER A 16 -7.65 -2.87 -1.28
C SER A 16 -7.10 -1.70 -0.49
N VAL A 17 -7.55 -0.50 -0.82
CA VAL A 17 -7.09 0.70 -0.14
C VAL A 17 -8.27 1.43 0.50
N ALA A 18 -8.31 1.46 1.82
CA ALA A 18 -9.36 2.15 2.55
C ALA A 18 -8.91 3.55 2.93
N ALA A 19 -9.49 4.54 2.29
CA ALA A 19 -9.13 5.93 2.53
C ALA A 19 -10.30 6.84 2.18
N GLU A 20 -10.27 8.06 2.70
CA GLU A 20 -11.30 9.03 2.41
C GLU A 20 -11.32 9.34 0.90
N PRO A 21 -12.52 9.61 0.35
CA PRO A 21 -12.71 9.80 -1.10
C PRO A 21 -11.61 10.62 -1.77
N ALA A 22 -11.33 11.81 -1.22
CA ALA A 22 -10.32 12.68 -1.79
C ALA A 22 -8.94 12.05 -1.73
N VAL A 23 -8.62 11.43 -0.60
CA VAL A 23 -7.31 10.85 -0.38
C VAL A 23 -7.12 9.61 -1.22
N ARG A 24 -8.16 8.78 -1.29
CA ARG A 24 -8.10 7.53 -2.02
C ARG A 24 -7.88 7.79 -3.51
N ARG A 25 -8.53 8.83 -4.04
CA ARG A 25 -8.37 9.19 -5.44
C ARG A 25 -6.99 9.81 -5.67
N ARG A 26 -6.55 10.61 -4.71
CA ARG A 26 -5.24 11.24 -4.76
C ARG A 26 -4.15 10.19 -4.87
N LEU A 27 -4.28 9.14 -4.06
CA LEU A 27 -3.33 8.03 -4.06
C LEU A 27 -3.34 7.32 -5.40
N MET A 28 -4.53 7.15 -5.97
CA MET A 28 -4.67 6.45 -7.25
C MET A 28 -4.06 7.27 -8.37
N ASP A 29 -4.19 8.58 -8.26
CA ASP A 29 -3.60 9.50 -9.23
C ASP A 29 -2.08 9.44 -9.17
N LEU A 30 -1.55 9.11 -8.00
CA LEU A 30 -0.11 8.95 -7.83
C LEU A 30 0.33 7.61 -8.39
N GLY A 31 -0.48 6.58 -8.17
CA GLY A 31 -0.16 5.27 -8.69
C GLY A 31 -0.57 4.15 -7.77
N LEU A 32 -1.21 4.50 -6.65
CA LEU A 32 -1.65 3.51 -5.69
C LEU A 32 -3.08 3.08 -6.00
N VAL A 33 -3.22 1.97 -6.70
CA VAL A 33 -4.52 1.43 -7.08
C VAL A 33 -4.60 -0.05 -6.74
N ARG A 34 -5.75 -0.66 -6.96
CA ARG A 34 -5.91 -2.10 -6.73
C ARG A 34 -5.09 -2.85 -7.78
N GLY A 35 -4.09 -3.59 -7.30
CA GLY A 35 -3.22 -4.30 -8.21
C GLY A 35 -1.86 -3.65 -8.33
N ALA A 36 -1.69 -2.54 -7.63
CA ALA A 36 -0.42 -1.83 -7.62
C ALA A 36 0.58 -2.56 -6.75
N LYS A 37 1.84 -2.55 -7.17
CA LYS A 37 2.91 -3.17 -6.41
C LYS A 37 3.72 -2.11 -5.71
N LEU A 38 3.77 -2.19 -4.39
CA LEU A 38 4.49 -1.20 -3.62
C LEU A 38 5.60 -1.83 -2.79
N LYS A 39 6.67 -1.11 -2.63
CA LYS A 39 7.77 -1.55 -1.79
C LYS A 39 8.04 -0.52 -0.71
N VAL A 40 7.93 -0.94 0.54
CA VAL A 40 8.18 -0.07 1.67
C VAL A 40 9.68 0.21 1.78
N LEU A 41 10.05 1.46 1.58
CA LEU A 41 11.45 1.85 1.56
C LEU A 41 11.99 2.00 2.98
N ARG A 42 11.24 2.74 3.81
CA ARG A 42 11.67 2.99 5.18
C ARG A 42 10.56 3.71 5.95
N PHE A 43 10.65 3.66 7.27
CA PHE A 43 9.74 4.39 8.13
C PHE A 43 10.50 5.45 8.91
N ALA A 44 9.86 6.58 9.14
CA ALA A 44 10.44 7.61 10.01
C ALA A 44 10.57 7.09 11.44
N PRO A 45 11.32 7.78 12.32
CA PRO A 45 11.56 7.33 13.71
C PRO A 45 10.28 7.23 14.55
N LEU A 46 9.13 7.44 13.92
CA LEU A 46 7.84 7.34 14.61
C LEU A 46 6.85 6.52 13.78
N GLY A 47 7.34 5.95 12.68
CA GLY A 47 6.47 5.20 11.78
C GLY A 47 5.65 6.11 10.90
N ASP A 48 5.92 7.40 11.01
CA ASP A 48 5.22 8.42 10.24
C ASP A 48 6.16 9.59 10.00
N PRO A 49 6.34 10.01 8.73
CA PRO A 49 5.66 9.42 7.58
C PRO A 49 6.31 8.11 7.10
N ILE A 50 5.79 7.61 5.98
CA ILE A 50 6.24 6.35 5.40
C ILE A 50 6.68 6.57 3.95
N GLU A 51 7.83 6.01 3.61
CA GLU A 51 8.36 6.09 2.25
C GLU A 51 8.09 4.78 1.52
N VAL A 52 7.31 4.83 0.46
CA VAL A 52 7.01 3.64 -0.32
C VAL A 52 7.19 3.88 -1.81
N ASN A 53 7.56 2.82 -2.52
CA ASN A 53 7.64 2.88 -3.97
C ASN A 53 6.48 2.10 -4.59
N CYS A 54 5.52 2.83 -5.14
CA CYS A 54 4.34 2.20 -5.71
C CYS A 54 4.38 2.27 -7.23
N ASN A 55 4.55 1.10 -7.85
CA ASN A 55 4.62 0.97 -9.32
C ASN A 55 5.74 1.82 -9.90
N GLY A 56 6.78 2.07 -9.11
CA GLY A 56 7.90 2.86 -9.58
C GLY A 56 7.83 4.31 -9.17
N MET A 57 6.74 4.70 -8.51
CA MET A 57 6.61 6.07 -8.01
C MET A 57 6.91 6.12 -6.53
N LEU A 58 7.77 7.05 -6.14
CA LEU A 58 8.15 7.22 -4.75
C LEU A 58 7.12 8.06 -4.03
N LEU A 59 6.27 7.41 -3.25
CA LEU A 59 5.18 8.11 -2.58
C LEU A 59 5.49 8.28 -1.10
N THR A 60 5.27 9.48 -0.61
CA THR A 60 5.38 9.74 0.82
C THR A 60 3.98 9.83 1.41
N MET A 61 3.68 8.96 2.36
CA MET A 61 2.36 8.94 2.98
C MET A 61 2.50 8.92 4.48
N ARG A 62 1.38 9.13 5.16
CA ARG A 62 1.36 9.09 6.60
C ARG A 62 0.94 7.71 7.06
N ARG A 63 0.97 7.50 8.37
CA ARG A 63 0.56 6.23 8.94
C ARG A 63 -0.94 5.99 8.70
N ASN A 64 -1.71 7.07 8.71
CA ASN A 64 -3.17 7.00 8.59
C ASN A 64 -3.58 6.21 7.35
N GLU A 65 -2.99 6.58 6.23
CA GLU A 65 -3.28 5.94 4.95
C GLU A 65 -2.89 4.46 5.00
N ALA A 66 -1.68 4.20 5.48
CA ALA A 66 -1.14 2.84 5.47
C ALA A 66 -1.95 1.88 6.34
N GLU A 67 -2.53 2.41 7.41
CA GLU A 67 -3.41 1.61 8.27
C GLU A 67 -4.66 1.20 7.51
N GLY A 68 -5.20 2.13 6.73
CA GLY A 68 -6.37 1.87 5.92
C GLY A 68 -6.09 0.89 4.79
N ILE A 69 -4.86 0.92 4.27
CA ILE A 69 -4.50 0.12 3.11
C ILE A 69 -4.27 -1.35 3.48
N THR A 70 -4.92 -2.24 2.75
CA THR A 70 -4.72 -3.66 2.90
C THR A 70 -3.84 -4.18 1.76
N VAL A 71 -2.70 -4.75 2.12
CA VAL A 71 -1.76 -5.25 1.14
C VAL A 71 -1.48 -6.73 1.36
N HIS A 72 -0.86 -7.35 0.39
CA HIS A 72 -0.42 -8.73 0.50
C HIS A 72 1.02 -8.86 0.00
N ILE A 73 1.89 -9.37 0.85
CA ILE A 73 3.31 -9.49 0.53
C ILE A 73 3.53 -10.40 -0.67
N LEU A 74 4.27 -9.90 -1.64
CA LEU A 74 4.53 -10.65 -2.86
C LEU A 74 5.71 -11.59 -2.68
N ALA A 75 5.42 -12.76 -2.12
CA ALA A 75 6.43 -13.77 -1.91
C ALA A 75 5.78 -15.12 -1.64
N GLY A 76 6.45 -16.18 -2.06
CA GLY A 76 5.96 -17.52 -1.79
C GLY A 76 6.41 -17.97 -0.42
N ASP A 77 5.73 -17.49 0.61
CA ASP A 77 6.12 -17.75 1.98
C ASP A 77 5.55 -19.09 2.45
N GLU A 78 5.72 -19.39 3.73
CA GLU A 78 5.28 -20.66 4.29
C GLU A 78 3.76 -20.79 4.23
N GLY A 79 3.08 -19.80 4.79
CA GLY A 79 1.63 -19.81 4.77
C GLY A 79 1.05 -18.42 4.70
N HIS A 80 1.17 -17.79 3.55
CA HIS A 80 0.67 -16.45 3.35
C HIS A 80 -0.86 -16.47 3.18
N PRO A 81 -1.55 -15.44 3.70
CA PRO A 81 -3.00 -15.37 3.69
C PRO A 81 -3.59 -15.17 2.29
N HIS A 82 -4.24 -16.20 1.78
CA HIS A 82 -4.86 -16.14 0.46
C HIS A 82 -6.19 -15.41 0.51
N GLY A 83 -6.60 -14.88 -0.63
CA GLY A 83 -7.85 -14.16 -0.71
C GLY A 83 -8.27 -13.91 -2.15
N TRP A 84 -9.45 -13.34 -2.34
CA TRP A 84 -9.94 -13.06 -3.68
C TRP A 84 -10.00 -11.55 -3.91
N PRO A 85 -9.65 -11.07 -5.11
CA PRO A 85 -9.66 -9.64 -5.42
C PRO A 85 -11.06 -9.11 -5.75
N GLY A 86 -12.05 -9.99 -5.70
CA GLY A 86 -13.41 -9.58 -6.00
C GLY A 86 -13.76 -9.82 -7.45
N PHE A 87 -13.09 -9.08 -8.34
CA PHE A 87 -13.32 -9.19 -9.79
C PHE A 87 -14.75 -8.80 -10.16
N ARG A 88 -14.96 -7.52 -10.45
CA ARG A 88 -16.27 -7.02 -10.84
C ARG A 88 -16.16 -6.18 -12.12
N ARG A 89 -16.84 -6.65 -13.17
CA ARG A 89 -16.92 -5.93 -14.45
C ARG A 89 -15.60 -5.96 -15.22
N ARG A 90 -15.69 -5.95 -16.54
CA ARG A 90 -14.53 -5.95 -17.41
C ARG A 90 -14.10 -4.52 -17.72
N HIS A 91 -13.00 -4.36 -18.44
CA HIS A 91 -12.50 -3.04 -18.78
C HIS A 91 -12.45 -2.84 -20.30
N ARG A 92 -12.24 -3.92 -21.03
CA ARG A 92 -12.09 -3.81 -22.48
C ARG A 92 -13.08 -4.72 -23.21
N PHE A 93 -13.57 -4.24 -24.34
CA PHE A 93 -14.38 -5.05 -25.24
C PHE A 93 -13.70 -5.06 -26.60
N GLY A 94 -13.01 -6.14 -26.91
CA GLY A 94 -12.04 -6.13 -27.98
C GLY A 94 -12.60 -6.48 -29.36
N LYS A 95 -12.66 -5.46 -30.22
CA LYS A 95 -12.91 -5.63 -31.65
C LYS A 95 -12.95 -4.25 -32.31
N ARG A 96 -12.64 -4.18 -33.60
CA ARG A 96 -12.65 -2.92 -34.33
C ARG A 96 -12.75 -3.16 -35.82
N ALA A 97 -13.56 -2.36 -36.50
CA ALA A 97 -13.66 -2.40 -37.94
C ALA A 97 -12.95 -1.20 -38.54
N LEU A 98 -11.76 -1.42 -39.09
CA LEU A 98 -10.94 -0.33 -39.59
C LEU A 98 -10.81 -0.39 -41.11
N GLU A 99 -11.86 -0.92 -41.74
CA GLU A 99 -11.89 -1.01 -43.19
C GLU A 99 -12.96 -0.09 -43.77
N HIS A 100 -12.61 0.62 -44.84
CA HIS A 100 -13.56 1.47 -45.53
C HIS A 100 -14.06 0.77 -46.79
N HIS A 101 -15.03 -0.10 -46.61
CA HIS A 101 -15.62 -0.84 -47.71
C HIS A 101 -17.13 -0.68 -47.67
N HIS A 102 -17.73 -0.42 -48.83
CA HIS A 102 -19.16 -0.18 -48.92
C HIS A 102 -19.97 -1.36 -48.37
N HIS A 103 -20.99 -1.04 -47.59
CA HIS A 103 -21.83 -2.04 -46.95
C HIS A 103 -23.25 -1.51 -46.84
N HIS A 104 -24.23 -2.42 -46.89
CA HIS A 104 -25.64 -2.03 -46.80
C HIS A 104 -26.22 -2.33 -45.42
N HIS A 105 -25.73 -3.41 -44.81
CA HIS A 105 -26.18 -3.80 -43.48
C HIS A 105 -25.19 -4.76 -42.85
N MET A 1 -3.69 -7.71 6.18
CA MET A 1 -2.48 -7.05 6.71
C MET A 1 -2.33 -5.67 6.09
N LYS A 2 -2.00 -4.70 6.92
CA LYS A 2 -1.95 -3.31 6.51
C LYS A 2 -0.65 -2.97 5.82
N LEU A 3 -0.68 -1.91 5.04
CA LEU A 3 0.51 -1.35 4.44
C LEU A 3 1.44 -0.80 5.52
N SER A 4 0.82 -0.37 6.62
CA SER A 4 1.55 0.13 7.77
C SER A 4 2.21 -0.99 8.56
N GLU A 5 1.72 -2.21 8.39
CA GLU A 5 2.23 -3.36 9.13
C GLU A 5 3.41 -3.98 8.40
N LEU A 6 3.73 -3.44 7.25
CA LEU A 6 4.86 -3.93 6.46
C LEU A 6 6.19 -3.58 7.10
N LYS A 7 7.27 -4.07 6.51
CA LYS A 7 8.61 -3.82 7.00
C LYS A 7 9.45 -3.11 5.94
N ALA A 8 10.54 -2.50 6.37
CA ALA A 8 11.42 -1.78 5.46
C ALA A 8 12.15 -2.76 4.54
N GLY A 9 11.76 -2.77 3.27
CA GLY A 9 12.36 -3.66 2.32
C GLY A 9 11.38 -4.71 1.83
N ASP A 10 10.17 -4.68 2.37
CA ASP A 10 9.14 -5.64 2.01
C ASP A 10 8.46 -5.23 0.71
N ARG A 11 8.21 -6.21 -0.16
CA ARG A 11 7.47 -5.98 -1.40
C ARG A 11 6.04 -6.46 -1.24
N ALA A 12 5.09 -5.63 -1.62
CA ALA A 12 3.68 -5.99 -1.46
C ALA A 12 2.85 -5.54 -2.65
N GLU A 13 1.71 -6.16 -2.80
CA GLU A 13 0.72 -5.77 -3.80
C GLU A 13 -0.54 -5.32 -3.09
N VAL A 14 -1.02 -4.12 -3.43
CA VAL A 14 -2.19 -3.56 -2.78
C VAL A 14 -3.45 -4.31 -3.18
N THR A 15 -4.18 -4.82 -2.19
CA THR A 15 -5.40 -5.56 -2.44
C THR A 15 -6.63 -4.71 -2.13
N SER A 16 -6.49 -3.76 -1.21
CA SER A 16 -7.60 -2.90 -0.84
C SER A 16 -7.10 -1.57 -0.28
N VAL A 17 -7.82 -0.49 -0.56
CA VAL A 17 -7.42 0.84 -0.13
C VAL A 17 -8.58 1.54 0.57
N ALA A 18 -8.32 2.07 1.76
CA ALA A 18 -9.31 2.85 2.47
C ALA A 18 -8.68 4.12 3.04
N ALA A 19 -9.17 5.27 2.60
CA ALA A 19 -8.67 6.55 3.05
C ALA A 19 -9.71 7.63 2.82
N GLU A 20 -9.41 8.86 3.23
CA GLU A 20 -10.32 9.98 2.99
C GLU A 20 -10.53 10.14 1.49
N PRO A 21 -11.74 10.56 1.08
CA PRO A 21 -12.15 10.63 -0.34
C PRO A 21 -11.09 11.26 -1.26
N ALA A 22 -10.62 12.43 -0.89
CA ALA A 22 -9.66 13.16 -1.72
C ALA A 22 -8.27 12.56 -1.61
N VAL A 23 -7.98 11.99 -0.45
CA VAL A 23 -6.68 11.40 -0.18
C VAL A 23 -6.54 10.08 -0.92
N ARG A 24 -7.61 9.28 -0.90
CA ARG A 24 -7.64 8.03 -1.62
C ARG A 24 -7.54 8.30 -3.12
N ARG A 25 -8.22 9.36 -3.56
CA ARG A 25 -8.12 9.81 -4.94
C ARG A 25 -6.67 10.07 -5.31
N ARG A 26 -5.96 10.80 -4.45
CA ARG A 26 -4.58 11.15 -4.70
C ARG A 26 -3.71 9.90 -4.82
N LEU A 27 -3.94 8.95 -3.92
CA LEU A 27 -3.20 7.69 -3.94
C LEU A 27 -3.47 6.92 -5.23
N MET A 28 -4.75 6.79 -5.57
CA MET A 28 -5.16 6.06 -6.77
C MET A 28 -4.76 6.82 -8.03
N ASP A 29 -4.69 8.14 -7.93
CA ASP A 29 -4.27 8.99 -9.04
C ASP A 29 -2.82 8.74 -9.38
N LEU A 30 -2.00 8.60 -8.35
CA LEU A 30 -0.59 8.31 -8.53
C LEU A 30 -0.41 6.91 -9.10
N GLY A 31 -0.82 5.92 -8.32
CA GLY A 31 -0.70 4.55 -8.76
C GLY A 31 -0.85 3.57 -7.62
N LEU A 32 -1.63 3.94 -6.62
CA LEU A 32 -1.90 3.06 -5.50
C LEU A 32 -3.32 2.51 -5.63
N VAL A 33 -3.44 1.41 -6.35
CA VAL A 33 -4.73 0.79 -6.62
C VAL A 33 -4.67 -0.71 -6.35
N ARG A 34 -5.79 -1.39 -6.55
CA ARG A 34 -5.82 -2.84 -6.39
C ARG A 34 -4.97 -3.47 -7.50
N GLY A 35 -3.92 -4.17 -7.10
CA GLY A 35 -3.02 -4.77 -8.07
C GLY A 35 -1.75 -3.98 -8.23
N ALA A 36 -1.66 -2.85 -7.55
CA ALA A 36 -0.46 -2.02 -7.57
C ALA A 36 0.62 -2.67 -6.72
N LYS A 37 1.81 -2.78 -7.27
CA LYS A 37 2.90 -3.47 -6.61
C LYS A 37 3.94 -2.45 -6.16
N LEU A 38 4.28 -2.50 -4.88
CA LEU A 38 5.18 -1.49 -4.32
C LEU A 38 6.23 -2.13 -3.40
N LYS A 39 7.25 -1.36 -3.09
CA LYS A 39 8.28 -1.78 -2.16
C LYS A 39 8.46 -0.74 -1.08
N VAL A 40 8.42 -1.17 0.17
CA VAL A 40 8.63 -0.27 1.29
C VAL A 40 10.09 0.19 1.33
N LEU A 41 10.28 1.50 1.43
CA LEU A 41 11.62 2.07 1.49
C LEU A 41 12.05 2.23 2.94
N ARG A 42 11.29 3.02 3.69
CA ARG A 42 11.61 3.26 5.09
C ARG A 42 10.41 3.91 5.80
N PHE A 43 10.43 3.84 7.11
CA PHE A 43 9.42 4.47 7.93
C PHE A 43 10.08 5.58 8.73
N ALA A 44 9.32 6.61 9.05
CA ALA A 44 9.81 7.65 9.94
C ALA A 44 9.92 7.10 11.36
N PRO A 45 10.65 7.79 12.26
CA PRO A 45 10.87 7.33 13.64
C PRO A 45 9.59 7.21 14.47
N LEU A 46 8.45 7.41 13.84
CA LEU A 46 7.17 7.29 14.53
C LEU A 46 6.20 6.44 13.72
N GLY A 47 6.72 5.86 12.63
CA GLY A 47 5.88 5.08 11.74
C GLY A 47 5.05 5.97 10.84
N ASP A 48 5.33 7.27 10.90
CA ASP A 48 4.59 8.26 10.13
C ASP A 48 5.51 9.45 9.85
N PRO A 49 5.68 9.82 8.57
CA PRO A 49 5.06 9.15 7.44
C PRO A 49 5.85 7.94 6.96
N ILE A 50 5.37 7.33 5.90
CA ILE A 50 6.00 6.16 5.31
C ILE A 50 6.44 6.43 3.88
N GLU A 51 7.66 6.04 3.55
CA GLU A 51 8.17 6.19 2.20
C GLU A 51 8.18 4.84 1.49
N VAL A 52 7.43 4.74 0.41
CA VAL A 52 7.34 3.49 -0.35
C VAL A 52 7.42 3.75 -1.84
N ASN A 53 8.05 2.85 -2.57
CA ASN A 53 8.09 2.96 -4.01
C ASN A 53 6.89 2.24 -4.60
N CYS A 54 5.88 3.00 -4.98
CA CYS A 54 4.65 2.44 -5.47
C CYS A 54 4.44 2.79 -6.93
N ASN A 55 4.31 1.75 -7.75
CA ASN A 55 4.04 1.90 -9.18
C ASN A 55 5.21 2.60 -9.88
N GLY A 56 6.40 2.49 -9.29
CA GLY A 56 7.59 3.07 -9.89
C GLY A 56 7.92 4.44 -9.33
N MET A 57 7.03 4.98 -8.51
CA MET A 57 7.22 6.32 -7.94
C MET A 57 7.42 6.24 -6.43
N LEU A 58 8.38 7.02 -5.92
CA LEU A 58 8.59 7.10 -4.49
C LEU A 58 7.50 7.94 -3.85
N LEU A 59 6.54 7.28 -3.23
CA LEU A 59 5.40 7.98 -2.66
C LEU A 59 5.58 8.13 -1.16
N THR A 60 4.99 9.15 -0.60
CA THR A 60 5.08 9.41 0.82
C THR A 60 3.70 9.76 1.37
N MET A 61 3.22 8.96 2.31
CA MET A 61 1.92 9.16 2.91
C MET A 61 1.97 8.85 4.39
N ARG A 62 0.88 9.13 5.08
CA ARG A 62 0.85 8.96 6.52
C ARG A 62 0.37 7.57 6.90
N ARG A 63 0.59 7.22 8.16
CA ARG A 63 0.22 5.92 8.65
C ARG A 63 -1.29 5.75 8.61
N ASN A 64 -1.99 6.87 8.71
CA ASN A 64 -3.45 6.90 8.65
C ASN A 64 -3.94 6.20 7.37
N GLU A 65 -3.32 6.53 6.25
CA GLU A 65 -3.64 5.91 4.98
C GLU A 65 -3.23 4.45 4.98
N ALA A 66 -1.99 4.19 5.39
CA ALA A 66 -1.42 2.85 5.36
C ALA A 66 -2.25 1.85 6.16
N GLU A 67 -2.85 2.32 7.25
CA GLU A 67 -3.76 1.50 8.05
C GLU A 67 -4.98 1.10 7.25
N GLY A 68 -5.53 2.07 6.51
CA GLY A 68 -6.66 1.82 5.65
C GLY A 68 -6.33 0.92 4.47
N ILE A 69 -5.06 0.83 4.13
CA ILE A 69 -4.62 0.05 2.98
C ILE A 69 -4.27 -1.38 3.39
N THR A 70 -4.91 -2.33 2.73
CA THR A 70 -4.60 -3.73 2.91
C THR A 70 -3.69 -4.21 1.79
N VAL A 71 -2.59 -4.85 2.13
CA VAL A 71 -1.64 -5.31 1.14
C VAL A 71 -1.36 -6.80 1.26
N HIS A 72 -0.80 -7.37 0.22
CA HIS A 72 -0.37 -8.76 0.24
C HIS A 72 1.10 -8.85 -0.18
N ILE A 73 1.91 -9.45 0.67
CA ILE A 73 3.34 -9.58 0.41
C ILE A 73 3.61 -10.46 -0.80
N LEU A 74 4.42 -9.94 -1.72
CA LEU A 74 4.73 -10.66 -2.94
C LEU A 74 5.87 -11.63 -2.71
N ALA A 75 5.57 -12.68 -1.96
CA ALA A 75 6.53 -13.74 -1.65
C ALA A 75 5.81 -14.90 -0.96
N GLY A 76 5.50 -15.93 -1.72
CA GLY A 76 4.82 -17.07 -1.17
C GLY A 76 3.55 -17.41 -1.92
N ASP A 77 3.58 -17.22 -3.23
CA ASP A 77 2.46 -17.53 -4.09
C ASP A 77 2.95 -18.09 -5.41
N GLU A 78 2.87 -19.41 -5.55
CA GLU A 78 3.34 -20.08 -6.75
C GLU A 78 2.39 -19.86 -7.92
N GLY A 79 2.92 -19.85 -9.13
CA GLY A 79 2.13 -19.54 -10.30
C GLY A 79 2.31 -18.10 -10.69
N HIS A 80 3.31 -17.46 -10.10
CA HIS A 80 3.59 -16.06 -10.33
C HIS A 80 4.40 -15.88 -11.62
N PRO A 81 4.30 -14.71 -12.26
CA PRO A 81 5.09 -14.40 -13.45
C PRO A 81 6.59 -14.32 -13.14
N HIS A 82 7.37 -15.15 -13.82
CA HIS A 82 8.81 -15.16 -13.61
C HIS A 82 9.53 -15.35 -14.95
N GLY A 83 10.00 -14.25 -15.50
CA GLY A 83 10.73 -14.29 -16.75
C GLY A 83 11.50 -13.01 -16.99
N TRP A 84 11.75 -12.27 -15.93
CA TRP A 84 12.40 -10.98 -16.02
C TRP A 84 13.49 -10.88 -14.96
N PRO A 85 14.63 -10.22 -15.28
CA PRO A 85 15.73 -10.02 -14.33
C PRO A 85 15.28 -9.39 -13.01
N GLY A 86 16.12 -9.52 -11.98
CA GLY A 86 15.79 -9.02 -10.67
C GLY A 86 15.97 -7.52 -10.56
N PHE A 87 15.54 -6.97 -9.43
CA PHE A 87 15.62 -5.54 -9.21
C PHE A 87 16.59 -5.23 -8.07
N ARG A 88 17.05 -3.98 -8.04
CA ARG A 88 18.00 -3.49 -7.02
C ARG A 88 19.41 -3.99 -7.30
N ARG A 89 20.36 -3.06 -7.27
CA ARG A 89 21.75 -3.37 -7.57
C ARG A 89 22.49 -3.73 -6.29
N ARG A 90 23.66 -4.35 -6.42
CA ARG A 90 24.47 -4.69 -5.27
C ARG A 90 25.15 -3.44 -4.72
N HIS A 91 24.61 -2.93 -3.62
CA HIS A 91 25.15 -1.72 -3.00
C HIS A 91 25.94 -2.06 -1.75
N ARG A 92 26.60 -1.05 -1.19
CA ARG A 92 27.34 -1.21 0.05
C ARG A 92 26.41 -1.60 1.19
N PHE A 93 26.94 -2.36 2.13
CA PHE A 93 26.15 -2.85 3.25
C PHE A 93 26.08 -1.81 4.35
N GLY A 94 24.87 -1.57 4.84
CA GLY A 94 24.69 -0.65 5.96
C GLY A 94 25.12 -1.27 7.28
N LYS A 95 26.37 -1.03 7.65
CA LYS A 95 26.92 -1.57 8.88
C LYS A 95 26.55 -0.69 10.06
N ARG A 96 26.42 -1.29 11.23
CA ARG A 96 26.15 -0.54 12.45
C ARG A 96 27.20 -0.85 13.51
N ALA A 97 27.96 0.17 13.88
CA ALA A 97 29.02 0.01 14.86
C ALA A 97 28.44 -0.04 16.27
N LEU A 98 28.94 -0.98 17.07
CA LEU A 98 28.45 -1.17 18.42
C LEU A 98 29.10 -0.17 19.36
N GLU A 99 28.29 0.66 19.99
CA GLU A 99 28.77 1.62 20.97
C GLU A 99 28.41 1.16 22.37
N HIS A 100 29.30 0.38 22.98
CA HIS A 100 29.07 -0.15 24.32
C HIS A 100 30.01 0.52 25.32
N HIS A 101 31.25 0.72 24.90
CA HIS A 101 32.30 1.32 25.74
C HIS A 101 32.70 0.37 26.87
N HIS A 102 33.89 0.56 27.41
CA HIS A 102 34.37 -0.27 28.49
C HIS A 102 33.96 0.28 29.84
N HIS A 103 32.65 0.42 30.03
CA HIS A 103 32.10 0.77 31.33
C HIS A 103 31.99 -0.49 32.18
N HIS A 104 31.83 -1.62 31.49
CA HIS A 104 31.76 -2.95 32.11
C HIS A 104 30.52 -3.05 33.00
N HIS A 105 30.48 -4.06 33.85
CA HIS A 105 29.34 -4.29 34.72
C HIS A 105 29.65 -3.80 36.12
N MET A 1 -3.01 -7.86 4.44
CA MET A 1 -2.29 -7.19 5.55
C MET A 1 -2.20 -5.69 5.27
N LYS A 2 -2.07 -4.88 6.32
CA LYS A 2 -2.04 -3.43 6.14
C LYS A 2 -0.68 -2.96 5.65
N LEU A 3 -0.68 -1.85 4.93
CA LEU A 3 0.56 -1.21 4.51
C LEU A 3 1.32 -0.72 5.74
N SER A 4 0.56 -0.37 6.77
CA SER A 4 1.14 0.07 8.05
C SER A 4 1.66 -1.12 8.86
N GLU A 5 1.27 -2.33 8.46
CA GLU A 5 1.71 -3.53 9.16
C GLU A 5 2.97 -4.10 8.52
N LEU A 6 3.43 -3.44 7.47
CA LEU A 6 4.63 -3.87 6.76
C LEU A 6 5.90 -3.45 7.49
N LYS A 7 7.03 -3.84 6.92
CA LYS A 7 8.33 -3.52 7.47
C LYS A 7 9.24 -2.98 6.38
N ALA A 8 10.27 -2.24 6.78
CA ALA A 8 11.20 -1.65 5.84
C ALA A 8 11.95 -2.74 5.08
N GLY A 9 11.67 -2.85 3.79
CA GLY A 9 12.26 -3.89 2.98
C GLY A 9 11.23 -4.87 2.46
N ASP A 10 9.99 -4.72 2.91
CA ASP A 10 8.92 -5.62 2.48
C ASP A 10 8.37 -5.20 1.12
N ARG A 11 7.85 -6.16 0.38
CA ARG A 11 7.30 -5.89 -0.93
C ARG A 11 5.92 -6.52 -1.05
N ALA A 12 4.92 -5.72 -1.38
CA ALA A 12 3.55 -6.19 -1.43
C ALA A 12 2.79 -5.55 -2.58
N GLU A 13 1.66 -6.15 -2.92
CA GLU A 13 0.78 -5.63 -3.95
C GLU A 13 -0.52 -5.16 -3.31
N VAL A 14 -0.91 -3.93 -3.59
CA VAL A 14 -2.12 -3.36 -3.02
C VAL A 14 -3.36 -4.05 -3.57
N THR A 15 -4.21 -4.55 -2.68
CA THR A 15 -5.45 -5.19 -3.08
C THR A 15 -6.64 -4.26 -2.84
N SER A 16 -6.45 -3.29 -1.95
CA SER A 16 -7.51 -2.34 -1.64
C SER A 16 -6.94 -1.13 -0.89
N VAL A 17 -7.38 0.06 -1.28
CA VAL A 17 -6.96 1.28 -0.62
C VAL A 17 -8.16 1.91 0.10
N ALA A 18 -8.15 1.85 1.42
CA ALA A 18 -9.22 2.44 2.19
C ALA A 18 -8.76 3.73 2.87
N ALA A 19 -9.55 4.77 2.73
CA ALA A 19 -9.27 6.07 3.33
C ALA A 19 -10.43 7.00 3.09
N GLU A 20 -10.31 8.24 3.55
CA GLU A 20 -11.32 9.26 3.26
C GLU A 20 -11.44 9.42 1.75
N PRO A 21 -12.66 9.66 1.24
CA PRO A 21 -12.94 9.73 -0.19
C PRO A 21 -11.92 10.57 -0.97
N ALA A 22 -11.62 11.76 -0.48
CA ALA A 22 -10.69 12.66 -1.14
C ALA A 22 -9.26 12.13 -1.10
N VAL A 23 -8.83 11.74 0.09
CA VAL A 23 -7.47 11.26 0.30
C VAL A 23 -7.24 9.95 -0.45
N ARG A 24 -8.26 9.09 -0.40
CA ARG A 24 -8.21 7.80 -1.07
C ARG A 24 -7.95 7.97 -2.55
N ARG A 25 -8.75 8.82 -3.19
CA ARG A 25 -8.64 9.03 -4.62
C ARG A 25 -7.39 9.81 -4.98
N ARG A 26 -6.91 10.61 -4.05
CA ARG A 26 -5.68 11.38 -4.26
C ARG A 26 -4.51 10.41 -4.48
N LEU A 27 -4.50 9.33 -3.69
CA LEU A 27 -3.47 8.31 -3.81
C LEU A 27 -3.71 7.44 -5.03
N MET A 28 -4.97 7.14 -5.29
CA MET A 28 -5.33 6.28 -6.42
C MET A 28 -4.98 6.94 -7.74
N ASP A 29 -5.25 8.25 -7.81
CA ASP A 29 -4.94 9.03 -8.99
C ASP A 29 -3.42 9.15 -9.21
N LEU A 30 -2.64 9.05 -8.14
CA LEU A 30 -1.20 9.05 -8.26
C LEU A 30 -0.72 7.74 -8.88
N GLY A 31 -1.34 6.65 -8.46
CA GLY A 31 -0.95 5.35 -8.97
C GLY A 31 -1.08 4.26 -7.91
N LEU A 32 -1.52 4.62 -6.72
CA LEU A 32 -1.69 3.66 -5.65
C LEU A 32 -3.08 3.05 -5.73
N VAL A 33 -3.20 1.98 -6.51
CA VAL A 33 -4.47 1.29 -6.68
C VAL A 33 -4.26 -0.22 -6.55
N ARG A 34 -5.31 -0.98 -6.76
CA ARG A 34 -5.20 -2.43 -6.74
C ARG A 34 -4.28 -2.89 -7.88
N GLY A 35 -3.25 -3.64 -7.53
CA GLY A 35 -2.32 -4.08 -8.53
C GLY A 35 -1.01 -3.31 -8.48
N ALA A 36 -1.01 -2.25 -7.68
CA ALA A 36 0.19 -1.48 -7.44
C ALA A 36 1.16 -2.29 -6.60
N LYS A 37 2.28 -2.65 -7.19
CA LYS A 37 3.29 -3.43 -6.50
C LYS A 37 4.32 -2.49 -5.91
N LEU A 38 4.43 -2.48 -4.59
CA LEU A 38 5.28 -1.51 -3.92
C LEU A 38 6.23 -2.18 -2.93
N LYS A 39 7.32 -1.50 -2.65
CA LYS A 39 8.26 -1.94 -1.64
C LYS A 39 8.45 -0.84 -0.61
N VAL A 40 8.30 -1.17 0.66
CA VAL A 40 8.52 -0.23 1.74
C VAL A 40 10.00 0.04 1.89
N LEU A 41 10.39 1.30 1.77
CA LEU A 41 11.79 1.67 1.88
C LEU A 41 12.19 1.80 3.34
N ARG A 42 11.61 2.79 4.02
CA ARG A 42 11.92 3.04 5.42
C ARG A 42 10.75 3.72 6.11
N PHE A 43 10.77 3.69 7.43
CA PHE A 43 9.79 4.41 8.23
C PHE A 43 10.45 5.63 8.86
N ALA A 44 9.70 6.71 8.99
CA ALA A 44 10.19 7.89 9.68
C ALA A 44 10.44 7.56 11.16
N PRO A 45 11.21 8.41 11.88
CA PRO A 45 11.56 8.17 13.30
C PRO A 45 10.35 8.12 14.24
N LEU A 46 9.15 8.16 13.68
CA LEU A 46 7.93 8.13 14.46
C LEU A 46 6.95 7.11 13.87
N GLY A 47 7.44 6.31 12.92
CA GLY A 47 6.60 5.34 12.25
C GLY A 47 5.64 5.99 11.28
N ASP A 48 5.90 7.26 10.99
CA ASP A 48 5.03 8.07 10.16
C ASP A 48 5.74 9.37 9.78
N PRO A 49 5.78 9.72 8.50
CA PRO A 49 5.16 8.95 7.41
C PRO A 49 6.00 7.75 6.96
N ILE A 50 5.60 7.18 5.82
CA ILE A 50 6.27 6.01 5.26
C ILE A 50 6.69 6.28 3.83
N GLU A 51 7.89 5.83 3.47
CA GLU A 51 8.39 5.95 2.10
C GLU A 51 8.25 4.61 1.39
N VAL A 52 7.46 4.59 0.33
CA VAL A 52 7.25 3.35 -0.42
C VAL A 52 7.54 3.57 -1.91
N ASN A 53 8.20 2.59 -2.50
CA ASN A 53 8.42 2.60 -3.94
C ASN A 53 7.30 1.83 -4.62
N CYS A 54 6.35 2.55 -5.18
CA CYS A 54 5.15 1.96 -5.73
C CYS A 54 5.20 1.97 -7.26
N ASN A 55 5.29 0.79 -7.86
CA ASN A 55 5.28 0.64 -9.32
C ASN A 55 6.52 1.28 -9.95
N GLY A 56 7.57 1.44 -9.15
CA GLY A 56 8.77 2.11 -9.64
C GLY A 56 8.67 3.62 -9.48
N MET A 57 7.67 4.03 -8.73
CA MET A 57 7.42 5.44 -8.49
C MET A 57 7.54 5.74 -7.00
N LEU A 58 8.11 6.87 -6.65
CA LEU A 58 8.35 7.22 -5.26
C LEU A 58 7.09 7.83 -4.65
N LEU A 59 6.49 7.10 -3.72
CA LEU A 59 5.28 7.55 -3.06
C LEU A 59 5.57 7.80 -1.59
N THR A 60 4.92 8.80 -1.02
CA THR A 60 5.08 9.13 0.38
C THR A 60 3.72 9.39 1.00
N MET A 61 3.37 8.61 2.00
CA MET A 61 2.07 8.73 2.65
C MET A 61 2.20 8.53 4.15
N ARG A 62 1.15 8.90 4.86
CA ARG A 62 1.15 8.85 6.31
C ARG A 62 0.61 7.53 6.80
N ARG A 63 0.82 7.22 8.08
CA ARG A 63 0.38 5.94 8.61
C ARG A 63 -1.14 5.83 8.57
N ASN A 64 -1.83 6.94 8.79
CA ASN A 64 -3.30 6.93 8.80
C ASN A 64 -3.83 6.48 7.44
N GLU A 65 -3.06 6.74 6.38
CA GLU A 65 -3.38 6.20 5.06
C GLU A 65 -3.03 4.71 5.02
N ALA A 66 -1.82 4.38 5.48
CA ALA A 66 -1.30 3.02 5.42
C ALA A 66 -2.15 2.02 6.19
N GLU A 67 -2.82 2.49 7.23
CA GLU A 67 -3.74 1.66 7.99
C GLU A 67 -4.93 1.27 7.13
N GLY A 68 -5.47 2.23 6.40
CA GLY A 68 -6.57 1.95 5.50
C GLY A 68 -6.15 1.09 4.33
N ILE A 69 -4.92 1.26 3.87
CA ILE A 69 -4.42 0.54 2.71
C ILE A 69 -4.12 -0.91 3.07
N THR A 70 -4.71 -1.82 2.32
CA THR A 70 -4.53 -3.23 2.54
C THR A 70 -3.79 -3.86 1.36
N VAL A 71 -2.70 -4.54 1.66
CA VAL A 71 -1.84 -5.11 0.65
C VAL A 71 -1.75 -6.63 0.80
N HIS A 72 -1.40 -7.29 -0.28
CA HIS A 72 -1.13 -8.72 -0.26
C HIS A 72 0.36 -8.94 -0.47
N ILE A 73 0.96 -9.69 0.44
CA ILE A 73 2.41 -9.89 0.44
C ILE A 73 2.90 -10.62 -0.81
N LEU A 74 3.83 -9.99 -1.50
CA LEU A 74 4.47 -10.61 -2.66
C LEU A 74 5.70 -11.37 -2.22
N ALA A 75 5.50 -12.60 -1.80
CA ALA A 75 6.58 -13.44 -1.34
C ALA A 75 6.26 -14.90 -1.59
N GLY A 76 7.16 -15.78 -1.19
CA GLY A 76 6.99 -17.19 -1.45
C GLY A 76 7.91 -17.66 -2.56
N ASP A 77 7.34 -17.95 -3.71
CA ASP A 77 8.12 -18.46 -4.83
C ASP A 77 7.32 -18.32 -6.13
N GLU A 78 7.96 -18.61 -7.25
CA GLU A 78 7.36 -18.49 -8.57
C GLU A 78 7.15 -17.01 -8.93
N GLY A 79 8.11 -16.45 -9.65
CA GLY A 79 8.03 -15.06 -10.04
C GLY A 79 8.96 -14.76 -11.20
N HIS A 80 9.34 -13.51 -11.35
CA HIS A 80 10.22 -13.09 -12.43
C HIS A 80 11.56 -12.62 -11.84
N PRO A 81 12.49 -13.56 -11.65
CA PRO A 81 13.74 -13.32 -10.92
C PRO A 81 14.73 -12.40 -11.65
N HIS A 82 14.89 -11.20 -11.12
CA HIS A 82 15.94 -10.28 -11.57
C HIS A 82 17.01 -10.12 -10.50
N GLY A 83 16.56 -9.94 -9.27
CA GLY A 83 17.47 -9.75 -8.17
C GLY A 83 17.62 -8.28 -7.82
N TRP A 84 17.79 -7.99 -6.54
CA TRP A 84 17.88 -6.61 -6.08
C TRP A 84 19.08 -6.47 -5.15
N PRO A 85 19.81 -5.35 -5.23
CA PRO A 85 20.96 -5.08 -4.36
C PRO A 85 20.58 -4.97 -2.88
N GLY A 86 19.62 -4.11 -2.59
CA GLY A 86 19.18 -3.91 -1.23
C GLY A 86 19.78 -2.68 -0.61
N PHE A 87 19.92 -2.68 0.71
CA PHE A 87 20.47 -1.54 1.43
C PHE A 87 21.62 -1.98 2.33
N ARG A 88 22.84 -1.70 1.90
CA ARG A 88 24.02 -2.02 2.69
C ARG A 88 24.27 -0.94 3.74
N ARG A 89 23.46 0.10 3.68
CA ARG A 89 23.57 1.21 4.62
C ARG A 89 22.25 1.47 5.32
N ARG A 90 22.32 1.63 6.62
CA ARG A 90 21.16 1.90 7.44
C ARG A 90 21.54 2.87 8.54
N HIS A 91 20.57 3.69 8.96
CA HIS A 91 20.79 4.68 10.01
C HIS A 91 21.86 5.70 9.60
N ARG A 92 22.28 6.50 10.58
CA ARG A 92 23.35 7.47 10.38
C ARG A 92 23.74 8.07 11.73
N PHE A 93 23.61 7.26 12.78
CA PHE A 93 23.87 7.68 14.16
C PHE A 93 22.80 8.66 14.64
N GLY A 94 22.92 9.07 15.90
CA GLY A 94 21.95 9.96 16.50
C GLY A 94 21.72 9.60 17.95
N LYS A 95 20.53 9.89 18.45
CA LYS A 95 20.20 9.54 19.82
C LYS A 95 18.72 9.17 19.93
N ARG A 96 18.46 7.93 20.32
CA ARG A 96 17.10 7.47 20.52
C ARG A 96 16.83 7.35 22.00
N ALA A 97 16.18 8.36 22.57
CA ALA A 97 15.87 8.37 23.98
C ALA A 97 14.38 8.60 24.21
N LEU A 98 13.70 7.57 24.65
CA LEU A 98 12.31 7.68 25.02
C LEU A 98 12.22 8.14 26.47
N GLU A 99 12.25 9.44 26.65
CA GLU A 99 12.30 10.03 27.98
C GLU A 99 10.95 9.90 28.67
N HIS A 100 11.00 9.83 30.00
CA HIS A 100 9.79 9.70 30.80
C HIS A 100 9.11 11.05 30.96
N HIS A 101 7.86 11.04 31.38
CA HIS A 101 7.13 12.29 31.59
C HIS A 101 6.34 12.24 32.89
N HIS A 102 6.47 13.30 33.68
CA HIS A 102 5.72 13.49 34.92
C HIS A 102 6.10 12.43 35.97
N HIS A 103 5.56 12.59 37.17
CA HIS A 103 5.78 11.63 38.24
C HIS A 103 4.50 10.86 38.56
N HIS A 104 4.66 9.58 38.89
CA HIS A 104 3.52 8.71 39.20
C HIS A 104 2.57 8.60 38.00
N HIS A 105 1.36 8.12 38.26
CA HIS A 105 0.26 8.11 37.29
C HIS A 105 0.53 7.12 36.15
N MET A 1 -3.77 -7.82 5.56
CA MET A 1 -2.63 -7.11 6.18
C MET A 1 -2.64 -5.66 5.76
N LYS A 2 -2.21 -4.78 6.66
CA LYS A 2 -2.19 -3.35 6.38
C LYS A 2 -0.86 -2.94 5.79
N LEU A 3 -0.87 -1.88 5.02
CA LEU A 3 0.36 -1.31 4.49
C LEU A 3 1.21 -0.75 5.63
N SER A 4 0.55 -0.31 6.69
CA SER A 4 1.24 0.20 7.86
C SER A 4 1.86 -0.93 8.68
N GLU A 5 1.44 -2.16 8.41
CA GLU A 5 1.95 -3.34 9.13
C GLU A 5 3.19 -3.89 8.43
N LEU A 6 3.41 -3.47 7.20
CA LEU A 6 4.55 -3.94 6.43
C LEU A 6 5.88 -3.56 7.07
N LYS A 7 6.95 -4.17 6.59
CA LYS A 7 8.27 -3.96 7.14
C LYS A 7 9.14 -3.20 6.13
N ALA A 8 10.21 -2.59 6.62
CA ALA A 8 11.10 -1.84 5.75
C ALA A 8 11.87 -2.79 4.83
N GLY A 9 11.45 -2.82 3.57
CA GLY A 9 12.09 -3.70 2.61
C GLY A 9 11.16 -4.77 2.08
N ASP A 10 9.95 -4.84 2.64
CA ASP A 10 8.99 -5.85 2.21
C ASP A 10 8.24 -5.42 0.94
N ARG A 11 7.91 -6.39 0.11
CA ARG A 11 7.24 -6.15 -1.16
C ARG A 11 5.81 -6.70 -1.10
N ALA A 12 4.83 -5.88 -1.46
CA ALA A 12 3.44 -6.29 -1.35
C ALA A 12 2.60 -5.84 -2.54
N GLU A 13 1.41 -6.40 -2.62
CA GLU A 13 0.43 -6.06 -3.64
C GLU A 13 -0.75 -5.35 -3.00
N VAL A 14 -1.19 -4.25 -3.58
CA VAL A 14 -2.36 -3.55 -3.06
C VAL A 14 -3.63 -4.28 -3.49
N THR A 15 -4.30 -4.92 -2.53
CA THR A 15 -5.52 -5.63 -2.81
C THR A 15 -6.73 -4.70 -2.67
N SER A 16 -6.70 -3.87 -1.64
CA SER A 16 -7.76 -2.90 -1.41
C SER A 16 -7.24 -1.71 -0.61
N VAL A 17 -7.07 -0.59 -1.28
CA VAL A 17 -6.64 0.64 -0.64
C VAL A 17 -7.85 1.39 -0.09
N ALA A 18 -7.98 1.41 1.23
CA ALA A 18 -9.04 2.18 1.87
C ALA A 18 -8.48 3.43 2.50
N ALA A 19 -9.21 4.52 2.39
CA ALA A 19 -8.79 5.81 2.92
C ALA A 19 -9.91 6.80 2.78
N GLU A 20 -9.66 8.06 3.16
CA GLU A 20 -10.62 9.12 2.93
C GLU A 20 -10.89 9.21 1.43
N PRO A 21 -12.14 9.50 1.03
CA PRO A 21 -12.51 9.59 -0.39
C PRO A 21 -11.56 10.49 -1.18
N ALA A 22 -11.21 11.63 -0.60
CA ALA A 22 -10.29 12.57 -1.24
C ALA A 22 -8.88 11.99 -1.33
N VAL A 23 -8.45 11.33 -0.27
CA VAL A 23 -7.09 10.80 -0.19
C VAL A 23 -6.94 9.59 -1.10
N ARG A 24 -7.92 8.70 -1.06
CA ARG A 24 -7.94 7.52 -1.90
C ARG A 24 -7.92 7.92 -3.36
N ARG A 25 -8.71 8.93 -3.71
CA ARG A 25 -8.73 9.48 -5.05
C ARG A 25 -7.33 9.97 -5.45
N ARG A 26 -6.67 10.68 -4.56
CA ARG A 26 -5.36 11.22 -4.82
C ARG A 26 -4.34 10.09 -4.98
N LEU A 27 -4.38 9.13 -4.06
CA LEU A 27 -3.47 7.98 -4.11
C LEU A 27 -3.66 7.20 -5.41
N MET A 28 -4.91 6.94 -5.77
CA MET A 28 -5.23 6.18 -6.97
C MET A 28 -4.79 6.94 -8.22
N ASP A 29 -4.88 8.26 -8.15
CA ASP A 29 -4.51 9.11 -9.27
C ASP A 29 -2.99 9.15 -9.43
N LEU A 30 -2.27 9.01 -8.33
CA LEU A 30 -0.82 8.94 -8.38
C LEU A 30 -0.39 7.60 -8.97
N GLY A 31 -1.04 6.53 -8.54
CA GLY A 31 -0.71 5.22 -9.04
C GLY A 31 -1.04 4.11 -8.06
N LEU A 32 -1.39 4.48 -6.84
CA LEU A 32 -1.71 3.50 -5.80
C LEU A 32 -3.13 2.99 -6.01
N VAL A 33 -3.26 1.94 -6.79
CA VAL A 33 -4.55 1.34 -7.07
C VAL A 33 -4.49 -0.16 -6.76
N ARG A 34 -5.61 -0.84 -6.96
CA ARG A 34 -5.65 -2.29 -6.80
C ARG A 34 -4.78 -2.92 -7.89
N GLY A 35 -3.70 -3.57 -7.47
CA GLY A 35 -2.79 -4.16 -8.43
C GLY A 35 -1.49 -3.37 -8.53
N ALA A 36 -1.39 -2.30 -7.75
CA ALA A 36 -0.15 -1.55 -7.65
C ALA A 36 0.86 -2.29 -6.78
N LYS A 37 1.96 -2.72 -7.38
CA LYS A 37 3.04 -3.35 -6.65
C LYS A 37 3.86 -2.28 -5.95
N LEU A 38 4.07 -2.43 -4.65
CA LEU A 38 4.77 -1.43 -3.90
C LEU A 38 5.74 -2.08 -2.91
N LYS A 39 6.75 -1.31 -2.54
CA LYS A 39 7.72 -1.75 -1.55
C LYS A 39 7.94 -0.66 -0.51
N VAL A 40 7.92 -1.06 0.76
CA VAL A 40 8.17 -0.14 1.85
C VAL A 40 9.64 0.20 1.91
N LEU A 41 9.97 1.47 1.69
CA LEU A 41 11.34 1.91 1.61
C LEU A 41 11.93 2.08 3.01
N ARG A 42 11.26 2.88 3.83
CA ARG A 42 11.71 3.14 5.19
C ARG A 42 10.61 3.86 5.96
N PHE A 43 10.73 3.87 7.26
CA PHE A 43 9.79 4.57 8.12
C PHE A 43 10.47 5.80 8.71
N ALA A 44 9.68 6.83 9.01
CA ALA A 44 10.21 7.99 9.71
C ALA A 44 10.59 7.61 11.13
N PRO A 45 11.35 8.47 11.85
CA PRO A 45 11.82 8.19 13.23
C PRO A 45 10.69 7.96 14.25
N LEU A 46 9.45 7.93 13.78
CA LEU A 46 8.31 7.70 14.66
C LEU A 46 7.38 6.65 14.04
N GLY A 47 7.86 5.97 13.02
CA GLY A 47 7.05 4.98 12.32
C GLY A 47 6.03 5.62 11.42
N ASP A 48 6.10 6.95 11.33
CA ASP A 48 5.16 7.75 10.56
C ASP A 48 5.78 9.12 10.28
N PRO A 49 5.72 9.60 9.03
CA PRO A 49 5.08 8.89 7.91
C PRO A 49 5.92 7.75 7.34
N ILE A 50 5.50 7.23 6.19
CA ILE A 50 6.16 6.09 5.57
C ILE A 50 6.51 6.39 4.11
N GLU A 51 7.70 5.97 3.69
CA GLU A 51 8.10 6.08 2.29
C GLU A 51 7.83 4.77 1.56
N VAL A 52 7.05 4.83 0.49
CA VAL A 52 6.75 3.63 -0.28
C VAL A 52 7.05 3.83 -1.76
N ASN A 53 7.59 2.80 -2.38
CA ASN A 53 7.82 2.80 -3.82
C ASN A 53 6.66 2.11 -4.51
N CYS A 54 5.75 2.89 -5.07
CA CYS A 54 4.58 2.36 -5.72
C CYS A 54 4.71 2.46 -7.23
N ASN A 55 4.82 1.30 -7.88
CA ASN A 55 4.88 1.21 -9.35
C ASN A 55 6.06 1.99 -9.91
N GLY A 56 7.14 2.10 -9.13
CA GLY A 56 8.34 2.75 -9.60
C GLY A 56 8.41 4.20 -9.19
N MET A 57 7.40 4.67 -8.47
CA MET A 57 7.35 6.05 -8.01
C MET A 57 7.56 6.12 -6.50
N LEU A 58 8.34 7.10 -6.08
CA LEU A 58 8.62 7.30 -4.66
C LEU A 58 7.65 8.34 -4.10
N LEU A 59 6.67 7.89 -3.34
CA LEU A 59 5.70 8.79 -2.75
C LEU A 59 5.58 8.54 -1.25
N THR A 60 5.61 9.61 -0.49
CA THR A 60 5.57 9.51 0.96
C THR A 60 4.19 9.90 1.48
N MET A 61 3.56 8.97 2.20
CA MET A 61 2.25 9.22 2.78
C MET A 61 2.27 8.95 4.27
N ARG A 62 1.16 9.21 4.94
CA ARG A 62 1.10 9.11 6.40
C ARG A 62 0.69 7.70 6.80
N ARG A 63 1.14 7.26 7.98
CA ARG A 63 0.89 5.89 8.44
C ARG A 63 -0.60 5.65 8.63
N ASN A 64 -1.33 6.70 9.02
CA ASN A 64 -2.77 6.62 9.20
C ASN A 64 -3.46 6.31 7.88
N GLU A 65 -2.86 6.74 6.78
CA GLU A 65 -3.37 6.45 5.45
C GLU A 65 -3.08 4.98 5.12
N ALA A 66 -1.89 4.55 5.49
CA ALA A 66 -1.43 3.18 5.24
C ALA A 66 -2.25 2.16 6.02
N GLU A 67 -2.84 2.58 7.13
CA GLU A 67 -3.69 1.70 7.93
C GLU A 67 -4.90 1.25 7.13
N GLY A 68 -5.51 2.18 6.41
CA GLY A 68 -6.65 1.84 5.57
C GLY A 68 -6.27 0.94 4.41
N ILE A 69 -5.03 1.10 3.94
CA ILE A 69 -4.55 0.35 2.78
C ILE A 69 -4.27 -1.10 3.15
N THR A 70 -5.00 -2.00 2.52
CA THR A 70 -4.84 -3.42 2.74
C THR A 70 -3.97 -4.03 1.64
N VAL A 71 -2.88 -4.66 2.04
CA VAL A 71 -1.93 -5.24 1.11
C VAL A 71 -1.70 -6.71 1.41
N HIS A 72 -1.11 -7.42 0.46
CA HIS A 72 -0.70 -8.78 0.66
C HIS A 72 0.74 -8.94 0.17
N ILE A 73 1.61 -9.46 1.04
CA ILE A 73 3.01 -9.63 0.71
C ILE A 73 3.19 -10.56 -0.48
N LEU A 74 3.97 -10.11 -1.46
CA LEU A 74 4.20 -10.88 -2.67
C LEU A 74 5.28 -11.93 -2.46
N ALA A 75 4.88 -13.07 -1.93
CA ALA A 75 5.77 -14.18 -1.69
C ALA A 75 4.98 -15.46 -1.54
N GLY A 76 5.67 -16.56 -1.31
CA GLY A 76 5.00 -17.83 -1.09
C GLY A 76 4.55 -17.98 0.35
N ASP A 77 4.27 -19.22 0.75
CA ASP A 77 3.85 -19.48 2.13
C ASP A 77 5.05 -19.55 3.05
N GLU A 78 5.30 -18.44 3.74
CA GLU A 78 6.43 -18.37 4.66
C GLU A 78 6.18 -19.27 5.85
N GLY A 79 6.92 -20.36 5.90
CA GLY A 79 6.79 -21.29 7.00
C GLY A 79 8.02 -22.18 7.08
N HIS A 80 9.16 -21.63 6.73
CA HIS A 80 10.40 -22.38 6.70
C HIS A 80 11.53 -21.54 7.30
N PRO A 81 12.58 -22.18 7.84
CA PRO A 81 13.75 -21.47 8.36
C PRO A 81 14.51 -20.78 7.23
N HIS A 82 14.05 -19.58 6.88
CA HIS A 82 14.58 -18.81 5.76
C HIS A 82 14.50 -19.61 4.46
N GLY A 83 13.34 -19.54 3.81
CA GLY A 83 13.12 -20.29 2.59
C GLY A 83 13.45 -19.51 1.33
N TRP A 84 14.29 -18.49 1.49
CA TRP A 84 14.71 -17.67 0.37
C TRP A 84 16.18 -17.88 0.06
N PRO A 85 16.55 -17.70 -1.22
CA PRO A 85 17.95 -17.85 -1.68
C PRO A 85 18.89 -16.93 -0.91
N GLY A 86 19.87 -17.53 -0.25
CA GLY A 86 20.81 -16.78 0.53
C GLY A 86 20.73 -17.12 2.00
N PHE A 87 20.98 -16.13 2.85
CA PHE A 87 20.93 -16.32 4.29
C PHE A 87 20.75 -14.99 5.00
N ARG A 88 19.60 -14.81 5.65
CA ARG A 88 19.33 -13.59 6.38
C ARG A 88 18.86 -13.90 7.80
N ARG A 89 19.78 -13.75 8.74
CA ARG A 89 19.48 -13.91 10.14
C ARG A 89 20.22 -12.81 10.90
N ARG A 90 19.62 -11.63 10.92
CA ARG A 90 20.31 -10.43 11.39
C ARG A 90 19.74 -9.98 12.73
N HIS A 91 18.88 -10.79 13.32
CA HIS A 91 18.27 -10.45 14.60
C HIS A 91 19.25 -10.68 15.75
N ARG A 92 20.25 -9.82 15.82
CA ARG A 92 21.25 -9.87 16.89
C ARG A 92 22.04 -8.58 16.92
N PHE A 93 21.72 -7.73 17.89
CA PHE A 93 22.43 -6.48 18.06
C PHE A 93 23.52 -6.64 19.12
N GLY A 94 23.15 -7.27 20.23
CA GLY A 94 24.11 -7.51 21.28
C GLY A 94 23.69 -6.90 22.60
N LYS A 95 23.89 -7.62 23.69
CA LYS A 95 23.57 -7.13 25.01
C LYS A 95 24.60 -7.65 26.02
N ARG A 96 25.44 -6.76 26.50
CA ARG A 96 26.55 -7.14 27.36
C ARG A 96 26.12 -7.31 28.81
N ALA A 97 26.42 -8.49 29.35
CA ALA A 97 26.24 -8.74 30.77
C ALA A 97 27.59 -8.60 31.46
N LEU A 98 27.69 -7.67 32.39
CA LEU A 98 28.94 -7.43 33.10
C LEU A 98 28.70 -7.19 34.59
N GLU A 99 28.82 -8.27 35.36
CA GLU A 99 28.65 -8.17 36.80
C GLU A 99 29.68 -9.05 37.51
N HIS A 100 30.89 -8.52 37.63
CA HIS A 100 31.96 -9.23 38.32
C HIS A 100 31.72 -9.21 39.82
N HIS A 101 31.83 -8.01 40.41
CA HIS A 101 31.61 -7.81 41.84
C HIS A 101 32.63 -8.57 42.67
N HIS A 102 33.59 -7.84 43.22
CA HIS A 102 34.60 -8.45 44.08
C HIS A 102 34.51 -7.87 45.48
N HIS A 103 34.93 -8.66 46.45
CA HIS A 103 34.97 -8.23 47.83
C HIS A 103 36.27 -8.69 48.47
N HIS A 104 36.57 -8.21 49.66
CA HIS A 104 37.77 -8.65 50.36
C HIS A 104 37.49 -8.82 51.84
N HIS A 105 38.32 -9.58 52.51
CA HIS A 105 38.12 -9.88 53.91
C HIS A 105 39.45 -9.83 54.64
N MET A 1 -3.79 -7.79 6.14
CA MET A 1 -2.50 -7.19 6.54
C MET A 1 -2.41 -5.76 6.00
N LYS A 2 -2.03 -4.84 6.87
CA LYS A 2 -1.97 -3.43 6.52
C LYS A 2 -0.66 -3.08 5.85
N LEU A 3 -0.67 -2.02 5.06
CA LEU A 3 0.55 -1.48 4.47
C LEU A 3 1.45 -0.93 5.56
N SER A 4 0.84 -0.43 6.63
CA SER A 4 1.57 0.09 7.77
C SER A 4 2.14 -1.03 8.65
N GLU A 5 1.66 -2.25 8.43
CA GLU A 5 2.12 -3.39 9.20
C GLU A 5 3.35 -4.01 8.56
N LEU A 6 3.70 -3.52 7.38
CA LEU A 6 4.92 -3.95 6.71
C LEU A 6 6.13 -3.37 7.43
N LYS A 7 7.30 -3.91 7.15
CA LYS A 7 8.47 -3.63 7.96
C LYS A 7 9.68 -3.26 7.11
N ALA A 8 9.42 -2.63 5.96
CA ALA A 8 10.46 -2.14 5.04
C ALA A 8 11.15 -3.28 4.30
N GLY A 9 11.37 -3.08 3.01
CA GLY A 9 11.97 -4.11 2.18
C GLY A 9 10.94 -5.09 1.65
N ASP A 10 9.71 -4.95 2.14
CA ASP A 10 8.64 -5.85 1.76
C ASP A 10 8.06 -5.47 0.41
N ARG A 11 7.85 -6.46 -0.45
CA ARG A 11 7.15 -6.24 -1.71
C ARG A 11 5.72 -6.73 -1.56
N ALA A 12 4.76 -5.85 -1.74
CA ALA A 12 3.37 -6.20 -1.50
C ALA A 12 2.47 -5.70 -2.61
N GLU A 13 1.47 -6.51 -2.94
CA GLU A 13 0.47 -6.12 -3.91
C GLU A 13 -0.70 -5.47 -3.20
N VAL A 14 -1.12 -4.32 -3.70
CA VAL A 14 -2.26 -3.62 -3.13
C VAL A 14 -3.56 -4.25 -3.60
N THR A 15 -4.31 -4.82 -2.66
CA THR A 15 -5.57 -5.46 -2.98
C THR A 15 -6.75 -4.53 -2.71
N SER A 16 -6.63 -3.70 -1.68
CA SER A 16 -7.70 -2.77 -1.33
C SER A 16 -7.12 -1.56 -0.60
N VAL A 17 -7.73 -0.40 -0.81
CA VAL A 17 -7.25 0.85 -0.22
C VAL A 17 -8.37 1.54 0.55
N ALA A 18 -8.24 1.61 1.86
CA ALA A 18 -9.16 2.36 2.69
C ALA A 18 -8.50 3.66 3.13
N ALA A 19 -9.07 4.78 2.73
CA ALA A 19 -8.52 6.08 3.08
C ALA A 19 -9.60 7.14 3.03
N GLU A 20 -9.22 8.37 3.37
CA GLU A 20 -10.11 9.50 3.28
C GLU A 20 -10.48 9.70 1.81
N PRO A 21 -11.73 10.06 1.51
CA PRO A 21 -12.24 10.21 0.13
C PRO A 21 -11.29 10.99 -0.78
N ALA A 22 -10.80 12.12 -0.29
CA ALA A 22 -9.93 12.98 -1.08
C ALA A 22 -8.52 12.40 -1.18
N VAL A 23 -8.05 11.84 -0.07
CA VAL A 23 -6.70 11.31 0.00
C VAL A 23 -6.56 10.04 -0.84
N ARG A 24 -7.61 9.23 -0.83
CA ARG A 24 -7.64 8.00 -1.60
C ARG A 24 -7.42 8.27 -3.08
N ARG A 25 -8.14 9.25 -3.61
CA ARG A 25 -8.07 9.56 -5.02
C ARG A 25 -6.71 10.11 -5.41
N ARG A 26 -6.06 10.82 -4.50
CA ARG A 26 -4.72 11.32 -4.75
C ARG A 26 -3.76 10.15 -4.93
N LEU A 27 -3.92 9.14 -4.06
CA LEU A 27 -3.11 7.95 -4.13
C LEU A 27 -3.40 7.19 -5.42
N MET A 28 -4.69 7.05 -5.74
CA MET A 28 -5.12 6.35 -6.95
C MET A 28 -4.61 7.07 -8.19
N ASP A 29 -4.75 8.39 -8.20
CA ASP A 29 -4.26 9.22 -9.30
C ASP A 29 -2.76 8.99 -9.55
N LEU A 30 -1.99 8.87 -8.46
CA LEU A 30 -0.56 8.65 -8.58
C LEU A 30 -0.26 7.27 -9.13
N GLY A 31 -1.06 6.29 -8.73
CA GLY A 31 -0.90 4.94 -9.24
C GLY A 31 -1.19 3.87 -8.22
N LEU A 32 -1.56 4.28 -7.01
CA LEU A 32 -1.83 3.34 -5.94
C LEU A 32 -3.25 2.80 -6.06
N VAL A 33 -3.38 1.70 -6.78
CA VAL A 33 -4.67 1.04 -6.98
C VAL A 33 -4.49 -0.47 -6.80
N ARG A 34 -5.54 -1.25 -7.01
CA ARG A 34 -5.42 -2.69 -6.92
C ARG A 34 -4.55 -3.21 -8.07
N GLY A 35 -3.57 -4.00 -7.73
CA GLY A 35 -2.65 -4.50 -8.73
C GLY A 35 -1.33 -3.76 -8.68
N ALA A 36 -1.33 -2.64 -7.98
CA ALA A 36 -0.11 -1.90 -7.74
C ALA A 36 0.76 -2.66 -6.77
N LYS A 37 2.03 -2.78 -7.10
CA LYS A 37 2.94 -3.57 -6.30
C LYS A 37 4.11 -2.71 -5.87
N LEU A 38 4.24 -2.54 -4.57
CA LEU A 38 5.17 -1.57 -4.02
C LEU A 38 6.16 -2.21 -3.08
N LYS A 39 7.22 -1.48 -2.79
CA LYS A 39 8.17 -1.89 -1.78
C LYS A 39 8.27 -0.81 -0.70
N VAL A 40 8.11 -1.22 0.55
CA VAL A 40 8.22 -0.31 1.67
C VAL A 40 9.66 0.15 1.82
N LEU A 41 9.88 1.46 1.69
CA LEU A 41 11.22 2.02 1.75
C LEU A 41 11.68 2.18 3.19
N ARG A 42 10.95 2.99 3.95
CA ARG A 42 11.30 3.24 5.34
C ARG A 42 10.18 3.94 6.06
N PHE A 43 10.23 3.91 7.37
CA PHE A 43 9.32 4.65 8.22
C PHE A 43 10.06 5.83 8.81
N ALA A 44 9.36 6.95 9.00
CA ALA A 44 9.96 8.10 9.65
C ALA A 44 10.33 7.77 11.11
N PRO A 45 11.15 8.60 11.77
CA PRO A 45 11.64 8.33 13.14
C PRO A 45 10.52 8.23 14.19
N LEU A 46 9.27 8.28 13.75
CA LEU A 46 8.13 8.15 14.66
C LEU A 46 7.10 7.18 14.09
N GLY A 47 7.48 6.45 13.04
CA GLY A 47 6.57 5.50 12.41
C GLY A 47 5.64 6.16 11.41
N ASP A 48 5.69 7.48 11.37
CA ASP A 48 4.87 8.29 10.49
C ASP A 48 5.63 9.55 10.10
N PRO A 49 5.65 9.94 8.82
CA PRO A 49 4.92 9.22 7.75
C PRO A 49 5.67 7.99 7.25
N ILE A 50 5.15 7.39 6.19
CA ILE A 50 5.72 6.17 5.62
C ILE A 50 6.08 6.41 4.15
N GLU A 51 7.27 5.95 3.76
CA GLU A 51 7.75 6.11 2.40
C GLU A 51 7.73 4.78 1.67
N VAL A 52 7.04 4.72 0.54
CA VAL A 52 6.96 3.51 -0.25
C VAL A 52 7.19 3.79 -1.74
N ASN A 53 7.74 2.80 -2.43
CA ASN A 53 7.93 2.90 -3.88
C ASN A 53 6.86 2.07 -4.57
N CYS A 54 5.84 2.74 -5.07
CA CYS A 54 4.71 2.06 -5.69
C CYS A 54 4.77 2.19 -7.21
N ASN A 55 5.06 1.07 -7.88
CA ASN A 55 5.03 0.99 -9.34
C ASN A 55 6.03 1.95 -9.98
N GLY A 56 7.13 2.21 -9.28
CA GLY A 56 8.15 3.09 -9.80
C GLY A 56 8.01 4.51 -9.29
N MET A 57 6.92 4.77 -8.58
CA MET A 57 6.70 6.08 -7.97
C MET A 57 7.09 6.05 -6.51
N LEU A 58 7.91 7.01 -6.11
CA LEU A 58 8.27 7.16 -4.72
C LEU A 58 7.37 8.20 -4.08
N LEU A 59 6.49 7.75 -3.21
CA LEU A 59 5.53 8.64 -2.59
C LEU A 59 5.42 8.40 -1.09
N THR A 60 5.32 9.48 -0.34
CA THR A 60 5.24 9.42 1.10
C THR A 60 3.85 9.85 1.57
N MET A 61 3.24 9.04 2.41
CA MET A 61 1.91 9.33 2.93
C MET A 61 1.84 9.07 4.42
N ARG A 62 0.70 9.36 5.02
CA ARG A 62 0.56 9.29 6.46
C ARG A 62 0.24 7.86 6.89
N ARG A 63 0.65 7.51 8.10
CA ARG A 63 0.39 6.17 8.64
C ARG A 63 -1.11 5.87 8.65
N ASN A 64 -1.92 6.92 8.79
CA ASN A 64 -3.38 6.80 8.82
C ASN A 64 -3.88 6.07 7.58
N GLU A 65 -3.34 6.43 6.43
CA GLU A 65 -3.74 5.83 5.16
C GLU A 65 -3.22 4.41 5.05
N ALA A 66 -1.98 4.20 5.48
CA ALA A 66 -1.35 2.89 5.38
C ALA A 66 -2.10 1.85 6.20
N GLU A 67 -2.70 2.29 7.30
CA GLU A 67 -3.56 1.42 8.10
C GLU A 67 -4.77 0.96 7.29
N GLY A 68 -5.36 1.90 6.55
CA GLY A 68 -6.50 1.58 5.72
C GLY A 68 -6.13 0.67 4.55
N ILE A 69 -4.93 0.84 4.02
CA ILE A 69 -4.49 0.09 2.86
C ILE A 69 -4.18 -1.36 3.23
N THR A 70 -4.86 -2.27 2.56
CA THR A 70 -4.65 -3.69 2.76
C THR A 70 -3.77 -4.24 1.64
N VAL A 71 -2.64 -4.83 2.02
CA VAL A 71 -1.69 -5.33 1.05
C VAL A 71 -1.43 -6.81 1.24
N HIS A 72 -0.90 -7.45 0.21
CA HIS A 72 -0.56 -8.86 0.27
C HIS A 72 0.89 -9.04 -0.16
N ILE A 73 1.72 -9.54 0.76
CA ILE A 73 3.14 -9.73 0.49
C ILE A 73 3.35 -10.79 -0.61
N LEU A 74 4.11 -10.43 -1.62
CA LEU A 74 4.35 -11.33 -2.74
C LEU A 74 5.47 -12.30 -2.42
N ALA A 75 5.25 -13.09 -1.37
CA ALA A 75 6.24 -14.04 -0.88
C ALA A 75 5.70 -14.80 0.32
N GLY A 76 4.91 -14.12 1.14
CA GLY A 76 4.43 -14.71 2.37
C GLY A 76 3.04 -15.30 2.25
N ASP A 77 2.79 -16.34 3.04
CA ASP A 77 1.48 -17.00 3.12
C ASP A 77 1.10 -17.60 1.76
N GLU A 78 -0.19 -17.84 1.55
CA GLU A 78 -0.67 -18.43 0.31
C GLU A 78 -0.91 -17.35 -0.73
N GLY A 79 -0.36 -17.56 -1.92
CA GLY A 79 -0.57 -16.62 -3.00
C GLY A 79 -1.65 -17.07 -3.95
N HIS A 80 -2.12 -16.17 -4.81
CA HIS A 80 -3.13 -16.50 -5.79
C HIS A 80 -2.46 -16.86 -7.13
N PRO A 81 -3.16 -17.65 -7.97
CA PRO A 81 -2.61 -18.14 -9.25
C PRO A 81 -1.94 -17.06 -10.09
N HIS A 82 -2.67 -16.00 -10.38
CA HIS A 82 -2.12 -14.92 -11.18
C HIS A 82 -1.72 -13.74 -10.31
N GLY A 83 -0.52 -13.82 -9.76
CA GLY A 83 0.02 -12.73 -8.97
C GLY A 83 1.18 -12.08 -9.68
N TRP A 84 2.34 -12.73 -9.64
CA TRP A 84 3.54 -12.29 -10.35
C TRP A 84 4.17 -11.04 -9.74
N PRO A 85 5.50 -10.92 -9.88
CA PRO A 85 6.23 -9.75 -9.38
C PRO A 85 5.97 -8.51 -10.22
N GLY A 86 5.50 -8.71 -11.44
CA GLY A 86 5.21 -7.61 -12.32
C GLY A 86 6.23 -7.51 -13.45
N PHE A 87 7.03 -6.45 -13.43
CA PHE A 87 8.04 -6.24 -14.45
C PHE A 87 9.43 -6.37 -13.86
N ARG A 88 10.30 -7.07 -14.57
CA ARG A 88 11.68 -7.26 -14.12
C ARG A 88 12.61 -6.32 -14.86
N ARG A 89 13.07 -5.28 -14.17
CA ARG A 89 14.07 -4.39 -14.73
C ARG A 89 15.40 -4.62 -14.04
N ARG A 90 16.31 -5.31 -14.72
CA ARG A 90 17.54 -5.75 -14.11
C ARG A 90 18.66 -5.82 -15.14
N HIS A 91 19.51 -4.80 -15.15
CA HIS A 91 20.66 -4.74 -16.04
C HIS A 91 21.70 -3.78 -15.48
N ARG A 92 22.93 -4.24 -15.36
CA ARG A 92 23.98 -3.44 -14.72
C ARG A 92 25.38 -4.01 -14.97
N PHE A 93 25.42 -5.28 -15.36
CA PHE A 93 26.70 -5.94 -15.57
C PHE A 93 27.28 -5.57 -16.93
N GLY A 94 28.27 -4.69 -16.90
CA GLY A 94 28.90 -4.25 -18.12
C GLY A 94 30.40 -4.15 -17.94
N LYS A 95 30.97 -5.16 -17.30
CA LYS A 95 32.40 -5.20 -17.06
C LYS A 95 33.05 -6.21 -18.00
N ARG A 96 33.53 -5.73 -19.14
CA ARG A 96 34.24 -6.59 -20.07
C ARG A 96 35.71 -6.65 -19.71
N ALA A 97 36.23 -7.84 -19.53
CA ALA A 97 37.62 -8.04 -19.17
C ALA A 97 38.21 -9.22 -19.91
N LEU A 98 39.23 -8.95 -20.71
CA LEU A 98 39.91 -9.98 -21.48
C LEU A 98 41.34 -9.55 -21.75
N GLU A 99 42.29 -10.23 -21.11
CA GLU A 99 43.69 -9.88 -21.22
C GLU A 99 44.36 -10.66 -22.34
N HIS A 100 45.13 -9.97 -23.16
CA HIS A 100 45.83 -10.61 -24.28
C HIS A 100 47.32 -10.33 -24.21
N HIS A 101 48.09 -11.36 -23.94
CA HIS A 101 49.54 -11.26 -23.94
C HIS A 101 50.12 -12.56 -24.52
N HIS A 102 51.43 -12.56 -24.79
CA HIS A 102 52.09 -13.68 -25.47
C HIS A 102 51.63 -13.79 -26.91
N HIS A 103 52.33 -13.09 -27.80
CA HIS A 103 52.01 -13.13 -29.22
C HIS A 103 53.29 -13.01 -30.04
N HIS A 104 53.94 -14.15 -30.26
CA HIS A 104 55.17 -14.26 -31.05
C HIS A 104 56.17 -13.16 -30.72
N HIS A 105 56.90 -13.36 -29.64
CA HIS A 105 57.92 -12.42 -29.20
C HIS A 105 58.84 -13.11 -28.19
N MET A 1 -4.04 -7.69 6.32
CA MET A 1 -2.73 -7.08 6.67
C MET A 1 -2.59 -5.72 6.00
N LYS A 2 -2.12 -4.75 6.77
CA LYS A 2 -2.12 -3.36 6.33
C LYS A 2 -0.81 -3.01 5.63
N LEU A 3 -0.86 -1.97 4.81
CA LEU A 3 0.33 -1.36 4.24
C LEU A 3 1.16 -0.72 5.36
N SER A 4 0.45 -0.25 6.38
CA SER A 4 1.06 0.31 7.58
C SER A 4 1.62 -0.80 8.47
N GLU A 5 1.25 -2.03 8.17
CA GLU A 5 1.63 -3.17 8.96
C GLU A 5 2.81 -3.88 8.32
N LEU A 6 3.27 -3.35 7.19
CA LEU A 6 4.44 -3.88 6.51
C LEU A 6 5.73 -3.40 7.18
N LYS A 7 6.84 -3.94 6.76
CA LYS A 7 8.14 -3.59 7.34
C LYS A 7 9.02 -2.91 6.31
N ALA A 8 10.01 -2.17 6.77
CA ALA A 8 10.97 -1.53 5.89
C ALA A 8 11.79 -2.58 5.14
N GLY A 9 11.44 -2.80 3.89
CA GLY A 9 12.07 -3.85 3.11
C GLY A 9 11.07 -4.83 2.55
N ASP A 10 9.84 -4.76 3.04
CA ASP A 10 8.79 -5.64 2.57
C ASP A 10 8.14 -5.11 1.31
N ARG A 11 7.73 -6.02 0.45
CA ARG A 11 7.19 -5.69 -0.85
C ARG A 11 5.86 -6.42 -1.05
N ALA A 12 4.82 -5.68 -1.42
CA ALA A 12 3.50 -6.24 -1.49
C ALA A 12 2.67 -5.57 -2.57
N GLU A 13 1.55 -6.19 -2.93
CA GLU A 13 0.59 -5.57 -3.85
C GLU A 13 -0.65 -5.16 -3.07
N VAL A 14 -1.26 -4.06 -3.47
CA VAL A 14 -2.44 -3.56 -2.81
C VAL A 14 -3.68 -4.30 -3.28
N THR A 15 -4.36 -4.96 -2.35
CA THR A 15 -5.57 -5.67 -2.67
C THR A 15 -6.80 -4.78 -2.47
N SER A 16 -6.71 -3.85 -1.52
CA SER A 16 -7.81 -2.94 -1.24
C SER A 16 -7.28 -1.65 -0.60
N VAL A 17 -7.81 -0.52 -1.06
CA VAL A 17 -7.38 0.77 -0.52
C VAL A 17 -8.49 1.41 0.30
N ALA A 18 -8.32 1.45 1.60
CA ALA A 18 -9.24 2.17 2.46
C ALA A 18 -8.61 3.46 2.95
N ALA A 19 -9.21 4.58 2.59
CA ALA A 19 -8.69 5.90 2.96
C ALA A 19 -9.78 6.93 2.74
N GLU A 20 -9.53 8.15 3.18
CA GLU A 20 -10.46 9.24 2.95
C GLU A 20 -10.62 9.43 1.45
N PRO A 21 -11.83 9.71 0.96
CA PRO A 21 -12.10 9.91 -0.47
C PRO A 21 -11.12 10.88 -1.13
N ALA A 22 -10.80 11.95 -0.43
CA ALA A 22 -9.86 12.95 -0.95
C ALA A 22 -8.46 12.36 -1.06
N VAL A 23 -8.05 11.62 -0.04
CA VAL A 23 -6.74 11.00 -0.01
C VAL A 23 -6.69 9.86 -1.04
N ARG A 24 -7.79 9.12 -1.12
CA ARG A 24 -7.93 7.98 -2.03
C ARG A 24 -7.70 8.42 -3.47
N ARG A 25 -8.34 9.51 -3.86
CA ARG A 25 -8.20 10.08 -5.19
C ARG A 25 -6.74 10.41 -5.48
N ARG A 26 -6.07 10.99 -4.50
CA ARG A 26 -4.66 11.35 -4.60
C ARG A 26 -3.79 10.08 -4.71
N LEU A 27 -4.16 9.06 -3.96
CA LEU A 27 -3.43 7.80 -3.97
C LEU A 27 -3.62 7.07 -5.31
N MET A 28 -4.86 7.03 -5.79
CA MET A 28 -5.16 6.41 -7.07
C MET A 28 -4.43 7.13 -8.20
N ASP A 29 -4.27 8.44 -8.03
CA ASP A 29 -3.51 9.27 -8.96
C ASP A 29 -2.04 8.87 -8.96
N LEU A 30 -1.56 8.43 -7.80
CA LEU A 30 -0.17 8.00 -7.65
C LEU A 30 -0.03 6.52 -7.97
N GLY A 31 -1.04 5.97 -8.63
CA GLY A 31 -0.97 4.59 -9.10
C GLY A 31 -1.24 3.57 -8.00
N LEU A 32 -1.75 4.05 -6.88
CA LEU A 32 -2.05 3.16 -5.76
C LEU A 32 -3.47 2.61 -5.92
N VAL A 33 -3.57 1.50 -6.63
CA VAL A 33 -4.85 0.85 -6.88
C VAL A 33 -4.75 -0.65 -6.61
N ARG A 34 -5.81 -1.38 -6.92
CA ARG A 34 -5.81 -2.82 -6.71
C ARG A 34 -4.89 -3.50 -7.71
N GLY A 35 -3.87 -4.17 -7.20
CA GLY A 35 -2.89 -4.81 -8.04
C GLY A 35 -1.61 -4.00 -8.14
N ALA A 36 -1.61 -2.83 -7.53
CA ALA A 36 -0.43 -1.98 -7.49
C ALA A 36 0.61 -2.59 -6.56
N LYS A 37 1.76 -2.89 -7.11
CA LYS A 37 2.83 -3.53 -6.36
C LYS A 37 3.84 -2.49 -5.91
N LEU A 38 4.05 -2.43 -4.62
CA LEU A 38 4.91 -1.40 -4.05
C LEU A 38 5.88 -1.98 -3.03
N LYS A 39 6.98 -1.30 -2.85
CA LYS A 39 7.99 -1.69 -1.88
C LYS A 39 8.09 -0.65 -0.77
N VAL A 40 7.98 -1.10 0.47
CA VAL A 40 8.11 -0.20 1.60
C VAL A 40 9.58 0.14 1.81
N LEU A 41 9.93 1.39 1.53
CA LEU A 41 11.31 1.82 1.56
C LEU A 41 11.78 2.09 3.00
N ARG A 42 11.13 3.05 3.64
CA ARG A 42 11.52 3.47 4.98
C ARG A 42 10.35 4.08 5.72
N PHE A 43 10.37 3.94 7.03
CA PHE A 43 9.48 4.66 7.90
C PHE A 43 10.24 5.82 8.51
N ALA A 44 9.56 6.92 8.78
CA ALA A 44 10.19 8.03 9.47
C ALA A 44 10.59 7.59 10.88
N PRO A 45 11.51 8.31 11.54
CA PRO A 45 12.02 7.94 12.87
C PRO A 45 10.94 7.88 13.96
N LEU A 46 9.69 8.06 13.57
CA LEU A 46 8.57 8.07 14.51
C LEU A 46 7.45 7.15 14.02
N GLY A 47 7.75 6.34 13.01
CA GLY A 47 6.76 5.41 12.48
C GLY A 47 5.87 6.04 11.44
N ASP A 48 5.91 7.36 11.39
CA ASP A 48 5.08 8.14 10.46
C ASP A 48 5.84 9.41 10.07
N PRO A 49 5.79 9.79 8.79
CA PRO A 49 5.08 9.07 7.74
C PRO A 49 5.88 7.87 7.19
N ILE A 50 5.38 7.29 6.10
CA ILE A 50 6.00 6.15 5.46
C ILE A 50 6.36 6.48 4.02
N GLU A 51 7.54 6.04 3.58
CA GLU A 51 7.97 6.23 2.21
C GLU A 51 7.87 4.90 1.45
N VAL A 52 6.98 4.85 0.47
CA VAL A 52 6.79 3.63 -0.31
C VAL A 52 7.06 3.88 -1.79
N ASN A 53 7.63 2.88 -2.44
CA ASN A 53 7.87 2.95 -3.87
C ASN A 53 6.81 2.15 -4.61
N CYS A 54 5.83 2.84 -5.16
CA CYS A 54 4.71 2.19 -5.83
C CYS A 54 4.76 2.46 -7.33
N ASN A 55 4.86 1.40 -8.11
CA ASN A 55 4.85 1.49 -9.58
C ASN A 55 5.98 2.37 -10.11
N GLY A 56 7.07 2.45 -9.36
CA GLY A 56 8.21 3.23 -9.80
C GLY A 56 8.13 4.68 -9.35
N MET A 57 7.25 4.95 -8.39
CA MET A 57 7.10 6.28 -7.84
C MET A 57 7.31 6.24 -6.33
N LEU A 58 8.11 7.15 -5.83
CA LEU A 58 8.40 7.23 -4.42
C LEU A 58 7.48 8.23 -3.74
N LEU A 59 6.46 7.73 -3.07
CA LEU A 59 5.48 8.58 -2.43
C LEU A 59 5.52 8.42 -0.92
N THR A 60 5.66 9.53 -0.22
CA THR A 60 5.66 9.55 1.22
C THR A 60 4.31 10.00 1.73
N MET A 61 3.64 9.17 2.51
CA MET A 61 2.33 9.50 3.02
C MET A 61 2.19 9.07 4.47
N ARG A 62 1.10 9.49 5.10
CA ARG A 62 0.91 9.25 6.53
C ARG A 62 0.53 7.81 6.80
N ARG A 63 0.98 7.31 7.94
CA ARG A 63 0.76 5.91 8.32
C ARG A 63 -0.71 5.60 8.52
N ASN A 64 -1.48 6.60 8.97
CA ASN A 64 -2.90 6.42 9.24
C ASN A 64 -3.67 5.97 8.01
N GLU A 65 -3.37 6.54 6.85
CA GLU A 65 -4.04 6.14 5.61
C GLU A 65 -3.50 4.79 5.13
N ALA A 66 -2.23 4.54 5.42
CA ALA A 66 -1.58 3.28 5.06
C ALA A 66 -2.25 2.10 5.76
N GLU A 67 -2.87 2.36 6.91
CA GLU A 67 -3.57 1.34 7.67
C GLU A 67 -4.76 0.79 6.90
N GLY A 68 -5.54 1.69 6.30
CA GLY A 68 -6.70 1.27 5.55
C GLY A 68 -6.33 0.46 4.31
N ILE A 69 -5.14 0.71 3.80
CA ILE A 69 -4.67 0.02 2.62
C ILE A 69 -4.28 -1.41 2.97
N THR A 70 -5.01 -2.36 2.42
CA THR A 70 -4.76 -3.77 2.64
C THR A 70 -3.87 -4.32 1.53
N VAL A 71 -2.85 -5.07 1.91
CA VAL A 71 -1.86 -5.55 0.94
C VAL A 71 -1.63 -7.04 1.05
N HIS A 72 -0.96 -7.58 0.04
CA HIS A 72 -0.54 -8.97 0.02
C HIS A 72 0.92 -9.06 -0.40
N ILE A 73 1.75 -9.62 0.47
CA ILE A 73 3.19 -9.68 0.23
C ILE A 73 3.52 -10.60 -0.95
N LEU A 74 4.27 -10.06 -1.89
CA LEU A 74 4.65 -10.80 -3.08
C LEU A 74 6.06 -11.36 -2.93
N ALA A 75 6.21 -12.27 -1.99
CA ALA A 75 7.48 -12.92 -1.71
C ALA A 75 7.31 -14.01 -0.66
N GLY A 76 7.18 -15.25 -1.10
CA GLY A 76 7.01 -16.35 -0.19
C GLY A 76 7.20 -17.69 -0.86
N ASP A 77 8.17 -18.46 -0.39
CA ASP A 77 8.42 -19.80 -0.92
C ASP A 77 7.57 -20.81 -0.18
N GLU A 78 7.42 -21.99 -0.78
CA GLU A 78 6.70 -23.10 -0.16
C GLU A 78 5.22 -22.77 0.05
N GLY A 79 4.40 -23.14 -0.92
CA GLY A 79 2.98 -22.93 -0.80
C GLY A 79 2.26 -22.92 -2.14
N HIS A 80 2.83 -22.21 -3.10
CA HIS A 80 2.21 -22.05 -4.42
C HIS A 80 0.88 -21.30 -4.29
N PRO A 81 0.93 -19.96 -4.28
CA PRO A 81 -0.25 -19.13 -4.06
C PRO A 81 -1.26 -19.23 -5.19
N HIS A 82 -2.54 -19.12 -4.85
CA HIS A 82 -3.60 -19.13 -5.84
C HIS A 82 -3.88 -17.70 -6.30
N GLY A 83 -3.38 -17.36 -7.47
CA GLY A 83 -3.58 -16.04 -8.01
C GLY A 83 -4.94 -15.88 -8.65
N TRP A 84 -5.10 -14.83 -9.44
CA TRP A 84 -6.37 -14.55 -10.09
C TRP A 84 -6.13 -13.92 -11.46
N PRO A 85 -6.96 -14.25 -12.45
CA PRO A 85 -6.86 -13.67 -13.79
C PRO A 85 -7.18 -12.17 -13.81
N GLY A 86 -8.01 -11.76 -12.86
CA GLY A 86 -8.36 -10.36 -12.74
C GLY A 86 -9.49 -9.95 -13.66
N PHE A 87 -9.55 -8.67 -13.98
CA PHE A 87 -10.59 -8.14 -14.86
C PHE A 87 -9.97 -7.29 -15.96
N ARG A 88 -10.74 -7.08 -17.02
CA ARG A 88 -10.28 -6.26 -18.14
C ARG A 88 -11.23 -5.10 -18.34
N ARG A 89 -10.68 -3.89 -18.43
CA ARG A 89 -11.48 -2.71 -18.68
C ARG A 89 -12.17 -2.83 -20.03
N ARG A 90 -13.45 -2.54 -20.07
CA ARG A 90 -14.22 -2.65 -21.30
C ARG A 90 -14.02 -1.39 -22.14
N HIS A 91 -13.10 -1.48 -23.08
CA HIS A 91 -12.82 -0.37 -23.98
C HIS A 91 -13.94 -0.24 -25.00
N ARG A 92 -14.41 0.98 -25.21
CA ARG A 92 -15.50 1.23 -26.14
C ARG A 92 -15.01 1.08 -27.58
N PHE A 93 -15.88 0.58 -28.43
CA PHE A 93 -15.57 0.42 -29.84
C PHE A 93 -16.43 1.37 -30.66
N GLY A 94 -15.78 2.25 -31.41
CA GLY A 94 -16.51 3.24 -32.18
C GLY A 94 -16.36 3.04 -33.66
N LYS A 95 -17.40 3.39 -34.39
CA LYS A 95 -17.40 3.30 -35.84
C LYS A 95 -17.09 4.67 -36.44
N ARG A 96 -16.58 4.69 -37.66
CA ARG A 96 -16.25 5.95 -38.32
C ARG A 96 -17.42 6.40 -39.19
N ALA A 97 -17.52 7.70 -39.41
CA ALA A 97 -18.56 8.26 -40.24
C ALA A 97 -18.04 8.50 -41.66
N LEU A 98 -18.96 8.62 -42.61
CA LEU A 98 -18.58 8.82 -44.00
C LEU A 98 -18.31 10.29 -44.28
N GLU A 99 -17.51 10.56 -45.30
CA GLU A 99 -17.12 11.91 -45.64
C GLU A 99 -18.16 12.57 -46.54
N HIS A 100 -18.67 13.71 -46.11
CA HIS A 100 -19.67 14.44 -46.87
C HIS A 100 -19.06 15.69 -47.47
N HIS A 101 -19.68 16.15 -48.57
CA HIS A 101 -19.22 17.35 -49.30
C HIS A 101 -17.88 17.09 -49.98
N HIS A 102 -17.29 18.14 -50.55
CA HIS A 102 -15.99 18.06 -51.24
C HIS A 102 -16.11 17.25 -52.53
N HIS A 103 -17.33 17.12 -53.03
CA HIS A 103 -17.58 16.41 -54.27
C HIS A 103 -18.02 17.40 -55.34
N HIS A 104 -17.11 17.73 -56.26
CA HIS A 104 -17.34 18.75 -57.28
C HIS A 104 -17.54 20.13 -56.62
N HIS A 105 -18.01 21.09 -57.39
CA HIS A 105 -18.25 22.43 -56.88
C HIS A 105 -19.72 22.80 -57.07
N MET A 1 -4.10 -8.25 6.06
CA MET A 1 -2.72 -7.73 6.21
C MET A 1 -2.67 -6.26 5.76
N LYS A 2 -2.21 -5.40 6.64
CA LYS A 2 -2.16 -3.97 6.36
C LYS A 2 -0.82 -3.54 5.78
N LEU A 3 -0.86 -2.41 5.10
CA LEU A 3 0.36 -1.81 4.55
C LEU A 3 1.26 -1.34 5.70
N SER A 4 0.65 -0.87 6.78
CA SER A 4 1.39 -0.44 7.96
C SER A 4 1.93 -1.63 8.75
N GLU A 5 1.43 -2.82 8.45
CA GLU A 5 1.90 -4.03 9.12
C GLU A 5 3.10 -4.62 8.40
N LEU A 6 3.46 -4.00 7.29
CA LEU A 6 4.65 -4.40 6.55
C LEU A 6 5.91 -3.84 7.21
N LYS A 7 7.06 -4.17 6.63
CA LYS A 7 8.33 -3.68 7.13
C LYS A 7 9.07 -2.97 6.02
N ALA A 8 10.02 -2.12 6.37
CA ALA A 8 10.83 -1.44 5.38
C ALA A 8 11.70 -2.44 4.62
N GLY A 9 11.36 -2.65 3.36
CA GLY A 9 12.04 -3.65 2.57
C GLY A 9 11.07 -4.65 1.99
N ASP A 10 9.89 -4.76 2.59
CA ASP A 10 8.88 -5.70 2.14
C ASP A 10 8.12 -5.15 0.93
N ARG A 11 7.79 -6.04 0.02
CA ARG A 11 7.01 -5.69 -1.16
C ARG A 11 5.62 -6.27 -1.05
N ALA A 12 4.63 -5.57 -1.60
CA ALA A 12 3.25 -6.03 -1.53
C ALA A 12 2.45 -5.58 -2.74
N GLU A 13 1.33 -6.25 -2.96
CA GLU A 13 0.38 -5.87 -3.98
C GLU A 13 -0.91 -5.41 -3.31
N VAL A 14 -1.35 -4.21 -3.63
CA VAL A 14 -2.54 -3.63 -3.01
C VAL A 14 -3.80 -4.36 -3.46
N THR A 15 -4.54 -4.90 -2.51
CA THR A 15 -5.78 -5.60 -2.81
C THR A 15 -6.98 -4.68 -2.58
N SER A 16 -6.90 -3.84 -1.56
CA SER A 16 -7.96 -2.88 -1.27
C SER A 16 -7.41 -1.73 -0.43
N VAL A 17 -7.80 -0.52 -0.76
CA VAL A 17 -7.33 0.67 -0.05
C VAL A 17 -8.49 1.39 0.63
N ALA A 18 -8.31 1.79 1.88
CA ALA A 18 -9.33 2.56 2.59
C ALA A 18 -8.68 3.74 3.31
N ALA A 19 -9.05 4.94 2.87
CA ALA A 19 -8.49 6.17 3.42
C ALA A 19 -9.49 7.30 3.22
N GLU A 20 -9.11 8.51 3.64
CA GLU A 20 -9.96 9.67 3.39
C GLU A 20 -10.08 9.88 1.89
N PRO A 21 -11.26 10.33 1.42
CA PRO A 21 -11.53 10.47 -0.02
C PRO A 21 -10.45 11.25 -0.76
N ALA A 22 -10.08 12.40 -0.20
CA ALA A 22 -9.08 13.27 -0.81
C ALA A 22 -7.70 12.60 -0.81
N VAL A 23 -7.40 11.86 0.24
CA VAL A 23 -6.13 11.17 0.36
C VAL A 23 -6.11 9.95 -0.55
N ARG A 24 -7.23 9.26 -0.61
CA ARG A 24 -7.35 8.04 -1.38
C ARG A 24 -7.08 8.29 -2.85
N ARG A 25 -7.71 9.32 -3.43
CA ARG A 25 -7.54 9.58 -4.85
C ARG A 25 -6.11 9.99 -5.15
N ARG A 26 -5.51 10.77 -4.25
CA ARG A 26 -4.13 11.19 -4.40
C ARG A 26 -3.22 9.98 -4.58
N LEU A 27 -3.45 8.96 -3.76
CA LEU A 27 -2.70 7.72 -3.87
C LEU A 27 -3.00 7.01 -5.18
N MET A 28 -4.28 7.01 -5.55
CA MET A 28 -4.74 6.33 -6.77
C MET A 28 -4.16 6.99 -8.01
N ASP A 29 -4.06 8.31 -7.98
CA ASP A 29 -3.49 9.07 -9.08
C ASP A 29 -1.98 8.93 -9.14
N LEU A 30 -1.35 8.79 -7.98
CA LEU A 30 0.09 8.57 -7.92
C LEU A 30 0.43 7.21 -8.50
N GLY A 31 -0.38 6.21 -8.18
CA GLY A 31 -0.18 4.90 -8.75
C GLY A 31 -0.52 3.79 -7.76
N LEU A 32 -1.28 4.11 -6.74
CA LEU A 32 -1.65 3.14 -5.73
C LEU A 32 -3.10 2.70 -5.94
N VAL A 33 -3.27 1.60 -6.67
CA VAL A 33 -4.58 1.04 -6.93
C VAL A 33 -4.55 -0.47 -6.71
N ARG A 34 -5.62 -1.18 -7.04
CA ARG A 34 -5.63 -2.63 -6.86
C ARG A 34 -4.73 -3.26 -7.91
N GLY A 35 -3.80 -4.10 -7.45
CA GLY A 35 -2.86 -4.72 -8.36
C GLY A 35 -1.56 -3.94 -8.44
N ALA A 36 -1.50 -2.83 -7.72
CA ALA A 36 -0.29 -2.03 -7.66
C ALA A 36 0.74 -2.70 -6.75
N LYS A 37 1.94 -2.88 -7.29
CA LYS A 37 3.02 -3.51 -6.54
C LYS A 37 3.97 -2.43 -6.03
N LEU A 38 4.25 -2.45 -4.74
CA LEU A 38 5.08 -1.44 -4.13
C LEU A 38 6.03 -2.04 -3.11
N LYS A 39 7.14 -1.37 -2.88
CA LYS A 39 8.07 -1.74 -1.84
C LYS A 39 8.08 -0.66 -0.76
N VAL A 40 7.94 -1.08 0.49
CA VAL A 40 8.05 -0.15 1.60
C VAL A 40 9.50 0.28 1.75
N LEU A 41 9.77 1.57 1.56
CA LEU A 41 11.13 2.06 1.55
C LEU A 41 11.61 2.40 2.95
N ARG A 42 10.98 3.40 3.56
CA ARG A 42 11.41 3.87 4.87
C ARG A 42 10.23 4.42 5.66
N PHE A 43 10.37 4.42 6.97
CA PHE A 43 9.41 5.04 7.84
C PHE A 43 9.99 6.34 8.36
N ALA A 44 9.14 7.32 8.59
CA ALA A 44 9.60 8.57 9.18
C ALA A 44 10.03 8.34 10.64
N PRO A 45 10.75 9.29 11.25
CA PRO A 45 11.23 9.19 12.64
C PRO A 45 10.11 8.98 13.68
N LEU A 46 8.88 8.81 13.21
CA LEU A 46 7.73 8.63 14.09
C LEU A 46 6.88 7.47 13.59
N GLY A 47 7.38 6.75 12.58
CA GLY A 47 6.62 5.68 11.97
C GLY A 47 5.52 6.22 11.07
N ASP A 48 5.49 7.53 10.95
CA ASP A 48 4.49 8.25 10.17
C ASP A 48 5.05 9.61 9.80
N PRO A 49 5.03 9.99 8.51
CA PRO A 49 4.46 9.18 7.42
C PRO A 49 5.34 8.01 6.98
N ILE A 50 4.93 7.37 5.90
CA ILE A 50 5.65 6.23 5.32
C ILE A 50 5.99 6.51 3.86
N GLU A 51 7.18 6.13 3.44
CA GLU A 51 7.59 6.27 2.05
C GLU A 51 7.60 4.92 1.36
N VAL A 52 6.83 4.79 0.29
CA VAL A 52 6.76 3.55 -0.45
C VAL A 52 7.00 3.77 -1.95
N ASN A 53 7.69 2.84 -2.57
CA ASN A 53 7.95 2.91 -4.00
C ASN A 53 6.92 2.05 -4.74
N CYS A 54 5.94 2.70 -5.35
CA CYS A 54 4.86 1.99 -6.03
C CYS A 54 4.96 2.19 -7.54
N ASN A 55 5.19 1.10 -8.26
CA ASN A 55 5.28 1.13 -9.72
C ASN A 55 6.40 2.03 -10.22
N GLY A 56 7.42 2.22 -9.39
CA GLY A 56 8.56 3.02 -9.79
C GLY A 56 8.44 4.46 -9.33
N MET A 57 7.37 4.77 -8.63
CA MET A 57 7.13 6.11 -8.13
C MET A 57 7.13 6.10 -6.61
N LEU A 58 7.95 6.96 -6.02
CA LEU A 58 8.07 7.03 -4.57
C LEU A 58 6.97 7.92 -4.01
N LEU A 59 6.06 7.32 -3.26
CA LEU A 59 4.92 8.03 -2.73
C LEU A 59 5.03 8.12 -1.21
N THR A 60 4.75 9.30 -0.67
CA THR A 60 4.76 9.50 0.77
C THR A 60 3.35 9.76 1.26
N MET A 61 2.90 8.99 2.25
CA MET A 61 1.59 9.17 2.82
C MET A 61 1.60 8.81 4.30
N ARG A 62 0.53 9.16 4.99
CA ARG A 62 0.47 8.99 6.44
C ARG A 62 0.19 7.54 6.81
N ARG A 63 0.82 7.08 7.90
CA ARG A 63 0.70 5.70 8.35
C ARG A 63 -0.76 5.32 8.59
N ASN A 64 -1.53 6.27 9.10
CA ASN A 64 -2.94 6.02 9.40
C ASN A 64 -3.70 5.60 8.15
N GLU A 65 -3.30 6.11 7.01
CA GLU A 65 -3.92 5.74 5.75
C GLU A 65 -3.46 4.35 5.32
N ALA A 66 -2.19 4.05 5.58
CA ALA A 66 -1.62 2.74 5.29
C ALA A 66 -2.32 1.64 6.10
N GLU A 67 -2.77 2.00 7.29
CA GLU A 67 -3.54 1.09 8.13
C GLU A 67 -4.88 0.76 7.46
N GLY A 68 -5.44 1.75 6.78
CA GLY A 68 -6.64 1.53 5.98
C GLY A 68 -6.37 0.66 4.76
N ILE A 69 -5.11 0.58 4.35
CA ILE A 69 -4.74 -0.14 3.14
C ILE A 69 -4.48 -1.61 3.44
N THR A 70 -5.15 -2.46 2.68
CA THR A 70 -4.96 -3.90 2.78
C THR A 70 -4.11 -4.39 1.60
N VAL A 71 -3.01 -5.05 1.91
CA VAL A 71 -2.08 -5.50 0.88
C VAL A 71 -1.78 -6.98 1.00
N HIS A 72 -1.31 -7.55 -0.09
CA HIS A 72 -0.85 -8.93 -0.11
C HIS A 72 0.64 -8.94 -0.45
N ILE A 73 1.45 -9.47 0.44
CA ILE A 73 2.90 -9.45 0.30
C ILE A 73 3.35 -10.17 -0.98
N LEU A 74 4.29 -9.55 -1.69
CA LEU A 74 4.86 -10.16 -2.89
C LEU A 74 5.88 -11.21 -2.52
N ALA A 75 5.37 -12.33 -2.02
CA ALA A 75 6.20 -13.44 -1.57
C ALA A 75 5.30 -14.60 -1.18
N GLY A 76 5.87 -15.66 -0.63
CA GLY A 76 5.08 -16.78 -0.20
C GLY A 76 5.54 -18.07 -0.83
N ASP A 77 5.93 -19.01 0.00
CA ASP A 77 6.39 -20.30 -0.48
C ASP A 77 5.21 -21.16 -0.88
N GLU A 78 5.30 -21.71 -2.08
CA GLU A 78 4.25 -22.56 -2.65
C GLU A 78 4.08 -23.83 -1.83
N GLY A 79 5.14 -24.23 -1.12
CA GLY A 79 5.10 -25.42 -0.31
C GLY A 79 4.44 -25.19 1.04
N HIS A 80 4.04 -23.95 1.30
CA HIS A 80 3.41 -23.60 2.58
C HIS A 80 2.00 -23.03 2.34
N PRO A 81 0.99 -23.90 2.25
CA PRO A 81 -0.39 -23.50 2.04
C PRO A 81 -1.08 -23.13 3.35
N HIS A 82 -1.04 -21.87 3.71
CA HIS A 82 -1.69 -21.40 4.92
C HIS A 82 -2.78 -20.39 4.59
N GLY A 83 -4.01 -20.84 4.63
CA GLY A 83 -5.14 -19.97 4.35
C GLY A 83 -6.13 -19.94 5.48
N TRP A 84 -6.98 -18.93 5.50
CA TRP A 84 -7.97 -18.80 6.56
C TRP A 84 -9.29 -18.29 5.99
N PRO A 85 -10.42 -18.79 6.52
CA PRO A 85 -11.75 -18.38 6.06
C PRO A 85 -12.25 -17.10 6.72
N GLY A 86 -13.53 -16.80 6.53
CA GLY A 86 -14.11 -15.61 7.12
C GLY A 86 -15.53 -15.39 6.64
N PHE A 87 -16.39 -14.89 7.52
CA PHE A 87 -17.79 -14.66 7.18
C PHE A 87 -18.15 -13.19 7.43
N ARG A 88 -18.19 -12.82 8.71
CA ARG A 88 -18.48 -11.45 9.12
C ARG A 88 -19.88 -10.99 8.67
N ARG A 89 -20.84 -11.90 8.68
CA ARG A 89 -22.20 -11.53 8.34
C ARG A 89 -22.86 -10.86 9.54
N ARG A 90 -22.85 -9.53 9.52
CA ARG A 90 -23.44 -8.77 10.60
C ARG A 90 -24.93 -8.61 10.33
N HIS A 91 -25.73 -8.81 11.37
CA HIS A 91 -27.18 -8.77 11.24
C HIS A 91 -27.65 -7.40 10.80
N ARG A 92 -28.76 -7.36 10.09
CA ARG A 92 -29.28 -6.14 9.51
C ARG A 92 -30.64 -5.79 10.10
N PHE A 93 -31.35 -4.88 9.44
CA PHE A 93 -32.64 -4.38 9.91
C PHE A 93 -32.46 -3.60 11.21
N GLY A 94 -32.17 -2.32 11.06
CA GLY A 94 -31.93 -1.46 12.20
C GLY A 94 -32.68 -0.16 12.09
N LYS A 95 -32.89 0.49 13.22
CA LYS A 95 -33.69 1.71 13.27
C LYS A 95 -32.91 2.90 12.72
N ARG A 96 -33.57 3.66 11.86
CA ARG A 96 -33.02 4.91 11.36
C ARG A 96 -34.05 6.02 11.56
N ALA A 97 -33.71 7.01 12.35
CA ALA A 97 -34.60 8.14 12.62
C ALA A 97 -34.41 9.23 11.58
N LEU A 98 -33.83 8.84 10.45
CA LEU A 98 -33.57 9.77 9.35
C LEU A 98 -34.90 10.28 8.79
N GLU A 99 -35.22 11.52 9.11
CA GLU A 99 -36.49 12.10 8.71
C GLU A 99 -36.28 13.19 7.67
N HIS A 100 -36.26 12.79 6.40
CA HIS A 100 -36.17 13.74 5.31
C HIS A 100 -37.40 13.61 4.42
N HIS A 101 -37.60 14.59 3.55
CA HIS A 101 -38.77 14.66 2.69
C HIS A 101 -40.03 14.88 3.52
N HIS A 102 -40.16 16.09 4.05
CA HIS A 102 -41.36 16.51 4.75
C HIS A 102 -42.33 17.14 3.77
N HIS A 103 -41.95 17.04 2.49
CA HIS A 103 -42.76 17.52 1.38
C HIS A 103 -42.78 19.04 1.36
N HIS A 104 -43.59 19.61 0.46
CA HIS A 104 -43.66 21.07 0.31
C HIS A 104 -42.33 21.60 -0.23
N HIS A 105 -41.71 20.80 -1.10
CA HIS A 105 -40.39 21.09 -1.67
C HIS A 105 -39.31 21.02 -0.59
N MET A 1 -3.65 -8.35 5.83
CA MET A 1 -2.44 -7.64 6.29
C MET A 1 -2.45 -6.21 5.78
N LYS A 2 -2.02 -5.28 6.62
CA LYS A 2 -2.02 -3.86 6.24
C LYS A 2 -0.67 -3.44 5.69
N LEU A 3 -0.67 -2.34 4.96
CA LEU A 3 0.56 -1.74 4.45
C LEU A 3 1.40 -1.23 5.62
N SER A 4 0.72 -0.82 6.69
CA SER A 4 1.40 -0.36 7.90
C SER A 4 1.95 -1.53 8.70
N GLU A 5 1.55 -2.74 8.34
CA GLU A 5 2.02 -3.95 9.02
C GLU A 5 3.27 -4.46 8.33
N LEU A 6 3.57 -3.89 7.18
CA LEU A 6 4.77 -4.25 6.44
C LEU A 6 6.01 -3.62 7.08
N LYS A 7 7.18 -4.01 6.60
CA LYS A 7 8.43 -3.49 7.13
C LYS A 7 9.25 -2.84 6.03
N ALA A 8 10.31 -2.15 6.42
CA ALA A 8 11.20 -1.51 5.46
C ALA A 8 11.87 -2.56 4.59
N GLY A 9 11.51 -2.57 3.31
CA GLY A 9 12.06 -3.56 2.40
C GLY A 9 11.03 -4.59 1.98
N ASP A 10 9.91 -4.64 2.70
CA ASP A 10 8.86 -5.60 2.39
C ASP A 10 8.08 -5.19 1.16
N ARG A 11 7.89 -6.15 0.26
CA ARG A 11 7.19 -5.92 -1.00
C ARG A 11 5.79 -6.48 -0.92
N ALA A 12 4.81 -5.75 -1.44
CA ALA A 12 3.43 -6.22 -1.38
C ALA A 12 2.60 -5.67 -2.52
N GLU A 13 1.45 -6.29 -2.75
CA GLU A 13 0.51 -5.84 -3.75
C GLU A 13 -0.75 -5.32 -3.06
N VAL A 14 -1.20 -4.14 -3.47
CA VAL A 14 -2.32 -3.49 -2.83
C VAL A 14 -3.64 -4.13 -3.24
N THR A 15 -4.30 -4.77 -2.28
CA THR A 15 -5.56 -5.44 -2.54
C THR A 15 -6.74 -4.50 -2.32
N SER A 16 -6.54 -3.49 -1.47
CA SER A 16 -7.57 -2.48 -1.23
C SER A 16 -6.96 -1.28 -0.50
N VAL A 17 -7.58 -0.12 -0.67
CA VAL A 17 -7.12 1.10 -0.02
C VAL A 17 -8.27 1.75 0.74
N ALA A 18 -8.21 1.71 2.06
CA ALA A 18 -9.23 2.36 2.88
C ALA A 18 -8.74 3.73 3.32
N ALA A 19 -9.25 4.76 2.67
CA ALA A 19 -8.86 6.13 2.97
C ALA A 19 -9.95 7.09 2.58
N GLU A 20 -9.76 8.36 2.91
CA GLU A 20 -10.66 9.42 2.52
C GLU A 20 -10.76 9.44 0.99
N PRO A 21 -11.96 9.71 0.44
CA PRO A 21 -12.19 9.72 -1.01
C PRO A 21 -11.10 10.46 -1.78
N ALA A 22 -10.78 11.68 -1.37
CA ALA A 22 -9.78 12.48 -2.05
C ALA A 22 -8.38 11.93 -1.85
N VAL A 23 -8.05 11.54 -0.62
CA VAL A 23 -6.73 11.00 -0.32
C VAL A 23 -6.50 9.70 -1.07
N ARG A 24 -7.52 8.86 -1.09
CA ARG A 24 -7.47 7.57 -1.76
C ARG A 24 -7.22 7.75 -3.25
N ARG A 25 -8.05 8.58 -3.90
CA ARG A 25 -7.95 8.78 -5.33
C ARG A 25 -6.70 9.58 -5.69
N ARG A 26 -6.22 10.40 -4.75
CA ARG A 26 -4.96 11.10 -4.94
C ARG A 26 -3.83 10.10 -5.03
N LEU A 27 -3.81 9.15 -4.11
CA LEU A 27 -2.80 8.09 -4.11
C LEU A 27 -2.91 7.26 -5.37
N MET A 28 -4.15 6.96 -5.78
CA MET A 28 -4.38 6.19 -7.00
C MET A 28 -3.88 6.95 -8.22
N ASP A 29 -4.07 8.27 -8.20
CA ASP A 29 -3.58 9.14 -9.28
C ASP A 29 -2.06 9.13 -9.33
N LEU A 30 -1.43 9.00 -8.17
CA LEU A 30 0.02 8.92 -8.07
C LEU A 30 0.51 7.57 -8.59
N GLY A 31 -0.29 6.54 -8.38
CA GLY A 31 0.07 5.23 -8.87
C GLY A 31 -0.35 4.12 -7.93
N LEU A 32 -0.90 4.48 -6.78
CA LEU A 32 -1.30 3.50 -5.78
C LEU A 32 -2.78 3.16 -5.96
N VAL A 33 -3.06 2.24 -6.86
CA VAL A 33 -4.43 1.79 -7.11
C VAL A 33 -4.62 0.38 -6.61
N ARG A 34 -5.83 -0.14 -6.74
CA ARG A 34 -6.10 -1.52 -6.37
C ARG A 34 -5.47 -2.45 -7.40
N GLY A 35 -4.48 -3.22 -6.96
CA GLY A 35 -3.72 -4.05 -7.86
C GLY A 35 -2.32 -3.50 -8.09
N ALA A 36 -2.02 -2.39 -7.44
CA ALA A 36 -0.70 -1.79 -7.54
C ALA A 36 0.32 -2.58 -6.74
N LYS A 37 1.55 -2.64 -7.23
CA LYS A 37 2.59 -3.41 -6.59
C LYS A 37 3.68 -2.47 -6.07
N LEU A 38 4.03 -2.60 -4.80
CA LEU A 38 4.95 -1.65 -4.19
C LEU A 38 5.90 -2.32 -3.20
N LYS A 39 6.89 -1.54 -2.78
CA LYS A 39 7.80 -1.93 -1.72
C LYS A 39 7.91 -0.80 -0.70
N VAL A 40 7.78 -1.14 0.57
CA VAL A 40 7.95 -0.15 1.63
C VAL A 40 9.41 0.28 1.71
N LEU A 41 9.65 1.56 1.50
CA LEU A 41 11.01 2.07 1.49
C LEU A 41 11.51 2.30 2.91
N ARG A 42 10.87 3.22 3.62
CA ARG A 42 11.31 3.58 4.95
C ARG A 42 10.14 4.07 5.79
N PHE A 43 10.29 3.87 7.10
CA PHE A 43 9.41 4.48 8.07
C PHE A 43 10.17 5.59 8.76
N ALA A 44 9.58 6.77 8.85
CA ALA A 44 10.22 7.89 9.53
C ALA A 44 10.55 7.52 10.97
N PRO A 45 11.50 8.23 11.61
CA PRO A 45 11.94 7.95 12.98
C PRO A 45 10.83 8.06 14.03
N LEU A 46 9.60 8.27 13.56
CA LEU A 46 8.46 8.43 14.46
C LEU A 46 7.31 7.56 13.98
N GLY A 47 7.61 6.62 13.08
CA GLY A 47 6.59 5.71 12.57
C GLY A 47 5.60 6.42 11.65
N ASP A 48 5.96 7.62 11.23
CA ASP A 48 5.10 8.46 10.41
C ASP A 48 5.86 9.72 10.00
N PRO A 49 5.81 10.09 8.71
CA PRO A 49 5.04 9.37 7.69
C PRO A 49 5.75 8.11 7.17
N ILE A 50 5.15 7.48 6.18
CA ILE A 50 5.69 6.26 5.59
C ILE A 50 5.95 6.47 4.10
N GLU A 51 7.11 6.02 3.65
CA GLU A 51 7.52 6.18 2.26
C GLU A 51 7.53 4.83 1.55
N VAL A 52 6.80 4.73 0.45
CA VAL A 52 6.74 3.49 -0.31
C VAL A 52 6.95 3.74 -1.80
N ASN A 53 7.57 2.79 -2.47
CA ASN A 53 7.78 2.88 -3.91
C ASN A 53 6.70 2.08 -4.63
N CYS A 54 5.72 2.78 -5.20
CA CYS A 54 4.59 2.13 -5.82
C CYS A 54 4.65 2.27 -7.34
N ASN A 55 4.90 1.13 -8.01
CA ASN A 55 4.94 1.09 -9.48
C ASN A 55 5.97 2.05 -10.05
N GLY A 56 7.02 2.31 -9.29
CA GLY A 56 8.10 3.18 -9.76
C GLY A 56 7.94 4.61 -9.30
N MET A 57 6.84 4.90 -8.62
CA MET A 57 6.61 6.23 -8.06
C MET A 57 6.78 6.18 -6.55
N LEU A 58 7.67 7.02 -6.04
CA LEU A 58 7.92 7.08 -4.60
C LEU A 58 6.86 7.93 -3.93
N LEU A 59 5.97 7.28 -3.21
CA LEU A 59 4.84 7.97 -2.61
C LEU A 59 5.08 8.11 -1.11
N THR A 60 4.51 9.14 -0.53
CA THR A 60 4.61 9.35 0.91
C THR A 60 3.25 9.71 1.49
N MET A 61 2.79 8.89 2.42
CA MET A 61 1.50 9.11 3.08
C MET A 61 1.67 8.98 4.58
N ARG A 62 0.58 9.18 5.32
CA ARG A 62 0.67 9.13 6.77
C ARG A 62 0.44 7.72 7.26
N ARG A 63 0.92 7.44 8.48
CA ARG A 63 0.80 6.12 9.08
C ARG A 63 -0.64 5.61 9.05
N ASN A 64 -1.58 6.51 9.32
CA ASN A 64 -3.00 6.14 9.38
C ASN A 64 -3.50 5.68 8.01
N GLU A 65 -2.92 6.22 6.95
CA GLU A 65 -3.34 5.87 5.59
C GLU A 65 -2.89 4.45 5.27
N ALA A 66 -1.68 4.11 5.71
CA ALA A 66 -1.13 2.79 5.48
C ALA A 66 -1.92 1.73 6.24
N GLU A 67 -2.54 2.14 7.34
CA GLU A 67 -3.42 1.25 8.10
C GLU A 67 -4.65 0.90 7.27
N GLY A 68 -5.14 1.88 6.52
CA GLY A 68 -6.28 1.65 5.65
C GLY A 68 -5.95 0.73 4.49
N ILE A 69 -4.74 0.84 3.98
CA ILE A 69 -4.32 0.07 2.82
C ILE A 69 -4.07 -1.39 3.18
N THR A 70 -4.81 -2.27 2.54
CA THR A 70 -4.66 -3.70 2.73
C THR A 70 -3.85 -4.29 1.58
N VAL A 71 -2.82 -5.05 1.90
CA VAL A 71 -1.90 -5.58 0.89
C VAL A 71 -1.58 -7.04 1.16
N HIS A 72 -1.12 -7.73 0.13
CA HIS A 72 -0.59 -9.07 0.28
C HIS A 72 0.86 -9.10 -0.18
N ILE A 73 1.74 -9.67 0.64
CA ILE A 73 3.18 -9.67 0.38
C ILE A 73 3.51 -10.41 -0.92
N LEU A 74 4.35 -9.78 -1.74
CA LEU A 74 4.75 -10.36 -3.01
C LEU A 74 5.80 -11.43 -2.80
N ALA A 75 5.33 -12.60 -2.39
CA ALA A 75 6.20 -13.74 -2.10
C ALA A 75 5.38 -15.01 -1.98
N GLY A 76 4.11 -14.85 -1.66
CA GLY A 76 3.23 -15.99 -1.52
C GLY A 76 2.64 -16.08 -0.13
N ASP A 77 1.32 -16.03 -0.05
CA ASP A 77 0.63 -16.12 1.23
C ASP A 77 -0.26 -17.36 1.23
N GLU A 78 -0.50 -17.92 2.41
CA GLU A 78 -1.23 -19.18 2.52
C GLU A 78 -2.74 -18.96 2.53
N GLY A 79 -3.18 -17.72 2.48
CA GLY A 79 -4.61 -17.47 2.45
C GLY A 79 -4.93 -16.00 2.31
N HIS A 80 -4.91 -15.51 1.08
CA HIS A 80 -5.26 -14.14 0.79
C HIS A 80 -6.43 -14.08 -0.19
N PRO A 81 -7.66 -14.18 0.33
CA PRO A 81 -8.86 -14.21 -0.49
C PRO A 81 -9.46 -12.81 -0.67
N HIS A 82 -9.33 -12.27 -1.87
CA HIS A 82 -9.91 -10.97 -2.15
C HIS A 82 -11.38 -11.13 -2.50
N GLY A 83 -12.22 -11.04 -1.48
CA GLY A 83 -13.64 -11.13 -1.68
C GLY A 83 -14.37 -10.08 -0.89
N TRP A 84 -14.31 -8.85 -1.35
CA TRP A 84 -14.92 -7.75 -0.63
C TRP A 84 -16.26 -7.38 -1.25
N PRO A 85 -17.24 -6.99 -0.41
CA PRO A 85 -18.54 -6.52 -0.88
C PRO A 85 -18.45 -5.20 -1.66
N GLY A 86 -19.59 -4.55 -1.84
CA GLY A 86 -19.61 -3.29 -2.55
C GLY A 86 -20.49 -2.26 -1.87
N PHE A 87 -20.10 -1.00 -1.97
CA PHE A 87 -20.86 0.08 -1.38
C PHE A 87 -21.97 0.50 -2.32
N ARG A 88 -23.21 0.36 -1.88
CA ARG A 88 -24.35 0.67 -2.72
C ARG A 88 -24.98 1.99 -2.32
N ARG A 89 -25.53 2.67 -3.32
CA ARG A 89 -26.22 3.94 -3.12
C ARG A 89 -27.47 3.96 -3.97
N ARG A 90 -28.19 5.06 -3.97
CA ARG A 90 -29.40 5.19 -4.78
C ARG A 90 -29.06 5.70 -6.17
N HIS A 91 -30.03 5.63 -7.06
CA HIS A 91 -29.86 6.09 -8.43
C HIS A 91 -30.33 7.53 -8.56
N ARG A 92 -30.17 8.28 -7.47
CA ARG A 92 -30.65 9.66 -7.35
C ARG A 92 -32.17 9.71 -7.31
N PHE A 93 -32.81 9.38 -8.43
CA PHE A 93 -34.26 9.38 -8.54
C PHE A 93 -34.84 10.75 -8.19
N GLY A 94 -34.70 11.68 -9.13
CA GLY A 94 -35.24 13.01 -8.97
C GLY A 94 -35.66 13.58 -10.31
N LYS A 95 -36.53 14.58 -10.28
CA LYS A 95 -37.05 15.15 -11.51
C LYS A 95 -36.52 16.56 -11.73
N ARG A 96 -36.81 17.44 -10.78
CA ARG A 96 -36.48 18.86 -10.90
C ARG A 96 -37.15 19.46 -12.13
N ALA A 97 -38.43 19.77 -11.99
CA ALA A 97 -39.19 20.33 -13.09
C ALA A 97 -39.18 21.85 -13.04
N LEU A 98 -39.13 22.47 -14.22
CA LEU A 98 -39.15 23.91 -14.32
C LEU A 98 -40.23 24.34 -15.30
N GLU A 99 -41.07 25.26 -14.87
CA GLU A 99 -42.13 25.77 -15.72
C GLU A 99 -41.64 26.96 -16.54
N HIS A 100 -42.49 27.44 -17.43
CA HIS A 100 -42.13 28.55 -18.29
C HIS A 100 -43.35 29.44 -18.54
N HIS A 101 -43.20 30.73 -18.28
CA HIS A 101 -44.28 31.68 -18.45
C HIS A 101 -44.46 32.03 -19.93
N HIS A 102 -45.62 32.59 -20.26
CA HIS A 102 -46.01 32.87 -21.64
C HIS A 102 -46.23 31.57 -22.41
N HIS A 103 -47.49 31.18 -22.52
CA HIS A 103 -47.85 29.95 -23.23
C HIS A 103 -49.15 30.14 -24.00
N HIS A 104 -49.39 29.24 -24.95
CA HIS A 104 -50.54 29.30 -25.84
C HIS A 104 -50.47 30.50 -26.76
N HIS A 105 -49.91 30.29 -27.94
CA HIS A 105 -49.81 31.34 -28.94
C HIS A 105 -51.16 31.54 -29.61
N MET A 1 -2.17 -8.14 4.77
CA MET A 1 -2.35 -7.36 6.02
C MET A 1 -2.18 -5.87 5.72
N LYS A 2 -2.01 -5.05 6.74
CA LYS A 2 -1.98 -3.60 6.54
C LYS A 2 -0.65 -3.15 5.96
N LEU A 3 -0.69 -2.06 5.21
CA LEU A 3 0.51 -1.42 4.70
C LEU A 3 1.33 -0.88 5.86
N SER A 4 0.64 -0.50 6.93
CA SER A 4 1.28 -0.08 8.17
C SER A 4 1.96 -1.26 8.86
N GLU A 5 1.50 -2.47 8.55
CA GLU A 5 2.03 -3.67 9.19
C GLU A 5 3.21 -4.23 8.41
N LEU A 6 3.52 -3.60 7.27
CA LEU A 6 4.64 -4.00 6.45
C LEU A 6 5.97 -3.55 7.07
N LYS A 7 7.05 -4.11 6.56
CA LYS A 7 8.38 -3.82 7.08
C LYS A 7 9.23 -3.21 5.98
N ALA A 8 10.31 -2.54 6.37
CA ALA A 8 11.22 -1.93 5.41
C ALA A 8 11.88 -3.01 4.54
N GLY A 9 11.63 -2.94 3.25
CA GLY A 9 12.18 -3.92 2.33
C GLY A 9 11.14 -4.92 1.88
N ASP A 10 9.99 -4.94 2.54
CA ASP A 10 8.89 -5.83 2.18
C ASP A 10 8.13 -5.29 1.00
N ARG A 11 7.70 -6.16 0.10
CA ARG A 11 7.01 -5.74 -1.11
C ARG A 11 5.66 -6.44 -1.22
N ALA A 12 4.62 -5.67 -1.47
CA ALA A 12 3.28 -6.20 -1.52
C ALA A 12 2.47 -5.53 -2.62
N GLU A 13 1.25 -6.00 -2.80
CA GLU A 13 0.34 -5.43 -3.78
C GLU A 13 -0.92 -4.95 -3.08
N VAL A 14 -1.36 -3.74 -3.40
CA VAL A 14 -2.56 -3.17 -2.79
C VAL A 14 -3.81 -3.88 -3.31
N THR A 15 -4.47 -4.61 -2.44
CA THR A 15 -5.70 -5.29 -2.79
C THR A 15 -6.90 -4.40 -2.53
N SER A 16 -6.84 -3.63 -1.46
CA SER A 16 -7.91 -2.71 -1.11
C SER A 16 -7.38 -1.55 -0.25
N VAL A 17 -7.47 -0.36 -0.79
CA VAL A 17 -7.07 0.84 -0.06
C VAL A 17 -8.30 1.50 0.58
N ALA A 18 -8.39 1.41 1.90
CA ALA A 18 -9.49 2.02 2.62
C ALA A 18 -9.09 3.40 3.12
N ALA A 19 -9.59 4.42 2.46
CA ALA A 19 -9.29 5.80 2.82
C ALA A 19 -10.44 6.69 2.37
N GLU A 20 -10.38 7.94 2.77
CA GLU A 20 -11.42 8.90 2.41
C GLU A 20 -11.40 9.16 0.91
N PRO A 21 -12.57 9.46 0.32
CA PRO A 21 -12.74 9.57 -1.14
C PRO A 21 -11.66 10.40 -1.83
N ALA A 22 -11.30 11.53 -1.24
CA ALA A 22 -10.29 12.40 -1.83
C ALA A 22 -8.90 11.81 -1.70
N VAL A 23 -8.55 11.38 -0.50
CA VAL A 23 -7.22 10.87 -0.22
C VAL A 23 -6.95 9.59 -1.00
N ARG A 24 -7.97 8.76 -1.09
CA ARG A 24 -7.87 7.49 -1.79
C ARG A 24 -7.46 7.71 -3.25
N ARG A 25 -8.19 8.59 -3.94
CA ARG A 25 -7.92 8.84 -5.35
C ARG A 25 -6.64 9.63 -5.56
N ARG A 26 -6.24 10.39 -4.56
CA ARG A 26 -4.97 11.12 -4.63
C ARG A 26 -3.81 10.13 -4.55
N LEU A 27 -3.99 9.08 -3.76
CA LEU A 27 -3.02 7.99 -3.69
C LEU A 27 -3.06 7.20 -5.00
N MET A 28 -4.27 6.96 -5.50
CA MET A 28 -4.46 6.28 -6.77
C MET A 28 -3.75 7.02 -7.91
N ASP A 29 -3.89 8.34 -7.88
CA ASP A 29 -3.20 9.22 -8.85
C ASP A 29 -1.69 9.05 -8.76
N LEU A 30 -1.20 8.75 -7.57
CA LEU A 30 0.23 8.55 -7.34
C LEU A 30 0.62 7.10 -7.65
N GLY A 31 -0.32 6.34 -8.19
CA GLY A 31 -0.04 4.99 -8.62
C GLY A 31 -0.49 3.95 -7.63
N LEU A 32 -1.02 4.38 -6.50
CA LEU A 32 -1.48 3.45 -5.47
C LEU A 32 -2.93 3.07 -5.75
N VAL A 33 -3.11 2.06 -6.58
CA VAL A 33 -4.43 1.57 -6.94
C VAL A 33 -4.56 0.10 -6.58
N ARG A 34 -5.70 -0.50 -6.89
CA ARG A 34 -5.88 -1.93 -6.69
C ARG A 34 -5.05 -2.69 -7.72
N GLY A 35 -4.13 -3.51 -7.25
CA GLY A 35 -3.24 -4.21 -8.14
C GLY A 35 -1.88 -3.54 -8.24
N ALA A 36 -1.73 -2.45 -7.50
CA ALA A 36 -0.47 -1.72 -7.48
C ALA A 36 0.56 -2.44 -6.61
N LYS A 37 1.72 -2.70 -7.19
CA LYS A 37 2.82 -3.32 -6.46
C LYS A 37 3.73 -2.26 -5.87
N LEU A 38 4.00 -2.35 -4.57
CA LEU A 38 4.82 -1.36 -3.89
C LEU A 38 5.77 -2.03 -2.91
N LYS A 39 6.94 -1.42 -2.74
CA LYS A 39 7.90 -1.88 -1.75
C LYS A 39 8.09 -0.80 -0.69
N VAL A 40 8.03 -1.20 0.57
CA VAL A 40 8.25 -0.26 1.67
C VAL A 40 9.71 0.14 1.72
N LEU A 41 9.97 1.43 1.57
CA LEU A 41 11.32 1.95 1.50
C LEU A 41 11.86 2.29 2.88
N ARG A 42 11.24 3.26 3.53
CA ARG A 42 11.75 3.77 4.78
C ARG A 42 10.61 4.31 5.63
N PHE A 43 10.87 4.43 6.92
CA PHE A 43 9.92 5.05 7.83
C PHE A 43 10.56 6.29 8.43
N ALA A 44 9.73 7.24 8.85
CA ALA A 44 10.22 8.40 9.58
C ALA A 44 10.56 7.99 11.02
N PRO A 45 11.34 8.81 11.75
CA PRO A 45 11.80 8.48 13.11
C PRO A 45 10.66 8.37 14.13
N LEU A 46 9.42 8.46 13.64
CA LEU A 46 8.26 8.43 14.52
C LEU A 46 7.20 7.47 13.95
N GLY A 47 7.62 6.65 13.00
CA GLY A 47 6.71 5.66 12.42
C GLY A 47 5.76 6.29 11.41
N ASP A 48 5.92 7.57 11.19
CA ASP A 48 5.09 8.32 10.26
C ASP A 48 5.80 9.62 9.88
N PRO A 49 5.80 9.98 8.59
CA PRO A 49 5.14 9.22 7.53
C PRO A 49 5.96 8.02 7.05
N ILE A 50 5.39 7.29 6.10
CA ILE A 50 6.02 6.12 5.51
C ILE A 50 6.30 6.38 4.03
N GLU A 51 7.45 5.96 3.56
CA GLU A 51 7.82 6.17 2.17
C GLU A 51 7.91 4.83 1.45
N VAL A 52 7.20 4.71 0.34
CA VAL A 52 7.14 3.47 -0.41
C VAL A 52 7.37 3.72 -1.90
N ASN A 53 7.83 2.69 -2.60
CA ASN A 53 8.01 2.76 -4.05
C ASN A 53 6.92 1.96 -4.74
N CYS A 54 5.92 2.66 -5.25
CA CYS A 54 4.80 2.01 -5.92
C CYS A 54 4.79 2.35 -7.40
N ASN A 55 4.81 1.31 -8.24
CA ASN A 55 4.77 1.48 -9.71
C ASN A 55 5.99 2.24 -10.24
N GLY A 56 7.05 2.27 -9.45
CA GLY A 56 8.24 3.00 -9.86
C GLY A 56 8.19 4.44 -9.43
N MET A 57 7.29 4.74 -8.51
CA MET A 57 7.15 6.08 -7.97
C MET A 57 7.45 6.06 -6.48
N LEU A 58 8.33 6.94 -6.04
CA LEU A 58 8.65 7.05 -4.62
C LEU A 58 7.81 8.13 -3.98
N LEU A 59 6.78 7.71 -3.26
CA LEU A 59 5.83 8.63 -2.68
C LEU A 59 5.80 8.50 -1.17
N THR A 60 5.50 9.61 -0.51
CA THR A 60 5.42 9.67 0.93
C THR A 60 3.96 9.71 1.38
N MET A 61 3.60 8.82 2.28
CA MET A 61 2.22 8.72 2.74
C MET A 61 2.18 8.49 4.25
N ARG A 62 0.99 8.56 4.81
CA ARG A 62 0.83 8.52 6.25
C ARG A 62 0.53 7.10 6.74
N ARG A 63 0.97 6.82 7.96
CA ARG A 63 0.72 5.54 8.58
C ARG A 63 -0.78 5.31 8.75
N ASN A 64 -1.47 6.36 9.17
CA ASN A 64 -2.92 6.30 9.38
C ASN A 64 -3.66 5.93 8.09
N GLU A 65 -3.11 6.34 6.96
CA GLU A 65 -3.65 5.94 5.66
C GLU A 65 -3.26 4.49 5.38
N ALA A 66 -2.03 4.14 5.76
CA ALA A 66 -1.50 2.79 5.57
C ALA A 66 -2.27 1.76 6.40
N GLU A 67 -2.87 2.23 7.49
CA GLU A 67 -3.74 1.39 8.30
C GLU A 67 -4.94 0.95 7.46
N GLY A 68 -5.56 1.91 6.78
CA GLY A 68 -6.68 1.62 5.92
C GLY A 68 -6.29 0.77 4.73
N ILE A 69 -5.06 0.94 4.26
CA ILE A 69 -4.57 0.21 3.10
C ILE A 69 -4.25 -1.23 3.45
N THR A 70 -4.93 -2.15 2.79
CA THR A 70 -4.69 -3.57 2.97
C THR A 70 -3.91 -4.10 1.76
N VAL A 71 -2.79 -4.74 2.05
CA VAL A 71 -1.90 -5.22 1.00
C VAL A 71 -1.79 -6.74 1.03
N HIS A 72 -1.41 -7.30 -0.10
CA HIS A 72 -1.15 -8.72 -0.23
C HIS A 72 0.31 -8.92 -0.62
N ILE A 73 1.02 -9.70 0.18
CA ILE A 73 2.46 -9.87 0.00
C ILE A 73 2.79 -10.56 -1.33
N LEU A 74 3.73 -9.97 -2.06
CA LEU A 74 4.19 -10.53 -3.32
C LEU A 74 5.18 -11.66 -3.06
N ALA A 75 4.62 -12.80 -2.66
CA ALA A 75 5.40 -13.97 -2.31
C ALA A 75 4.47 -15.16 -2.15
N GLY A 76 5.02 -16.31 -1.80
CA GLY A 76 4.20 -17.49 -1.61
C GLY A 76 4.19 -18.40 -2.82
N ASP A 77 4.26 -17.79 -4.00
CA ASP A 77 4.37 -18.51 -5.27
C ASP A 77 3.07 -19.24 -5.67
N GLU A 78 2.18 -19.45 -4.70
CA GLU A 78 0.88 -20.05 -5.01
C GLU A 78 0.03 -19.10 -5.85
N GLY A 79 0.23 -17.80 -5.63
CA GLY A 79 -0.45 -16.80 -6.43
C GLY A 79 -1.83 -16.47 -5.88
N HIS A 80 -2.85 -16.88 -6.63
CA HIS A 80 -4.25 -16.62 -6.28
C HIS A 80 -4.55 -15.12 -6.35
N PRO A 81 -4.89 -14.63 -7.55
CA PRO A 81 -5.23 -13.21 -7.76
C PRO A 81 -6.44 -12.80 -6.93
N HIS A 82 -6.29 -11.70 -6.18
CA HIS A 82 -7.37 -11.20 -5.35
C HIS A 82 -8.40 -10.49 -6.22
N GLY A 83 -9.33 -11.27 -6.75
CA GLY A 83 -10.33 -10.74 -7.66
C GLY A 83 -10.17 -11.33 -9.04
N TRP A 84 -10.88 -10.79 -10.01
CA TRP A 84 -10.84 -11.30 -11.36
C TRP A 84 -10.02 -10.37 -12.26
N PRO A 85 -9.22 -10.92 -13.18
CA PRO A 85 -8.45 -10.13 -14.15
C PRO A 85 -9.33 -9.63 -15.31
N GLY A 86 -9.04 -8.43 -15.76
CA GLY A 86 -9.84 -7.83 -16.81
C GLY A 86 -10.46 -6.53 -16.36
N PHE A 87 -9.64 -5.66 -15.81
CA PHE A 87 -10.10 -4.37 -15.33
C PHE A 87 -9.17 -3.27 -15.82
N ARG A 88 -9.63 -2.53 -16.82
CA ARG A 88 -8.89 -1.41 -17.37
C ARG A 88 -9.85 -0.42 -18.00
N ARG A 89 -9.73 0.84 -17.63
CA ARG A 89 -10.65 1.85 -18.12
C ARG A 89 -9.99 3.23 -18.17
N ARG A 90 -9.46 3.55 -19.33
CA ARG A 90 -8.95 4.89 -19.58
C ARG A 90 -9.68 5.44 -20.80
N HIS A 91 -10.78 6.13 -20.54
CA HIS A 91 -11.66 6.56 -21.62
C HIS A 91 -11.81 8.08 -21.62
N ARG A 92 -10.97 8.74 -22.40
CA ARG A 92 -11.11 10.16 -22.65
C ARG A 92 -10.45 10.50 -23.98
N PHE A 93 -11.21 10.29 -25.04
CA PHE A 93 -10.72 10.55 -26.38
C PHE A 93 -11.34 11.83 -26.91
N GLY A 94 -10.53 12.69 -27.51
CA GLY A 94 -11.02 13.96 -27.98
C GLY A 94 -10.92 14.10 -29.48
N LYS A 95 -9.71 14.36 -29.96
CA LYS A 95 -9.49 14.61 -31.37
C LYS A 95 -9.50 13.32 -32.18
N ARG A 96 -10.12 13.39 -33.35
CA ARG A 96 -10.13 12.29 -34.30
C ARG A 96 -10.24 12.81 -35.72
N ALA A 97 -10.58 14.09 -35.86
CA ALA A 97 -10.57 14.76 -37.14
C ALA A 97 -9.19 15.32 -37.40
N LEU A 98 -8.39 14.59 -38.16
CA LEU A 98 -7.00 14.91 -38.35
C LEU A 98 -6.79 15.62 -39.69
N GLU A 99 -7.88 16.13 -40.25
CA GLU A 99 -7.85 16.85 -41.53
C GLU A 99 -7.51 15.90 -42.68
N HIS A 100 -7.39 16.45 -43.86
CA HIS A 100 -6.92 15.70 -45.02
C HIS A 100 -5.69 16.42 -45.57
N HIS A 101 -4.60 16.33 -44.84
CA HIS A 101 -3.37 17.00 -45.21
C HIS A 101 -2.42 16.01 -45.88
N HIS A 102 -2.34 16.09 -47.19
CA HIS A 102 -1.53 15.18 -47.97
C HIS A 102 -1.10 15.85 -49.28
N HIS A 103 0.14 16.30 -49.31
CA HIS A 103 0.68 16.98 -50.48
C HIS A 103 2.15 16.62 -50.67
N HIS A 104 2.50 16.22 -51.88
CA HIS A 104 3.87 15.87 -52.21
C HIS A 104 4.07 15.85 -53.72
N HIS A 105 5.22 16.31 -54.16
CA HIS A 105 5.57 16.28 -55.56
C HIS A 105 7.07 16.03 -55.70
N MET A 1 -3.42 -8.05 5.83
CA MET A 1 -2.23 -7.36 6.39
C MET A 1 -2.22 -5.91 5.96
N LYS A 2 -1.99 -5.01 6.91
CA LYS A 2 -1.96 -3.59 6.61
C LYS A 2 -0.68 -3.20 5.93
N LEU A 3 -0.74 -2.14 5.14
CA LEU A 3 0.45 -1.56 4.54
C LEU A 3 1.35 -0.99 5.62
N SER A 4 0.73 -0.57 6.72
CA SER A 4 1.46 -0.06 7.87
C SER A 4 2.05 -1.19 8.72
N GLU A 5 1.68 -2.43 8.41
CA GLU A 5 2.18 -3.58 9.15
C GLU A 5 3.44 -4.14 8.51
N LEU A 6 3.77 -3.66 7.33
CA LEU A 6 5.00 -4.07 6.66
C LEU A 6 6.21 -3.53 7.40
N LYS A 7 7.38 -4.08 7.11
CA LYS A 7 8.57 -3.79 7.91
C LYS A 7 9.78 -3.39 7.06
N ALA A 8 9.50 -2.73 5.93
CA ALA A 8 10.54 -2.20 5.05
C ALA A 8 11.32 -3.31 4.34
N GLY A 9 11.53 -3.12 3.04
CA GLY A 9 12.17 -4.15 2.25
C GLY A 9 11.16 -5.16 1.76
N ASP A 10 9.90 -4.86 2.02
CA ASP A 10 8.80 -5.75 1.69
C ASP A 10 8.09 -5.28 0.44
N ARG A 11 7.86 -6.21 -0.48
CA ARG A 11 7.15 -5.91 -1.69
C ARG A 11 5.76 -6.53 -1.62
N ALA A 12 4.74 -5.69 -1.74
CA ALA A 12 3.37 -6.15 -1.58
C ALA A 12 2.49 -5.60 -2.68
N GLU A 13 1.30 -6.17 -2.79
CA GLU A 13 0.31 -5.70 -3.76
C GLU A 13 -0.89 -5.14 -3.01
N VAL A 14 -1.34 -3.96 -3.43
CA VAL A 14 -2.48 -3.32 -2.80
C VAL A 14 -3.78 -4.00 -3.21
N THR A 15 -4.46 -4.58 -2.25
CA THR A 15 -5.71 -5.28 -2.50
C THR A 15 -6.90 -4.34 -2.34
N SER A 16 -6.80 -3.43 -1.38
CA SER A 16 -7.87 -2.46 -1.13
C SER A 16 -7.33 -1.27 -0.35
N VAL A 17 -7.83 -0.08 -0.67
CA VAL A 17 -7.42 1.14 0.00
C VAL A 17 -8.59 1.73 0.77
N ALA A 18 -8.52 1.67 2.10
CA ALA A 18 -9.56 2.23 2.94
C ALA A 18 -9.15 3.61 3.43
N ALA A 19 -9.74 4.63 2.82
CA ALA A 19 -9.42 6.01 3.14
C ALA A 19 -10.50 6.94 2.63
N GLU A 20 -10.33 8.24 2.87
CA GLU A 20 -11.24 9.24 2.34
C GLU A 20 -11.23 9.18 0.82
N PRO A 21 -12.39 9.42 0.17
CA PRO A 21 -12.50 9.36 -1.29
C PRO A 21 -11.48 10.24 -2.00
N ALA A 22 -11.31 11.46 -1.50
CA ALA A 22 -10.34 12.40 -2.08
C ALA A 22 -8.92 11.88 -1.92
N VAL A 23 -8.65 11.27 -0.79
CA VAL A 23 -7.33 10.73 -0.49
C VAL A 23 -7.08 9.46 -1.32
N ARG A 24 -8.10 8.62 -1.38
CA ARG A 24 -8.03 7.38 -2.15
C ARG A 24 -7.69 7.68 -3.61
N ARG A 25 -8.42 8.61 -4.20
CA ARG A 25 -8.19 9.01 -5.58
C ARG A 25 -6.84 9.68 -5.73
N ARG A 26 -6.44 10.45 -4.72
CA ARG A 26 -5.15 11.11 -4.70
C ARG A 26 -4.03 10.08 -4.78
N LEU A 27 -4.18 8.99 -4.04
CA LEU A 27 -3.21 7.91 -4.07
C LEU A 27 -3.23 7.21 -5.43
N MET A 28 -4.42 7.07 -6.00
CA MET A 28 -4.57 6.44 -7.31
C MET A 28 -3.88 7.27 -8.38
N ASP A 29 -4.01 8.59 -8.28
CA ASP A 29 -3.35 9.50 -9.20
C ASP A 29 -1.84 9.41 -9.07
N LEU A 30 -1.35 9.14 -7.88
CA LEU A 30 0.08 8.98 -7.65
C LEU A 30 0.57 7.67 -8.24
N GLY A 31 -0.21 6.61 -8.05
CA GLY A 31 0.16 5.31 -8.56
C GLY A 31 -0.25 4.18 -7.64
N LEU A 32 -0.96 4.53 -6.58
CA LEU A 32 -1.39 3.54 -5.59
C LEU A 32 -2.83 3.13 -5.89
N VAL A 33 -2.98 2.02 -6.60
CA VAL A 33 -4.30 1.52 -6.97
C VAL A 33 -4.41 0.04 -6.60
N ARG A 34 -5.60 -0.51 -6.74
CA ARG A 34 -5.80 -1.94 -6.52
C ARG A 34 -5.08 -2.71 -7.63
N GLY A 35 -4.12 -3.53 -7.22
CA GLY A 35 -3.32 -4.26 -8.19
C GLY A 35 -1.96 -3.64 -8.38
N ALA A 36 -1.73 -2.51 -7.71
CA ALA A 36 -0.43 -1.86 -7.72
C ALA A 36 0.54 -2.61 -6.82
N LYS A 37 1.75 -2.82 -7.31
CA LYS A 37 2.77 -3.50 -6.54
C LYS A 37 3.80 -2.49 -6.05
N LEU A 38 4.05 -2.48 -4.76
CA LEU A 38 4.92 -1.46 -4.17
C LEU A 38 5.94 -2.07 -3.22
N LYS A 39 7.02 -1.34 -3.00
CA LYS A 39 8.06 -1.74 -2.08
C LYS A 39 8.17 -0.74 -0.93
N VAL A 40 7.95 -1.20 0.29
CA VAL A 40 8.12 -0.36 1.46
C VAL A 40 9.60 -0.06 1.68
N LEU A 41 9.96 1.20 1.60
CA LEU A 41 11.36 1.60 1.67
C LEU A 41 11.79 1.88 3.09
N ARG A 42 11.16 2.87 3.70
CA ARG A 42 11.61 3.34 5.00
C ARG A 42 10.44 3.84 5.83
N PHE A 43 10.65 3.89 7.12
CA PHE A 43 9.71 4.51 8.04
C PHE A 43 10.41 5.65 8.73
N ALA A 44 9.71 6.75 8.92
CA ALA A 44 10.28 7.88 9.63
C ALA A 44 10.54 7.50 11.09
N PRO A 45 11.44 8.21 11.78
CA PRO A 45 11.80 7.96 13.19
C PRO A 45 10.62 8.06 14.16
N LEU A 46 9.42 8.24 13.62
CA LEU A 46 8.23 8.37 14.44
C LEU A 46 7.13 7.45 13.91
N GLY A 47 7.52 6.53 13.02
CA GLY A 47 6.57 5.59 12.46
C GLY A 47 5.66 6.24 11.44
N ASP A 48 5.98 7.47 11.09
CA ASP A 48 5.16 8.30 10.21
C ASP A 48 5.94 9.55 9.83
N PRO A 49 5.95 9.91 8.53
CA PRO A 49 5.25 9.17 7.47
C PRO A 49 6.01 7.93 7.01
N ILE A 50 5.46 7.26 6.00
CA ILE A 50 6.05 6.05 5.46
C ILE A 50 6.47 6.26 4.01
N GLU A 51 7.68 5.81 3.70
CA GLU A 51 8.25 5.95 2.36
C GLU A 51 8.05 4.65 1.60
N VAL A 52 7.26 4.68 0.53
CA VAL A 52 7.03 3.49 -0.26
C VAL A 52 7.23 3.76 -1.75
N ASN A 53 7.90 2.85 -2.43
CA ASN A 53 8.02 2.92 -3.87
C ASN A 53 6.84 2.21 -4.50
N CYS A 54 5.86 2.97 -4.96
CA CYS A 54 4.66 2.39 -5.51
C CYS A 54 4.60 2.58 -7.00
N ASN A 55 4.71 1.47 -7.74
CA ASN A 55 4.58 1.47 -9.19
C ASN A 55 5.69 2.32 -9.83
N GLY A 56 6.84 2.38 -9.16
CA GLY A 56 7.96 3.14 -9.67
C GLY A 56 8.07 4.53 -9.05
N MET A 57 6.98 5.03 -8.49
CA MET A 57 6.97 6.35 -7.88
C MET A 57 7.18 6.28 -6.38
N LEU A 58 8.07 7.12 -5.88
CA LEU A 58 8.30 7.24 -4.45
C LEU A 58 7.15 8.03 -3.82
N LEU A 59 6.27 7.32 -3.13
CA LEU A 59 5.10 7.96 -2.55
C LEU A 59 5.28 8.08 -1.04
N THR A 60 5.02 9.26 -0.52
CA THR A 60 5.06 9.48 0.92
C THR A 60 3.65 9.68 1.45
N MET A 61 3.24 8.81 2.35
CA MET A 61 1.93 8.90 2.95
C MET A 61 2.01 8.69 4.45
N ARG A 62 0.93 8.96 5.15
CA ARG A 62 0.93 8.93 6.60
C ARG A 62 0.60 7.53 7.10
N ARG A 63 1.02 7.23 8.32
CA ARG A 63 0.71 5.94 8.94
C ARG A 63 -0.78 5.69 8.94
N ASN A 64 -1.54 6.77 9.14
CA ASN A 64 -3.00 6.72 9.18
C ASN A 64 -3.54 6.08 7.91
N GLU A 65 -2.96 6.49 6.79
CA GLU A 65 -3.41 6.04 5.48
C GLU A 65 -3.00 4.59 5.24
N ALA A 66 -1.80 4.25 5.68
CA ALA A 66 -1.28 2.90 5.54
C ALA A 66 -2.08 1.91 6.38
N GLU A 67 -2.70 2.40 7.45
CA GLU A 67 -3.60 1.58 8.26
C GLU A 67 -4.80 1.13 7.43
N GLY A 68 -5.38 2.07 6.69
CA GLY A 68 -6.51 1.76 5.84
C GLY A 68 -6.16 0.83 4.70
N ILE A 69 -4.97 0.98 4.16
CA ILE A 69 -4.55 0.21 3.00
C ILE A 69 -4.24 -1.24 3.38
N THR A 70 -4.91 -2.17 2.73
CA THR A 70 -4.69 -3.58 2.94
C THR A 70 -3.88 -4.15 1.77
N VAL A 71 -2.79 -4.83 2.07
CA VAL A 71 -1.91 -5.38 1.05
C VAL A 71 -1.55 -6.83 1.37
N HIS A 72 -1.01 -7.53 0.39
CA HIS A 72 -0.47 -8.86 0.61
C HIS A 72 0.95 -8.94 0.06
N ILE A 73 1.85 -9.51 0.84
CA ILE A 73 3.26 -9.58 0.47
C ILE A 73 3.46 -10.53 -0.70
N LEU A 74 4.18 -10.04 -1.71
CA LEU A 74 4.46 -10.83 -2.89
C LEU A 74 5.65 -11.74 -2.63
N ALA A 75 5.38 -12.91 -2.10
CA ALA A 75 6.41 -13.88 -1.78
C ALA A 75 5.85 -15.29 -1.86
N GLY A 76 5.10 -15.56 -2.92
CA GLY A 76 4.51 -16.87 -3.11
C GLY A 76 5.56 -17.95 -3.23
N ASP A 77 6.52 -17.72 -4.12
CA ASP A 77 7.67 -18.60 -4.23
C ASP A 77 8.91 -17.78 -4.55
N GLU A 78 10.03 -18.18 -3.97
CA GLU A 78 11.28 -17.42 -4.08
C GLU A 78 11.14 -16.05 -3.43
N GLY A 79 11.49 -15.99 -2.15
CA GLY A 79 11.37 -14.76 -1.40
C GLY A 79 12.30 -14.74 -0.22
N HIS A 80 13.59 -14.60 -0.50
CA HIS A 80 14.60 -14.51 0.55
C HIS A 80 14.47 -13.19 1.30
N PRO A 81 14.89 -13.15 2.57
CA PRO A 81 14.88 -11.91 3.36
C PRO A 81 15.86 -10.89 2.81
N HIS A 82 16.84 -11.37 2.06
CA HIS A 82 17.85 -10.52 1.43
C HIS A 82 18.59 -9.67 2.46
N GLY A 83 18.73 -10.22 3.66
CA GLY A 83 19.40 -9.51 4.73
C GLY A 83 20.25 -10.44 5.56
N TRP A 84 20.15 -10.35 6.87
CA TRP A 84 20.92 -11.19 7.77
C TRP A 84 20.16 -11.40 9.08
N PRO A 85 20.23 -12.62 9.65
CA PRO A 85 19.58 -12.93 10.92
C PRO A 85 20.34 -12.40 12.13
N GLY A 86 19.70 -11.52 12.88
CA GLY A 86 20.31 -10.98 14.08
C GLY A 86 19.90 -11.75 15.32
N PHE A 87 20.36 -11.30 16.47
CA PHE A 87 20.04 -11.96 17.73
C PHE A 87 19.17 -11.07 18.62
N ARG A 88 19.68 -9.86 18.93
CA ARG A 88 18.98 -8.88 19.77
C ARG A 88 18.92 -9.34 21.24
N ARG A 89 19.58 -8.58 22.10
CA ARG A 89 19.54 -8.83 23.53
C ARG A 89 18.47 -7.96 24.18
N ARG A 90 18.23 -8.18 25.48
CA ARG A 90 17.22 -7.44 26.23
C ARG A 90 15.86 -7.58 25.54
N HIS A 91 15.61 -8.78 25.03
CA HIS A 91 14.40 -9.02 24.24
C HIS A 91 13.19 -9.22 25.14
N ARG A 92 12.56 -8.11 25.50
CA ARG A 92 11.34 -8.15 26.29
C ARG A 92 10.41 -7.01 25.86
N PHE A 93 9.25 -7.37 25.36
CA PHE A 93 8.25 -6.38 24.99
C PHE A 93 7.47 -5.99 26.23
N GLY A 94 7.76 -4.81 26.75
CA GLY A 94 7.23 -4.41 28.02
C GLY A 94 5.79 -3.94 27.97
N LYS A 95 5.18 -3.87 29.15
CA LYS A 95 3.83 -3.36 29.32
C LYS A 95 3.85 -2.27 30.37
N ARG A 96 3.12 -1.18 30.13
CA ARG A 96 3.12 -0.06 31.06
C ARG A 96 2.55 -0.48 32.41
N ALA A 97 3.09 0.10 33.48
CA ALA A 97 2.66 -0.24 34.83
C ALA A 97 1.19 0.09 35.04
N LEU A 98 0.37 -0.93 35.15
CA LEU A 98 -1.06 -0.74 35.29
C LEU A 98 -1.50 -1.10 36.70
N GLU A 99 -1.90 -0.09 37.44
CA GLU A 99 -2.45 -0.30 38.77
C GLU A 99 -3.96 -0.11 38.71
N HIS A 100 -4.69 -1.16 39.07
CA HIS A 100 -6.13 -1.24 38.83
C HIS A 100 -6.88 -0.09 39.50
N HIS A 101 -7.95 0.34 38.83
CA HIS A 101 -8.73 1.49 39.26
C HIS A 101 -9.58 1.18 40.48
N HIS A 102 -10.13 2.22 41.09
CA HIS A 102 -10.90 2.09 42.32
C HIS A 102 -12.36 1.81 42.02
N HIS A 103 -13.01 1.09 42.91
CA HIS A 103 -14.43 0.79 42.78
C HIS A 103 -15.15 1.04 44.10
N HIS A 104 -16.47 1.09 44.07
CA HIS A 104 -17.26 1.39 45.26
C HIS A 104 -17.36 0.17 46.16
N HIS A 105 -16.99 0.36 47.42
CA HIS A 105 -17.05 -0.71 48.40
C HIS A 105 -18.34 -0.64 49.18
N MET A 1 -3.36 -7.98 5.18
CA MET A 1 -2.32 -7.23 5.93
C MET A 1 -2.41 -5.75 5.60
N LYS A 2 -1.99 -4.89 6.52
CA LYS A 2 -2.00 -3.45 6.27
C LYS A 2 -0.71 -3.03 5.59
N LEU A 3 -0.79 -1.95 4.83
CA LEU A 3 0.39 -1.34 4.23
C LEU A 3 1.31 -0.79 5.33
N SER A 4 0.71 -0.35 6.42
CA SER A 4 1.45 0.18 7.56
C SER A 4 2.01 -0.93 8.45
N GLU A 5 1.73 -2.18 8.08
CA GLU A 5 2.24 -3.32 8.84
C GLU A 5 3.60 -3.74 8.29
N LEU A 6 3.83 -3.41 7.03
CA LEU A 6 5.11 -3.72 6.37
C LEU A 6 6.25 -2.99 7.06
N LYS A 7 7.44 -3.59 7.06
CA LYS A 7 8.54 -3.07 7.88
C LYS A 7 9.77 -2.71 7.05
N ALA A 8 9.55 -2.04 5.91
CA ALA A 8 10.63 -1.51 5.07
C ALA A 8 11.45 -2.61 4.40
N GLY A 9 11.52 -2.54 3.07
CA GLY A 9 12.21 -3.57 2.32
C GLY A 9 11.25 -4.62 1.80
N ASP A 10 10.06 -4.60 2.36
CA ASP A 10 9.03 -5.57 1.99
C ASP A 10 8.35 -5.16 0.70
N ARG A 11 7.91 -6.15 -0.07
CA ARG A 11 7.20 -5.92 -1.31
C ARG A 11 5.79 -6.45 -1.18
N ALA A 12 4.81 -5.62 -1.49
CA ALA A 12 3.42 -6.03 -1.35
C ALA A 12 2.61 -5.64 -2.57
N GLU A 13 1.44 -6.23 -2.69
CA GLU A 13 0.49 -5.89 -3.73
C GLU A 13 -0.81 -5.42 -3.09
N VAL A 14 -1.28 -4.25 -3.51
CA VAL A 14 -2.49 -3.67 -2.93
C VAL A 14 -3.73 -4.45 -3.39
N THR A 15 -4.52 -4.90 -2.42
CA THR A 15 -5.76 -5.59 -2.72
C THR A 15 -6.95 -4.65 -2.57
N SER A 16 -6.86 -3.72 -1.62
CA SER A 16 -7.91 -2.75 -1.39
C SER A 16 -7.35 -1.54 -0.64
N VAL A 17 -7.92 -0.37 -0.92
CA VAL A 17 -7.50 0.87 -0.28
C VAL A 17 -8.70 1.58 0.34
N ALA A 18 -8.74 1.63 1.66
CA ALA A 18 -9.84 2.25 2.37
C ALA A 18 -9.43 3.60 2.94
N ALA A 19 -10.02 4.67 2.40
CA ALA A 19 -9.74 6.02 2.85
C ALA A 19 -10.83 6.96 2.38
N GLU A 20 -10.81 8.20 2.87
CA GLU A 20 -11.75 9.21 2.42
C GLU A 20 -11.56 9.47 0.92
N PRO A 21 -12.63 9.82 0.19
CA PRO A 21 -12.61 10.02 -1.26
C PRO A 21 -11.40 10.82 -1.74
N ALA A 22 -11.18 11.99 -1.15
CA ALA A 22 -10.08 12.86 -1.56
C ALA A 22 -8.74 12.20 -1.30
N VAL A 23 -8.61 11.57 -0.15
CA VAL A 23 -7.35 10.95 0.25
C VAL A 23 -7.08 9.72 -0.61
N ARG A 24 -8.11 8.91 -0.80
CA ARG A 24 -8.00 7.70 -1.63
C ARG A 24 -7.64 8.09 -3.05
N ARG A 25 -8.30 9.12 -3.56
CA ARG A 25 -8.04 9.61 -4.90
C ARG A 25 -6.59 10.00 -5.07
N ARG A 26 -6.05 10.72 -4.09
CA ARG A 26 -4.65 11.13 -4.14
C ARG A 26 -3.73 9.92 -4.25
N LEU A 27 -3.96 8.93 -3.41
CA LEU A 27 -3.17 7.71 -3.42
C LEU A 27 -3.31 7.00 -4.77
N MET A 28 -4.54 6.87 -5.24
CA MET A 28 -4.81 6.19 -6.52
C MET A 28 -4.26 6.99 -7.69
N ASP A 29 -4.32 8.31 -7.59
CA ASP A 29 -3.88 9.20 -8.66
C ASP A 29 -2.36 9.16 -8.78
N LEU A 30 -1.68 8.96 -7.65
CA LEU A 30 -0.24 8.85 -7.65
C LEU A 30 0.19 7.53 -8.30
N GLY A 31 -0.55 6.46 -8.01
CA GLY A 31 -0.26 5.18 -8.61
C GLY A 31 -0.52 4.01 -7.68
N LEU A 32 -1.32 4.24 -6.64
CA LEU A 32 -1.62 3.19 -5.68
C LEU A 32 -3.05 2.69 -5.90
N VAL A 33 -3.17 1.58 -6.60
CA VAL A 33 -4.47 0.96 -6.88
C VAL A 33 -4.39 -0.54 -6.65
N ARG A 34 -5.49 -1.25 -6.87
CA ARG A 34 -5.52 -2.68 -6.72
C ARG A 34 -4.66 -3.35 -7.80
N GLY A 35 -3.75 -4.20 -7.37
CA GLY A 35 -2.87 -4.86 -8.31
C GLY A 35 -1.55 -4.12 -8.46
N ALA A 36 -1.44 -2.97 -7.81
CA ALA A 36 -0.20 -2.22 -7.81
C ALA A 36 0.80 -2.86 -6.86
N LYS A 37 1.99 -3.13 -7.37
CA LYS A 37 3.05 -3.69 -6.55
C LYS A 37 3.93 -2.57 -6.02
N LEU A 38 4.17 -2.56 -4.72
CA LEU A 38 4.95 -1.50 -4.11
C LEU A 38 5.96 -2.05 -3.11
N LYS A 39 7.09 -1.39 -3.04
CA LYS A 39 8.12 -1.74 -2.08
C LYS A 39 8.24 -0.64 -1.02
N VAL A 40 8.11 -1.02 0.24
CA VAL A 40 8.26 -0.06 1.32
C VAL A 40 9.73 0.33 1.47
N LEU A 41 10.00 1.62 1.46
CA LEU A 41 11.37 2.12 1.56
C LEU A 41 11.82 2.11 3.00
N ARG A 42 11.15 2.90 3.83
CA ARG A 42 11.50 2.99 5.25
C ARG A 42 10.44 3.78 6.00
N PHE A 43 10.48 3.72 7.31
CA PHE A 43 9.63 4.54 8.15
C PHE A 43 10.37 5.80 8.56
N ALA A 44 9.63 6.77 9.05
CA ALA A 44 10.22 7.90 9.75
C ALA A 44 10.55 7.45 11.16
N PRO A 45 11.35 8.23 11.92
CA PRO A 45 11.81 7.85 13.27
C PRO A 45 10.67 7.58 14.27
N LEU A 46 9.43 7.69 13.83
CA LEU A 46 8.28 7.53 14.70
C LEU A 46 7.25 6.59 14.09
N GLY A 47 7.61 5.97 12.97
CA GLY A 47 6.68 5.08 12.29
C GLY A 47 5.72 5.84 11.39
N ASP A 48 5.84 7.16 11.43
CA ASP A 48 5.03 8.03 10.60
C ASP A 48 5.82 9.29 10.26
N PRO A 49 5.83 9.70 8.99
CA PRO A 49 5.14 9.01 7.90
C PRO A 49 5.92 7.78 7.39
N ILE A 50 5.43 7.22 6.29
CA ILE A 50 6.03 6.02 5.70
C ILE A 50 6.40 6.29 4.24
N GLU A 51 7.58 5.84 3.84
CA GLU A 51 8.04 6.02 2.47
C GLU A 51 7.91 4.72 1.69
N VAL A 52 7.28 4.78 0.51
CA VAL A 52 7.11 3.60 -0.31
C VAL A 52 7.37 3.90 -1.79
N ASN A 53 7.76 2.87 -2.54
CA ASN A 53 7.88 2.97 -3.98
C ASN A 53 6.76 2.15 -4.62
N CYS A 54 5.71 2.82 -5.07
CA CYS A 54 4.54 2.14 -5.60
C CYS A 54 4.47 2.28 -7.11
N ASN A 55 4.60 1.15 -7.81
CA ASN A 55 4.43 1.09 -9.26
C ASN A 55 5.42 2.00 -9.99
N GLY A 56 6.57 2.24 -9.36
CA GLY A 56 7.58 3.08 -9.96
C GLY A 56 7.56 4.51 -9.45
N MET A 57 6.56 4.85 -8.65
CA MET A 57 6.49 6.17 -8.03
C MET A 57 6.96 6.09 -6.59
N LEU A 58 7.92 6.93 -6.23
CA LEU A 58 8.39 6.99 -4.86
C LEU A 58 7.66 8.10 -4.13
N LEU A 59 6.79 7.74 -3.19
CA LEU A 59 5.96 8.70 -2.51
C LEU A 59 5.97 8.47 -1.00
N THR A 60 6.10 9.56 -0.26
CA THR A 60 6.02 9.50 1.19
C THR A 60 4.57 9.75 1.62
N MET A 61 4.01 8.80 2.35
CA MET A 61 2.61 8.84 2.73
C MET A 61 2.44 8.72 4.23
N ARG A 62 1.26 9.08 4.70
CA ARG A 62 0.99 9.15 6.12
C ARG A 62 0.57 7.79 6.65
N ARG A 63 0.86 7.52 7.92
CA ARG A 63 0.51 6.26 8.55
C ARG A 63 -1.00 6.01 8.52
N ASN A 64 -1.77 7.08 8.73
CA ASN A 64 -3.22 6.96 8.72
C ASN A 64 -3.73 6.48 7.36
N GLU A 65 -3.00 6.83 6.31
CA GLU A 65 -3.37 6.43 4.96
C GLU A 65 -3.03 4.96 4.75
N ALA A 66 -1.85 4.55 5.22
CA ALA A 66 -1.37 3.19 5.04
C ALA A 66 -2.20 2.19 5.85
N GLU A 67 -2.71 2.62 6.99
CA GLU A 67 -3.56 1.78 7.83
C GLU A 67 -4.81 1.32 7.08
N GLY A 68 -5.43 2.26 6.37
CA GLY A 68 -6.61 1.94 5.58
C GLY A 68 -6.31 1.03 4.41
N ILE A 69 -5.05 0.98 3.99
CA ILE A 69 -4.68 0.23 2.82
C ILE A 69 -4.36 -1.22 3.17
N THR A 70 -5.04 -2.13 2.49
CA THR A 70 -4.84 -3.55 2.70
C THR A 70 -3.99 -4.13 1.58
N VAL A 71 -2.88 -4.74 1.94
CA VAL A 71 -1.95 -5.30 0.98
C VAL A 71 -1.65 -6.76 1.31
N HIS A 72 -1.02 -7.45 0.38
CA HIS A 72 -0.52 -8.78 0.63
C HIS A 72 0.93 -8.86 0.18
N ILE A 73 1.79 -9.40 1.04
CA ILE A 73 3.21 -9.48 0.75
C ILE A 73 3.49 -10.44 -0.40
N LEU A 74 4.28 -9.98 -1.36
CA LEU A 74 4.67 -10.80 -2.50
C LEU A 74 5.89 -11.62 -2.14
N ALA A 75 5.66 -12.69 -1.38
CA ALA A 75 6.73 -13.56 -0.91
C ALA A 75 6.14 -14.92 -0.53
N GLY A 76 7.01 -15.85 -0.18
CA GLY A 76 6.54 -17.17 0.20
C GLY A 76 6.63 -17.40 1.69
N ASP A 77 7.16 -16.42 2.39
CA ASP A 77 7.32 -16.51 3.84
C ASP A 77 6.02 -16.21 4.54
N GLU A 78 5.31 -17.27 4.93
CA GLU A 78 4.01 -17.17 5.57
C GLU A 78 3.04 -16.34 4.74
N GLY A 79 2.62 -16.89 3.62
CA GLY A 79 1.65 -16.23 2.77
C GLY A 79 0.24 -16.52 3.23
N HIS A 80 0.08 -17.72 3.80
CA HIS A 80 -1.17 -18.16 4.41
C HIS A 80 -2.28 -18.39 3.39
N PRO A 81 -3.17 -19.36 3.65
CA PRO A 81 -4.39 -19.55 2.88
C PRO A 81 -5.36 -18.40 3.12
N HIS A 82 -5.97 -17.89 2.05
CA HIS A 82 -6.79 -16.70 2.16
C HIS A 82 -8.27 -17.05 2.28
N GLY A 83 -8.79 -16.96 3.50
CA GLY A 83 -10.20 -17.16 3.71
C GLY A 83 -10.96 -15.86 3.64
N TRP A 84 -11.67 -15.65 2.54
CA TRP A 84 -12.37 -14.40 2.31
C TRP A 84 -13.72 -14.37 2.99
N PRO A 85 -14.13 -13.18 3.48
CA PRO A 85 -15.44 -12.96 4.06
C PRO A 85 -16.55 -13.04 3.01
N GLY A 86 -17.69 -13.57 3.39
CA GLY A 86 -18.76 -13.78 2.44
C GLY A 86 -19.95 -12.86 2.65
N PHE A 87 -20.76 -12.74 1.62
CA PHE A 87 -22.01 -11.96 1.64
C PHE A 87 -21.74 -10.45 1.63
N ARG A 88 -21.85 -9.87 0.45
CA ARG A 88 -21.77 -8.43 0.28
C ARG A 88 -22.90 -7.97 -0.63
N ARG A 89 -23.60 -6.93 -0.24
CA ARG A 89 -24.75 -6.47 -0.99
C ARG A 89 -24.99 -4.99 -0.74
N ARG A 90 -24.98 -4.21 -1.81
CA ARG A 90 -25.11 -2.77 -1.71
C ARG A 90 -26.59 -2.37 -1.75
N HIS A 91 -27.35 -3.05 -2.60
CA HIS A 91 -28.77 -2.77 -2.75
C HIS A 91 -29.61 -3.86 -2.10
N ARG A 92 -30.16 -3.56 -0.93
CA ARG A 92 -31.09 -4.47 -0.27
C ARG A 92 -32.51 -4.09 -0.63
N PHE A 93 -32.89 -4.41 -1.87
CA PHE A 93 -34.24 -4.13 -2.37
C PHE A 93 -34.59 -2.65 -2.22
N GLY A 94 -33.64 -1.79 -2.59
CA GLY A 94 -33.84 -0.35 -2.46
C GLY A 94 -34.70 0.20 -3.57
N LYS A 95 -35.96 -0.20 -3.59
CA LYS A 95 -36.91 0.30 -4.57
C LYS A 95 -38.27 0.53 -3.93
N ARG A 96 -38.63 1.81 -3.79
CA ARG A 96 -39.95 2.24 -3.33
C ARG A 96 -40.24 1.83 -1.88
N ALA A 97 -40.27 2.82 -1.00
CA ALA A 97 -40.64 2.60 0.39
C ALA A 97 -42.15 2.77 0.55
N LEU A 98 -42.70 2.14 1.57
CA LEU A 98 -44.14 2.19 1.80
C LEU A 98 -44.54 3.53 2.42
N GLU A 99 -45.59 4.13 1.88
CA GLU A 99 -46.10 5.40 2.40
C GLU A 99 -47.21 5.14 3.41
N HIS A 100 -47.34 6.03 4.37
CA HIS A 100 -48.31 5.86 5.45
C HIS A 100 -49.63 6.55 5.11
N HIS A 101 -50.62 6.36 5.97
CA HIS A 101 -51.95 6.89 5.74
C HIS A 101 -52.28 7.93 6.81
N HIS A 102 -52.88 9.04 6.40
CA HIS A 102 -53.22 10.09 7.35
C HIS A 102 -54.69 9.99 7.77
N HIS A 103 -55.58 10.44 6.90
CA HIS A 103 -57.00 10.44 7.20
C HIS A 103 -57.75 9.62 6.15
N HIS A 104 -59.05 9.43 6.36
CA HIS A 104 -59.86 8.58 5.50
C HIS A 104 -61.17 9.27 5.11
N HIS A 105 -61.73 8.84 3.98
CA HIS A 105 -63.01 9.34 3.49
C HIS A 105 -63.04 10.87 3.39
N MET A 1 -2.71 -8.07 4.83
CA MET A 1 -2.20 -7.31 6.00
C MET A 1 -2.28 -5.82 5.72
N LYS A 2 -1.93 -5.00 6.70
CA LYS A 2 -1.94 -3.56 6.50
C LYS A 2 -0.62 -3.09 5.90
N LEU A 3 -0.68 -2.01 5.15
CA LEU A 3 0.52 -1.40 4.59
C LEU A 3 1.41 -0.86 5.71
N SER A 4 0.78 -0.43 6.79
CA SER A 4 1.49 0.05 7.97
C SER A 4 2.08 -1.10 8.77
N GLU A 5 1.60 -2.31 8.49
CA GLU A 5 2.02 -3.49 9.24
C GLU A 5 3.15 -4.21 8.52
N LEU A 6 3.59 -3.66 7.41
CA LEU A 6 4.70 -4.21 6.65
C LEU A 6 6.04 -3.89 7.30
N LYS A 7 7.11 -4.31 6.64
CA LYS A 7 8.46 -4.06 7.11
C LYS A 7 9.22 -3.26 6.06
N ALA A 8 10.16 -2.44 6.50
CA ALA A 8 10.98 -1.66 5.58
C ALA A 8 11.88 -2.60 4.77
N GLY A 9 11.51 -2.77 3.50
CA GLY A 9 12.23 -3.69 2.65
C GLY A 9 11.29 -4.72 2.02
N ASP A 10 10.12 -4.87 2.62
CA ASP A 10 9.13 -5.82 2.11
C ASP A 10 8.39 -5.26 0.92
N ARG A 11 8.09 -6.14 -0.03
CA ARG A 11 7.40 -5.75 -1.24
C ARG A 11 6.02 -6.39 -1.26
N ALA A 12 5.00 -5.59 -1.48
CA ALA A 12 3.63 -6.09 -1.44
C ALA A 12 2.81 -5.52 -2.59
N GLU A 13 1.59 -6.00 -2.72
CA GLU A 13 0.67 -5.49 -3.72
C GLU A 13 -0.61 -5.04 -3.04
N VAL A 14 -1.10 -3.86 -3.40
CA VAL A 14 -2.29 -3.30 -2.78
C VAL A 14 -3.54 -4.08 -3.19
N THR A 15 -4.25 -4.60 -2.20
CA THR A 15 -5.48 -5.32 -2.46
C THR A 15 -6.69 -4.39 -2.29
N SER A 16 -6.65 -3.57 -1.25
CA SER A 16 -7.75 -2.65 -0.98
C SER A 16 -7.23 -1.42 -0.22
N VAL A 17 -7.86 -0.28 -0.44
CA VAL A 17 -7.48 0.96 0.22
C VAL A 17 -8.67 1.56 0.96
N ALA A 18 -8.54 1.67 2.28
CA ALA A 18 -9.58 2.28 3.10
C ALA A 18 -9.14 3.68 3.54
N ALA A 19 -9.65 4.71 2.87
CA ALA A 19 -9.31 6.08 3.20
C ALA A 19 -10.41 7.02 2.74
N GLU A 20 -10.18 8.32 2.93
CA GLU A 20 -11.08 9.33 2.40
C GLU A 20 -11.07 9.28 0.87
N PRO A 21 -12.22 9.51 0.23
CA PRO A 21 -12.33 9.42 -1.24
C PRO A 21 -11.31 10.32 -1.95
N ALA A 22 -11.14 11.52 -1.43
CA ALA A 22 -10.20 12.47 -2.00
C ALA A 22 -8.77 11.96 -1.88
N VAL A 23 -8.41 11.46 -0.71
CA VAL A 23 -7.05 11.02 -0.45
C VAL A 23 -6.76 9.72 -1.20
N ARG A 24 -7.77 8.87 -1.31
CA ARG A 24 -7.62 7.63 -2.05
C ARG A 24 -7.35 7.93 -3.51
N ARG A 25 -8.16 8.81 -4.10
CA ARG A 25 -7.99 9.20 -5.49
C ARG A 25 -6.66 9.93 -5.69
N ARG A 26 -6.23 10.66 -4.68
CA ARG A 26 -4.93 11.32 -4.69
C ARG A 26 -3.84 10.27 -4.89
N LEU A 27 -3.96 9.16 -4.18
CA LEU A 27 -3.01 8.07 -4.29
C LEU A 27 -3.23 7.28 -5.58
N MET A 28 -4.48 7.08 -5.95
CA MET A 28 -4.84 6.37 -7.18
C MET A 28 -4.31 7.12 -8.40
N ASP A 29 -4.36 8.45 -8.34
CA ASP A 29 -3.81 9.28 -9.40
C ASP A 29 -2.32 9.05 -9.55
N LEU A 30 -1.65 8.79 -8.42
CA LEU A 30 -0.22 8.48 -8.43
C LEU A 30 0.01 7.09 -9.01
N GLY A 31 -0.85 6.15 -8.64
CA GLY A 31 -0.74 4.81 -9.15
C GLY A 31 -1.11 3.76 -8.12
N LEU A 32 -1.47 4.21 -6.93
CA LEU A 32 -1.80 3.31 -5.83
C LEU A 32 -3.26 2.84 -5.96
N VAL A 33 -3.43 1.71 -6.61
CA VAL A 33 -4.75 1.11 -6.80
C VAL A 33 -4.70 -0.38 -6.48
N ARG A 34 -5.80 -1.09 -6.68
CA ARG A 34 -5.82 -2.53 -6.49
C ARG A 34 -4.98 -3.20 -7.58
N GLY A 35 -3.90 -3.85 -7.17
CA GLY A 35 -2.99 -4.45 -8.11
C GLY A 35 -1.70 -3.65 -8.23
N ALA A 36 -1.61 -2.56 -7.49
CA ALA A 36 -0.40 -1.75 -7.47
C ALA A 36 0.69 -2.42 -6.66
N LYS A 37 1.84 -2.65 -7.29
CA LYS A 37 2.97 -3.27 -6.62
C LYS A 37 3.85 -2.20 -6.00
N LEU A 38 4.12 -2.33 -4.71
CA LEU A 38 4.90 -1.34 -4.01
C LEU A 38 5.85 -2.01 -3.02
N LYS A 39 6.98 -1.39 -2.78
CA LYS A 39 7.90 -1.86 -1.77
C LYS A 39 8.07 -0.81 -0.70
N VAL A 40 8.04 -1.24 0.55
CA VAL A 40 8.25 -0.32 1.66
C VAL A 40 9.70 0.12 1.70
N LEU A 41 9.93 1.41 1.56
CA LEU A 41 11.27 1.95 1.51
C LEU A 41 11.74 2.32 2.89
N ARG A 42 10.99 3.18 3.56
CA ARG A 42 11.41 3.73 4.83
C ARG A 42 10.23 3.99 5.76
N PHE A 43 10.45 3.74 7.04
CA PHE A 43 9.57 4.23 8.08
C PHE A 43 10.30 5.30 8.87
N ALA A 44 9.64 6.42 9.12
CA ALA A 44 10.22 7.45 9.96
C ALA A 44 10.43 6.91 11.37
N PRO A 45 11.29 7.56 12.19
CA PRO A 45 11.62 7.10 13.55
C PRO A 45 10.42 7.03 14.50
N LEU A 46 9.23 7.27 13.98
CA LEU A 46 8.01 7.20 14.77
C LEU A 46 6.96 6.38 14.02
N GLY A 47 7.39 5.73 12.95
CA GLY A 47 6.47 4.95 12.12
C GLY A 47 5.54 5.82 11.32
N ASP A 48 5.95 7.08 11.13
CA ASP A 48 5.14 8.08 10.45
C ASP A 48 5.98 9.32 10.18
N PRO A 49 6.03 9.81 8.93
CA PRO A 49 5.30 9.21 7.81
C PRO A 49 5.98 7.96 7.25
N ILE A 50 5.41 7.43 6.17
CA ILE A 50 5.92 6.21 5.55
C ILE A 50 6.27 6.46 4.09
N GLU A 51 7.41 5.92 3.67
CA GLU A 51 7.89 6.09 2.30
C GLU A 51 7.84 4.75 1.56
N VAL A 52 7.10 4.70 0.46
CA VAL A 52 6.96 3.47 -0.30
C VAL A 52 7.15 3.73 -1.80
N ASN A 53 7.65 2.74 -2.52
CA ASN A 53 7.81 2.85 -3.97
C ASN A 53 6.68 2.09 -4.67
N CYS A 54 5.73 2.83 -5.21
CA CYS A 54 4.54 2.23 -5.81
C CYS A 54 4.58 2.33 -7.33
N ASN A 55 4.79 1.20 -7.99
CA ASN A 55 4.80 1.11 -9.45
C ASN A 55 5.82 2.07 -10.09
N GLY A 56 6.88 2.37 -9.36
CA GLY A 56 7.90 3.27 -9.87
C GLY A 56 7.71 4.70 -9.40
N MET A 57 6.63 4.94 -8.67
CA MET A 57 6.39 6.24 -8.07
C MET A 57 6.66 6.17 -6.57
N LEU A 58 7.64 6.93 -6.11
CA LEU A 58 8.00 6.92 -4.70
C LEU A 58 7.06 7.84 -3.94
N LEU A 59 6.14 7.25 -3.20
CA LEU A 59 5.07 7.98 -2.54
C LEU A 59 5.40 8.15 -1.06
N THR A 60 5.03 9.29 -0.52
CA THR A 60 5.19 9.55 0.90
C THR A 60 3.88 10.03 1.51
N MET A 61 3.38 9.28 2.48
CA MET A 61 2.13 9.61 3.14
C MET A 61 2.21 9.31 4.62
N ARG A 62 1.13 9.55 5.35
CA ARG A 62 1.13 9.38 6.79
C ARG A 62 0.67 7.97 7.15
N ARG A 63 0.98 7.54 8.37
CA ARG A 63 0.64 6.20 8.80
C ARG A 63 -0.87 5.95 8.72
N ASN A 64 -1.66 6.97 9.04
CA ASN A 64 -3.12 6.83 9.04
C ASN A 64 -3.63 6.42 7.66
N GLU A 65 -2.95 6.88 6.61
CA GLU A 65 -3.29 6.45 5.26
C GLU A 65 -2.91 4.99 5.05
N ALA A 66 -1.71 4.64 5.48
CA ALA A 66 -1.18 3.29 5.30
C ALA A 66 -1.97 2.24 6.09
N GLU A 67 -2.46 2.62 7.27
CA GLU A 67 -3.25 1.71 8.09
C GLU A 67 -4.54 1.32 7.37
N GLY A 68 -5.10 2.28 6.65
CA GLY A 68 -6.29 2.01 5.88
C GLY A 68 -6.04 1.05 4.72
N ILE A 69 -4.80 1.00 4.25
CA ILE A 69 -4.47 0.23 3.07
C ILE A 69 -4.16 -1.23 3.41
N THR A 70 -4.76 -2.13 2.66
CA THR A 70 -4.53 -3.56 2.81
C THR A 70 -3.65 -4.05 1.67
N VAL A 71 -2.60 -4.79 2.01
CA VAL A 71 -1.66 -5.27 1.01
C VAL A 71 -1.42 -6.77 1.15
N HIS A 72 -0.96 -7.38 0.07
CA HIS A 72 -0.57 -8.77 0.07
C HIS A 72 0.89 -8.89 -0.36
N ILE A 73 1.71 -9.47 0.50
CA ILE A 73 3.15 -9.54 0.27
C ILE A 73 3.49 -10.31 -1.01
N LEU A 74 4.39 -9.75 -1.80
CA LEU A 74 4.82 -10.34 -3.05
C LEU A 74 6.04 -11.21 -2.85
N ALA A 75 5.93 -12.09 -1.87
CA ALA A 75 6.99 -13.00 -1.51
C ALA A 75 6.40 -14.24 -0.87
N GLY A 76 5.17 -14.55 -1.25
CA GLY A 76 4.48 -15.67 -0.66
C GLY A 76 3.80 -16.54 -1.70
N ASP A 77 3.32 -15.91 -2.77
CA ASP A 77 2.62 -16.61 -3.86
C ASP A 77 1.31 -17.21 -3.37
N GLU A 78 0.85 -16.74 -2.22
CA GLU A 78 -0.39 -17.22 -1.63
C GLU A 78 -1.60 -16.52 -2.24
N GLY A 79 -2.76 -17.11 -2.04
CA GLY A 79 -3.97 -16.60 -2.63
C GLY A 79 -4.44 -17.48 -3.75
N HIS A 80 -4.45 -16.96 -4.97
CA HIS A 80 -4.79 -17.73 -6.15
C HIS A 80 -4.49 -16.91 -7.40
N PRO A 81 -4.02 -17.57 -8.48
CA PRO A 81 -3.79 -16.90 -9.76
C PRO A 81 -5.05 -16.18 -10.25
N HIS A 82 -4.90 -14.90 -10.56
CA HIS A 82 -6.01 -14.07 -11.00
C HIS A 82 -6.58 -14.57 -12.33
N GLY A 83 -7.78 -14.12 -12.65
CA GLY A 83 -8.40 -14.54 -13.88
C GLY A 83 -9.00 -13.37 -14.64
N TRP A 84 -9.84 -13.70 -15.62
CA TRP A 84 -10.50 -12.72 -16.48
C TRP A 84 -9.52 -12.05 -17.44
N PRO A 85 -10.01 -11.76 -18.66
CA PRO A 85 -9.22 -11.03 -19.67
C PRO A 85 -8.79 -9.65 -19.18
N GLY A 86 -9.70 -8.98 -18.47
CA GLY A 86 -9.39 -7.68 -17.92
C GLY A 86 -9.84 -6.55 -18.83
N PHE A 87 -10.14 -5.40 -18.24
CA PHE A 87 -10.58 -4.24 -19.01
C PHE A 87 -10.19 -2.96 -18.29
N ARG A 88 -9.31 -2.19 -18.91
CA ARG A 88 -8.85 -0.94 -18.34
C ARG A 88 -9.14 0.19 -19.32
N ARG A 89 -9.58 1.33 -18.80
CA ARG A 89 -9.94 2.46 -19.63
C ARG A 89 -8.77 2.94 -20.49
N ARG A 90 -9.00 2.98 -21.79
CA ARG A 90 -8.01 3.42 -22.75
C ARG A 90 -8.63 4.40 -23.73
N HIS A 91 -7.92 4.70 -24.81
CA HIS A 91 -8.38 5.60 -25.86
C HIS A 91 -8.47 7.04 -25.33
N ARG A 92 -9.08 7.91 -26.11
CA ARG A 92 -9.24 9.31 -25.70
C ARG A 92 -10.53 9.85 -26.29
N PHE A 93 -11.00 10.97 -25.75
CA PHE A 93 -12.21 11.60 -26.26
C PHE A 93 -11.89 13.02 -26.68
N GLY A 94 -12.20 13.35 -27.92
CA GLY A 94 -11.94 14.67 -28.45
C GLY A 94 -11.54 14.63 -29.92
N LYS A 95 -11.95 15.64 -30.66
CA LYS A 95 -11.67 15.70 -32.09
C LYS A 95 -12.12 17.06 -32.63
N ARG A 96 -11.15 17.93 -32.87
CA ARG A 96 -11.44 19.25 -33.39
C ARG A 96 -11.58 19.21 -34.90
N ALA A 97 -12.77 19.52 -35.38
CA ALA A 97 -13.02 19.57 -36.81
C ALA A 97 -12.53 20.90 -37.37
N LEU A 98 -11.71 20.84 -38.40
CA LEU A 98 -11.16 22.04 -39.01
C LEU A 98 -12.07 22.51 -40.14
N GLU A 99 -13.07 21.67 -40.44
CA GLU A 99 -14.03 21.95 -41.52
C GLU A 99 -13.31 21.97 -42.87
N HIS A 100 -14.02 22.44 -43.88
CA HIS A 100 -13.45 22.50 -45.21
C HIS A 100 -13.25 23.93 -45.64
N HIS A 101 -12.28 24.15 -46.52
CA HIS A 101 -12.05 25.47 -47.07
C HIS A 101 -12.79 25.63 -48.38
N HIS A 102 -14.05 26.02 -48.29
CA HIS A 102 -14.89 26.18 -49.46
C HIS A 102 -14.49 27.43 -50.24
N HIS A 103 -13.86 28.38 -49.55
CA HIS A 103 -13.43 29.65 -50.15
C HIS A 103 -14.63 30.50 -50.58
N HIS A 104 -14.34 31.70 -51.03
CA HIS A 104 -15.39 32.60 -51.49
C HIS A 104 -15.22 32.87 -52.98
N HIS A 105 -13.97 33.02 -53.40
CA HIS A 105 -13.66 33.27 -54.80
C HIS A 105 -12.20 32.93 -55.07
N MET A 1 -3.96 -7.97 5.65
CA MET A 1 -2.86 -7.30 6.40
C MET A 1 -2.71 -5.85 5.94
N LYS A 2 -2.30 -4.98 6.84
CA LYS A 2 -2.22 -3.56 6.55
C LYS A 2 -0.89 -3.18 5.93
N LEU A 3 -0.91 -2.09 5.17
CA LEU A 3 0.30 -1.50 4.62
C LEU A 3 1.15 -0.95 5.76
N SER A 4 0.50 -0.47 6.81
CA SER A 4 1.20 0.02 7.99
C SER A 4 1.73 -1.15 8.83
N GLU A 5 1.33 -2.36 8.46
CA GLU A 5 1.78 -3.55 9.16
C GLU A 5 2.95 -4.19 8.43
N LEU A 6 3.37 -3.57 7.35
CA LEU A 6 4.58 -4.00 6.65
C LEU A 6 5.81 -3.49 7.36
N LYS A 7 6.97 -3.84 6.84
CA LYS A 7 8.24 -3.42 7.43
C LYS A 7 9.16 -2.91 6.33
N ALA A 8 10.11 -2.06 6.71
CA ALA A 8 11.02 -1.46 5.76
C ALA A 8 11.80 -2.52 4.99
N GLY A 9 11.59 -2.55 3.67
CA GLY A 9 12.30 -3.50 2.84
C GLY A 9 11.35 -4.37 2.04
N ASP A 10 10.20 -4.66 2.62
CA ASP A 10 9.26 -5.61 2.04
C ASP A 10 8.51 -5.04 0.84
N ARG A 11 8.13 -5.94 -0.05
CA ARG A 11 7.33 -5.56 -1.20
C ARG A 11 5.96 -6.21 -1.12
N ALA A 12 4.94 -5.48 -1.53
CA ALA A 12 3.58 -5.97 -1.41
C ALA A 12 2.71 -5.50 -2.57
N GLU A 13 1.56 -6.13 -2.71
CA GLU A 13 0.57 -5.75 -3.70
C GLU A 13 -0.67 -5.21 -3.00
N VAL A 14 -1.15 -4.07 -3.46
CA VAL A 14 -2.34 -3.46 -2.86
C VAL A 14 -3.58 -4.23 -3.29
N THR A 15 -4.29 -4.76 -2.32
CA THR A 15 -5.51 -5.50 -2.58
C THR A 15 -6.72 -4.59 -2.42
N SER A 16 -6.64 -3.67 -1.47
CA SER A 16 -7.73 -2.72 -1.21
C SER A 16 -7.23 -1.52 -0.41
N VAL A 17 -7.82 -0.36 -0.65
CA VAL A 17 -7.42 0.85 0.04
C VAL A 17 -8.60 1.44 0.80
N ALA A 18 -8.47 1.54 2.11
CA ALA A 18 -9.50 2.19 2.92
C ALA A 18 -9.03 3.56 3.36
N ALA A 19 -9.55 4.60 2.73
CA ALA A 19 -9.18 5.97 3.05
C ALA A 19 -10.29 6.92 2.71
N GLU A 20 -10.12 8.18 3.09
CA GLU A 20 -11.06 9.23 2.75
C GLU A 20 -11.15 9.31 1.24
N PRO A 21 -12.36 9.57 0.68
CA PRO A 21 -12.60 9.57 -0.76
C PRO A 21 -11.61 10.44 -1.54
N ALA A 22 -11.32 11.63 -1.03
CA ALA A 22 -10.41 12.54 -1.70
C ALA A 22 -8.98 12.02 -1.63
N VAL A 23 -8.59 11.55 -0.45
CA VAL A 23 -7.23 11.07 -0.26
C VAL A 23 -7.01 9.79 -1.08
N ARG A 24 -8.04 8.94 -1.09
CA ARG A 24 -8.02 7.72 -1.87
C ARG A 24 -7.86 8.04 -3.35
N ARG A 25 -8.55 9.09 -3.79
CA ARG A 25 -8.50 9.54 -5.16
C ARG A 25 -7.09 9.99 -5.53
N ARG A 26 -6.45 10.70 -4.60
CA ARG A 26 -5.11 11.20 -4.82
C ARG A 26 -4.10 10.07 -4.83
N LEU A 27 -4.28 9.10 -3.94
CA LEU A 27 -3.43 7.91 -3.90
C LEU A 27 -3.53 7.17 -5.22
N MET A 28 -4.75 6.98 -5.70
CA MET A 28 -4.97 6.30 -6.97
C MET A 28 -4.50 7.17 -8.14
N ASP A 29 -4.53 8.48 -7.94
CA ASP A 29 -4.06 9.43 -8.94
C ASP A 29 -2.55 9.29 -9.14
N LEU A 30 -1.85 9.05 -8.04
CA LEU A 30 -0.41 8.79 -8.10
C LEU A 30 -0.16 7.47 -8.80
N GLY A 31 -0.88 6.45 -8.40
CA GLY A 31 -0.72 5.14 -8.99
C GLY A 31 -0.91 4.02 -7.98
N LEU A 32 -1.49 4.36 -6.83
CA LEU A 32 -1.74 3.39 -5.79
C LEU A 32 -3.19 2.93 -5.88
N VAL A 33 -3.41 1.88 -6.65
CA VAL A 33 -4.75 1.33 -6.85
C VAL A 33 -4.76 -0.16 -6.53
N ARG A 34 -5.90 -0.80 -6.73
CA ARG A 34 -6.00 -2.25 -6.54
C ARG A 34 -5.18 -2.96 -7.62
N GLY A 35 -4.14 -3.65 -7.17
CA GLY A 35 -3.25 -4.33 -8.10
C GLY A 35 -1.91 -3.62 -8.23
N ALA A 36 -1.76 -2.51 -7.54
CA ALA A 36 -0.51 -1.76 -7.54
C ALA A 36 0.53 -2.48 -6.70
N LYS A 37 1.76 -2.56 -7.22
CA LYS A 37 2.84 -3.24 -6.52
C LYS A 37 3.83 -2.21 -5.99
N LEU A 38 4.16 -2.30 -4.71
CA LEU A 38 5.03 -1.32 -4.08
C LEU A 38 6.09 -1.99 -3.19
N LYS A 39 7.14 -1.24 -2.92
CA LYS A 39 8.18 -1.67 -2.01
C LYS A 39 8.32 -0.66 -0.87
N VAL A 40 8.21 -1.13 0.35
CA VAL A 40 8.37 -0.26 1.51
C VAL A 40 9.85 0.10 1.66
N LEU A 41 10.15 1.39 1.55
CA LEU A 41 11.54 1.85 1.64
C LEU A 41 11.94 2.00 3.09
N ARG A 42 11.27 2.91 3.78
CA ARG A 42 11.62 3.23 5.15
C ARG A 42 10.48 3.93 5.87
N PHE A 43 10.43 3.77 7.18
CA PHE A 43 9.48 4.49 8.02
C PHE A 43 10.22 5.60 8.75
N ALA A 44 9.50 6.63 9.15
CA ALA A 44 10.06 7.65 10.01
C ALA A 44 10.21 7.10 11.42
N PRO A 45 10.98 7.77 12.31
CA PRO A 45 11.22 7.30 13.68
C PRO A 45 9.92 6.93 14.41
N LEU A 46 8.85 7.64 14.10
CA LEU A 46 7.57 7.45 14.77
C LEU A 46 6.66 6.50 13.99
N GLY A 47 7.17 5.99 12.87
CA GLY A 47 6.36 5.14 12.02
C GLY A 47 5.53 5.94 11.03
N ASP A 48 5.68 7.25 11.11
CA ASP A 48 4.95 8.18 10.25
C ASP A 48 5.77 9.45 10.05
N PRO A 49 5.92 9.91 8.79
CA PRO A 49 5.31 9.30 7.61
C PRO A 49 6.08 8.06 7.12
N ILE A 50 5.68 7.57 5.95
CA ILE A 50 6.24 6.36 5.37
C ILE A 50 6.73 6.63 3.95
N GLU A 51 7.88 6.06 3.60
CA GLU A 51 8.44 6.18 2.27
C GLU A 51 8.32 4.84 1.55
N VAL A 52 7.64 4.82 0.42
CA VAL A 52 7.45 3.59 -0.34
C VAL A 52 7.68 3.82 -1.83
N ASN A 53 8.21 2.82 -2.50
CA ASN A 53 8.32 2.83 -3.94
C ASN A 53 7.09 2.16 -4.51
N CYS A 54 6.14 2.95 -4.96
CA CYS A 54 4.85 2.43 -5.39
C CYS A 54 4.68 2.57 -6.89
N ASN A 55 4.53 1.43 -7.56
CA ASN A 55 4.25 1.39 -9.00
C ASN A 55 5.39 2.03 -9.80
N GLY A 56 6.59 1.99 -9.23
CA GLY A 56 7.77 2.51 -9.92
C GLY A 56 8.12 3.93 -9.52
N MET A 57 7.31 4.54 -8.67
CA MET A 57 7.57 5.89 -8.21
C MET A 57 7.70 5.95 -6.69
N LEU A 58 8.67 6.72 -6.23
CA LEU A 58 8.89 6.90 -4.79
C LEU A 58 7.83 7.83 -4.22
N LEU A 59 6.90 7.27 -3.47
CA LEU A 59 5.77 8.05 -2.97
C LEU A 59 5.88 8.22 -1.46
N THR A 60 5.59 9.42 -0.99
CA THR A 60 5.54 9.68 0.44
C THR A 60 4.10 9.68 0.92
N MET A 61 3.84 8.95 1.98
CA MET A 61 2.48 8.82 2.51
C MET A 61 2.53 8.77 4.03
N ARG A 62 1.38 8.92 4.68
CA ARG A 62 1.32 8.88 6.13
C ARG A 62 0.94 7.49 6.60
N ARG A 63 1.19 7.22 7.88
CA ARG A 63 0.78 5.95 8.48
C ARG A 63 -0.74 5.81 8.42
N ASN A 64 -1.42 6.93 8.55
CA ASN A 64 -2.89 6.98 8.55
C ASN A 64 -3.47 6.26 7.33
N GLU A 65 -2.96 6.59 6.14
CA GLU A 65 -3.42 5.93 4.92
C GLU A 65 -3.07 4.45 4.96
N ALA A 66 -1.84 4.16 5.39
CA ALA A 66 -1.32 2.80 5.39
C ALA A 66 -2.12 1.89 6.33
N GLU A 67 -2.70 2.46 7.37
CA GLU A 67 -3.57 1.70 8.26
C GLU A 67 -4.83 1.28 7.50
N GLY A 68 -5.36 2.20 6.71
CA GLY A 68 -6.50 1.89 5.86
C GLY A 68 -6.16 0.92 4.74
N ILE A 69 -4.96 1.06 4.18
CA ILE A 69 -4.57 0.28 3.02
C ILE A 69 -4.27 -1.17 3.39
N THR A 70 -4.82 -2.08 2.61
CA THR A 70 -4.63 -3.49 2.82
C THR A 70 -3.76 -4.06 1.69
N VAL A 71 -2.70 -4.77 2.05
CA VAL A 71 -1.76 -5.28 1.06
C VAL A 71 -1.44 -6.75 1.31
N HIS A 72 -0.94 -7.40 0.27
CA HIS A 72 -0.45 -8.77 0.37
C HIS A 72 1.00 -8.81 -0.09
N ILE A 73 1.86 -9.42 0.72
CA ILE A 73 3.29 -9.48 0.42
C ILE A 73 3.55 -10.32 -0.83
N LEU A 74 4.31 -9.76 -1.76
CA LEU A 74 4.60 -10.43 -3.02
C LEU A 74 5.76 -11.39 -2.86
N ALA A 75 5.47 -12.57 -2.33
CA ALA A 75 6.47 -13.61 -2.14
C ALA A 75 5.81 -14.90 -1.69
N GLY A 76 6.60 -15.96 -1.59
CA GLY A 76 6.10 -17.22 -1.07
C GLY A 76 6.20 -17.27 0.44
N ASP A 77 5.81 -16.18 1.07
CA ASP A 77 5.92 -16.05 2.51
C ASP A 77 4.57 -15.63 3.08
N GLU A 78 3.87 -16.58 3.68
CA GLU A 78 2.52 -16.34 4.18
C GLU A 78 2.23 -17.17 5.41
N GLY A 79 1.04 -17.01 5.95
CA GLY A 79 0.64 -17.75 7.13
C GLY A 79 -0.72 -17.30 7.62
N HIS A 80 -0.73 -16.28 8.44
CA HIS A 80 -1.98 -15.72 8.96
C HIS A 80 -1.76 -14.30 9.50
N PRO A 81 -1.71 -13.32 8.59
CA PRO A 81 -1.56 -11.91 8.97
C PRO A 81 -2.84 -11.36 9.56
N HIS A 82 -2.72 -10.73 10.73
CA HIS A 82 -3.87 -10.25 11.51
C HIS A 82 -4.68 -11.42 12.05
N GLY A 83 -4.83 -11.46 13.37
CA GLY A 83 -5.46 -12.60 14.01
C GLY A 83 -6.93 -12.39 14.29
N TRP A 84 -7.29 -12.51 15.56
CA TRP A 84 -8.69 -12.49 15.96
C TRP A 84 -9.00 -11.21 16.74
N PRO A 85 -10.20 -10.63 16.54
CA PRO A 85 -10.64 -9.43 17.27
C PRO A 85 -10.65 -9.64 18.78
N GLY A 86 -11.30 -10.70 19.24
CA GLY A 86 -11.28 -11.03 20.64
C GLY A 86 -12.57 -10.66 21.37
N PHE A 87 -13.61 -10.37 20.61
CA PHE A 87 -14.92 -9.99 21.14
C PHE A 87 -14.86 -8.64 21.87
N ARG A 88 -15.61 -7.68 21.39
CA ARG A 88 -15.67 -6.37 22.02
C ARG A 88 -16.58 -6.44 23.24
N ARG A 89 -16.03 -6.15 24.41
CA ARG A 89 -16.76 -6.28 25.65
C ARG A 89 -17.77 -5.15 25.83
N ARG A 90 -18.92 -5.48 26.38
CA ARG A 90 -19.97 -4.51 26.66
C ARG A 90 -20.75 -4.95 27.89
N HIS A 91 -21.20 -4.00 28.69
CA HIS A 91 -21.94 -4.31 29.91
C HIS A 91 -22.60 -3.07 30.49
N ARG A 92 -23.57 -3.29 31.37
CA ARG A 92 -24.27 -2.20 32.02
C ARG A 92 -24.90 -2.67 33.33
N PHE A 93 -25.82 -3.63 33.22
CA PHE A 93 -26.56 -4.16 34.37
C PHE A 93 -27.32 -3.05 35.08
N GLY A 94 -28.53 -2.79 34.61
CA GLY A 94 -29.34 -1.73 35.18
C GLY A 94 -29.94 -2.12 36.52
N LYS A 95 -30.64 -3.27 36.55
CA LYS A 95 -31.32 -3.76 37.75
C LYS A 95 -32.36 -2.75 38.22
N ARG A 96 -33.59 -2.91 37.75
CA ARG A 96 -34.66 -1.98 38.08
C ARG A 96 -35.52 -2.53 39.20
N ALA A 97 -35.76 -1.70 40.21
CA ALA A 97 -36.64 -2.07 41.31
C ALA A 97 -38.01 -1.45 41.11
N LEU A 98 -38.98 -2.26 40.71
CA LEU A 98 -40.32 -1.77 40.42
C LEU A 98 -41.27 -2.19 41.55
N GLU A 99 -41.81 -1.22 42.26
CA GLU A 99 -42.73 -1.49 43.35
C GLU A 99 -44.16 -1.60 42.81
N HIS A 100 -44.70 -2.81 42.85
CA HIS A 100 -46.05 -3.06 42.37
C HIS A 100 -46.76 -4.01 43.32
N HIS A 101 -47.75 -3.51 44.03
CA HIS A 101 -48.52 -4.33 44.96
C HIS A 101 -49.56 -5.14 44.20
N HIS A 102 -49.92 -6.29 44.76
CA HIS A 102 -50.90 -7.19 44.15
C HIS A 102 -52.19 -6.45 43.86
N HIS A 103 -52.74 -5.80 44.90
CA HIS A 103 -53.96 -5.00 44.79
C HIS A 103 -55.21 -5.86 44.60
N HIS A 104 -55.03 -7.07 44.05
CA HIS A 104 -56.14 -7.99 43.77
C HIS A 104 -56.96 -7.47 42.59
N HIS A 105 -58.14 -8.02 42.40
CA HIS A 105 -58.98 -7.66 41.26
C HIS A 105 -59.68 -6.32 41.47
N MET A 1 -3.36 -8.13 5.01
CA MET A 1 -2.18 -7.43 5.58
C MET A 1 -2.35 -5.93 5.40
N LYS A 2 -1.96 -5.15 6.39
CA LYS A 2 -2.01 -3.70 6.26
C LYS A 2 -0.74 -3.20 5.58
N LEU A 3 -0.86 -2.15 4.78
CA LEU A 3 0.29 -1.53 4.17
C LEU A 3 1.19 -0.91 5.24
N SER A 4 0.56 -0.44 6.31
CA SER A 4 1.27 0.10 7.45
C SER A 4 1.91 -1.00 8.28
N GLU A 5 1.48 -2.24 8.04
CA GLU A 5 2.01 -3.39 8.75
C GLU A 5 3.24 -3.96 8.06
N LEU A 6 3.59 -3.37 6.92
CA LEU A 6 4.78 -3.79 6.19
C LEU A 6 6.04 -3.26 6.86
N LYS A 7 7.19 -3.68 6.35
CA LYS A 7 8.47 -3.29 6.93
C LYS A 7 9.42 -2.85 5.81
N ALA A 8 10.44 -2.09 6.16
CA ALA A 8 11.38 -1.56 5.18
C ALA A 8 12.11 -2.67 4.45
N GLY A 9 11.77 -2.85 3.18
CA GLY A 9 12.36 -3.90 2.38
C GLY A 9 11.30 -4.82 1.81
N ASP A 10 10.17 -4.90 2.49
CA ASP A 10 9.10 -5.81 2.10
C ASP A 10 8.35 -5.29 0.88
N ARG A 11 7.84 -6.23 0.09
CA ARG A 11 7.07 -5.91 -1.11
C ARG A 11 5.69 -6.54 -1.00
N ALA A 12 4.67 -5.78 -1.38
CA ALA A 12 3.29 -6.27 -1.28
C ALA A 12 2.47 -5.81 -2.47
N GLU A 13 1.33 -6.46 -2.67
CA GLU A 13 0.38 -6.05 -3.69
C GLU A 13 -0.88 -5.48 -3.02
N VAL A 14 -1.25 -4.28 -3.41
CA VAL A 14 -2.44 -3.64 -2.87
C VAL A 14 -3.71 -4.31 -3.35
N THR A 15 -4.50 -4.83 -2.42
CA THR A 15 -5.74 -5.50 -2.78
C THR A 15 -6.94 -4.58 -2.60
N SER A 16 -6.82 -3.62 -1.69
CA SER A 16 -7.89 -2.66 -1.44
C SER A 16 -7.37 -1.46 -0.67
N VAL A 17 -8.01 -0.32 -0.86
CA VAL A 17 -7.62 0.92 -0.19
C VAL A 17 -8.82 1.52 0.53
N ALA A 18 -8.63 1.92 1.78
CA ALA A 18 -9.72 2.49 2.56
C ALA A 18 -9.26 3.77 3.26
N ALA A 19 -9.73 4.89 2.73
CA ALA A 19 -9.41 6.19 3.26
C ALA A 19 -10.45 7.17 2.75
N GLU A 20 -10.40 8.42 3.21
CA GLU A 20 -11.32 9.45 2.73
C GLU A 20 -11.18 9.57 1.21
N PRO A 21 -12.31 9.84 0.52
CA PRO A 21 -12.37 9.84 -0.94
C PRO A 21 -11.31 10.76 -1.58
N ALA A 22 -11.13 11.94 -0.98
CA ALA A 22 -10.16 12.90 -1.48
C ALA A 22 -8.74 12.38 -1.34
N VAL A 23 -8.50 11.68 -0.24
CA VAL A 23 -7.18 11.15 0.06
C VAL A 23 -6.88 9.94 -0.82
N ARG A 24 -7.86 9.05 -0.92
CA ARG A 24 -7.73 7.85 -1.72
C ARG A 24 -7.56 8.22 -3.20
N ARG A 25 -8.22 9.30 -3.62
CA ARG A 25 -8.09 9.80 -4.98
C ARG A 25 -6.65 10.21 -5.25
N ARG A 26 -6.03 10.87 -4.27
CA ARG A 26 -4.64 11.29 -4.40
C ARG A 26 -3.72 10.09 -4.46
N LEU A 27 -4.03 9.06 -3.68
CA LEU A 27 -3.25 7.84 -3.68
C LEU A 27 -3.37 7.13 -5.03
N MET A 28 -4.60 7.01 -5.51
CA MET A 28 -4.87 6.38 -6.80
C MET A 28 -4.25 7.19 -7.93
N ASP A 29 -4.29 8.51 -7.80
CA ASP A 29 -3.70 9.41 -8.79
C ASP A 29 -2.22 9.13 -8.95
N LEU A 30 -1.53 8.98 -7.82
CA LEU A 30 -0.10 8.76 -7.82
C LEU A 30 0.23 7.41 -8.47
N GLY A 31 -0.59 6.42 -8.18
CA GLY A 31 -0.41 5.12 -8.79
C GLY A 31 -0.76 3.98 -7.84
N LEU A 32 -1.19 4.33 -6.63
CA LEU A 32 -1.52 3.34 -5.63
C LEU A 32 -2.97 2.87 -5.82
N VAL A 33 -3.11 1.75 -6.52
CA VAL A 33 -4.43 1.18 -6.79
C VAL A 33 -4.41 -0.32 -6.54
N ARG A 34 -5.57 -0.95 -6.68
CA ARG A 34 -5.66 -2.41 -6.56
C ARG A 34 -4.82 -3.08 -7.64
N GLY A 35 -3.90 -3.92 -7.22
CA GLY A 35 -3.03 -4.60 -8.16
C GLY A 35 -1.63 -4.01 -8.14
N ALA A 36 -1.49 -2.86 -7.51
CA ALA A 36 -0.21 -2.17 -7.44
C ALA A 36 0.73 -2.89 -6.48
N LYS A 37 1.90 -3.22 -6.97
CA LYS A 37 2.92 -3.85 -6.15
C LYS A 37 4.01 -2.84 -5.82
N LEU A 38 4.32 -2.72 -4.54
CA LEU A 38 5.21 -1.66 -4.10
C LEU A 38 6.25 -2.20 -3.11
N LYS A 39 7.40 -1.52 -3.07
CA LYS A 39 8.46 -1.84 -2.13
C LYS A 39 8.51 -0.77 -1.04
N VAL A 40 8.43 -1.19 0.21
CA VAL A 40 8.55 -0.26 1.32
C VAL A 40 9.99 0.21 1.45
N LEU A 41 10.20 1.52 1.37
CA LEU A 41 11.54 2.07 1.36
C LEU A 41 12.01 2.45 2.76
N ARG A 42 11.33 3.41 3.38
CA ARG A 42 11.79 3.96 4.64
C ARG A 42 10.64 4.32 5.54
N PHE A 43 10.93 4.38 6.83
CA PHE A 43 9.98 4.85 7.83
C PHE A 43 10.61 6.00 8.59
N ALA A 44 9.81 7.00 8.92
CA ALA A 44 10.27 8.06 9.79
C ALA A 44 10.52 7.52 11.18
N PRO A 45 11.27 8.25 12.04
CA PRO A 45 11.63 7.77 13.38
C PRO A 45 10.44 7.53 14.31
N LEU A 46 9.23 7.75 13.80
CA LEU A 46 8.02 7.55 14.57
C LEU A 46 6.97 6.76 13.77
N GLY A 47 7.43 6.11 12.70
CA GLY A 47 6.54 5.30 11.88
C GLY A 47 5.59 6.12 11.04
N ASP A 48 5.94 7.39 10.84
CA ASP A 48 5.11 8.32 10.10
C ASP A 48 5.91 9.58 9.81
N PRO A 49 6.03 9.97 8.54
CA PRO A 49 5.37 9.29 7.42
C PRO A 49 6.12 8.04 6.95
N ILE A 50 5.52 7.36 5.98
CA ILE A 50 6.10 6.16 5.39
C ILE A 50 6.44 6.43 3.93
N GLU A 51 7.62 5.99 3.52
CA GLU A 51 8.07 6.17 2.15
C GLU A 51 8.10 4.82 1.43
N VAL A 52 7.32 4.71 0.36
CA VAL A 52 7.23 3.46 -0.39
C VAL A 52 7.38 3.72 -1.89
N ASN A 53 7.93 2.74 -2.59
CA ASN A 53 8.06 2.83 -4.04
C ASN A 53 6.90 2.08 -4.69
N CYS A 54 5.92 2.82 -5.18
CA CYS A 54 4.75 2.21 -5.78
C CYS A 54 4.78 2.34 -7.29
N ASN A 55 5.13 1.25 -7.96
CA ASN A 55 5.13 1.18 -9.43
C ASN A 55 6.09 2.20 -10.05
N GLY A 56 7.16 2.53 -9.33
CA GLY A 56 8.14 3.47 -9.84
C GLY A 56 7.90 4.88 -9.32
N MET A 57 6.83 5.05 -8.55
CA MET A 57 6.54 6.34 -7.93
C MET A 57 6.77 6.25 -6.43
N LEU A 58 7.72 7.03 -5.94
CA LEU A 58 8.02 7.08 -4.51
C LEU A 58 6.96 7.90 -3.80
N LEU A 59 6.15 7.23 -2.99
CA LEU A 59 5.04 7.88 -2.31
C LEU A 59 5.34 8.01 -0.82
N THR A 60 5.18 9.21 -0.30
CA THR A 60 5.33 9.46 1.11
C THR A 60 3.99 9.87 1.71
N MET A 61 3.50 9.11 2.68
CA MET A 61 2.19 9.36 3.25
C MET A 61 2.14 8.96 4.71
N ARG A 62 0.99 9.19 5.33
CA ARG A 62 0.85 9.01 6.77
C ARG A 62 0.38 7.62 7.13
N ARG A 63 0.59 7.24 8.38
CA ARG A 63 0.30 5.90 8.84
C ARG A 63 -1.18 5.55 8.68
N ASN A 64 -2.06 6.51 8.94
CA ASN A 64 -3.50 6.28 8.85
C ASN A 64 -3.89 5.83 7.45
N GLU A 65 -3.21 6.39 6.45
CA GLU A 65 -3.48 6.07 5.07
C GLU A 65 -3.07 4.63 4.78
N ALA A 66 -1.90 4.25 5.28
CA ALA A 66 -1.36 2.92 5.06
C ALA A 66 -2.11 1.87 5.89
N GLU A 67 -2.68 2.29 7.01
CA GLU A 67 -3.52 1.40 7.81
C GLU A 67 -4.77 1.01 7.04
N GLY A 68 -5.38 1.98 6.40
CA GLY A 68 -6.58 1.74 5.61
C GLY A 68 -6.33 0.89 4.38
N ILE A 69 -5.08 0.86 3.93
CA ILE A 69 -4.73 0.12 2.73
C ILE A 69 -4.45 -1.35 3.05
N THR A 70 -5.18 -2.22 2.38
CA THR A 70 -5.00 -3.66 2.52
C THR A 70 -4.10 -4.18 1.41
N VAL A 71 -3.04 -4.88 1.79
CA VAL A 71 -2.10 -5.44 0.85
C VAL A 71 -1.83 -6.90 1.16
N HIS A 72 -1.15 -7.57 0.26
CA HIS A 72 -0.66 -8.92 0.50
C HIS A 72 0.82 -8.98 0.16
N ILE A 73 1.62 -9.47 1.10
CA ILE A 73 3.06 -9.50 0.94
C ILE A 73 3.48 -10.52 -0.12
N LEU A 74 4.36 -10.10 -1.00
CA LEU A 74 4.88 -10.97 -2.04
C LEU A 74 5.99 -11.85 -1.45
N ALA A 75 5.57 -12.86 -0.71
CA ALA A 75 6.51 -13.73 -0.02
C ALA A 75 6.25 -15.19 -0.37
N GLY A 76 7.04 -16.07 0.22
CA GLY A 76 6.96 -17.48 -0.11
C GLY A 76 8.14 -17.90 -0.96
N ASP A 77 9.14 -17.02 -1.01
CA ASP A 77 10.36 -17.23 -1.79
C ASP A 77 10.03 -17.48 -3.26
N GLU A 78 9.83 -16.41 -4.00
CA GLU A 78 9.48 -16.50 -5.40
C GLU A 78 10.72 -16.32 -6.27
N GLY A 79 10.69 -16.86 -7.47
CA GLY A 79 11.82 -16.76 -8.37
C GLY A 79 11.99 -15.38 -8.93
N HIS A 80 13.23 -15.04 -9.28
CA HIS A 80 13.56 -13.72 -9.84
C HIS A 80 13.25 -12.61 -8.84
N PRO A 81 14.13 -12.42 -7.85
CA PRO A 81 13.94 -11.40 -6.81
C PRO A 81 13.97 -9.99 -7.39
N HIS A 82 14.88 -9.76 -8.33
CA HIS A 82 15.03 -8.45 -8.95
C HIS A 82 16.02 -8.53 -10.11
N GLY A 83 16.10 -7.45 -10.87
CA GLY A 83 17.09 -7.33 -11.92
C GLY A 83 17.63 -5.93 -12.00
N TRP A 84 17.70 -5.30 -10.83
CA TRP A 84 18.07 -3.89 -10.72
C TRP A 84 19.56 -3.77 -10.37
N PRO A 85 20.25 -2.77 -10.94
CA PRO A 85 21.62 -2.46 -10.58
C PRO A 85 21.68 -1.67 -9.29
N GLY A 86 21.86 -2.37 -8.17
CA GLY A 86 21.89 -1.71 -6.89
C GLY A 86 22.07 -2.67 -5.74
N PHE A 87 23.31 -3.09 -5.51
CA PHE A 87 23.63 -3.97 -4.41
C PHE A 87 23.69 -3.18 -3.11
N ARG A 88 23.49 -3.86 -1.99
CA ARG A 88 23.53 -3.21 -0.69
C ARG A 88 24.77 -3.62 0.09
N ARG A 89 25.79 -2.78 0.06
CA ARG A 89 27.01 -3.00 0.81
C ARG A 89 27.45 -1.71 1.47
N ARG A 90 27.88 -1.80 2.72
CA ARG A 90 28.38 -0.65 3.46
C ARG A 90 28.99 -1.12 4.77
N HIS A 91 30.01 -0.44 5.22
CA HIS A 91 30.65 -0.77 6.49
C HIS A 91 30.37 0.32 7.51
N ARG A 92 29.66 -0.04 8.57
CA ARG A 92 29.33 0.90 9.62
C ARG A 92 30.51 1.08 10.56
N PHE A 93 30.82 2.33 10.85
CA PHE A 93 31.98 2.67 11.68
C PHE A 93 31.65 2.48 13.16
N GLY A 94 32.68 2.29 13.97
CA GLY A 94 32.47 2.09 15.39
C GLY A 94 33.74 2.31 16.18
N LYS A 95 33.62 2.23 17.50
CA LYS A 95 34.77 2.39 18.38
C LYS A 95 35.76 1.26 18.21
N ARG A 96 37.03 1.57 18.38
CA ARG A 96 38.08 0.55 18.36
C ARG A 96 38.18 -0.13 19.72
N ALA A 97 38.58 -1.39 19.73
CA ALA A 97 38.80 -2.10 20.97
C ALA A 97 40.12 -1.68 21.61
N LEU A 98 40.04 -0.86 22.65
CA LEU A 98 41.24 -0.40 23.34
C LEU A 98 41.55 -1.30 24.52
N GLU A 99 42.85 -1.57 24.71
CA GLU A 99 43.33 -2.43 25.79
C GLU A 99 42.80 -3.86 25.62
N HIS A 100 43.60 -4.70 24.99
CA HIS A 100 43.22 -6.09 24.79
C HIS A 100 43.61 -6.92 26.00
N HIS A 101 42.83 -7.94 26.29
CA HIS A 101 43.04 -8.76 27.47
C HIS A 101 44.06 -9.85 27.21
N HIS A 102 45.11 -9.87 28.00
CA HIS A 102 46.15 -10.88 27.88
C HIS A 102 45.87 -12.05 28.83
N HIS A 103 45.13 -11.76 29.89
CA HIS A 103 44.71 -12.77 30.87
C HIS A 103 45.91 -13.43 31.55
N HIS A 104 45.65 -14.51 32.26
CA HIS A 104 46.69 -15.21 32.99
C HIS A 104 46.63 -16.70 32.69
N HIS A 105 47.37 -17.50 33.46
CA HIS A 105 47.36 -18.95 33.31
C HIS A 105 47.11 -19.62 34.65
#